data_1ALY
# 
_entry.id   1ALY 
# 
_audit_conform.dict_name       mmcif_pdbx.dic 
_audit_conform.dict_version    5.399 
_audit_conform.dict_location   http://mmcif.pdb.org/dictionaries/ascii/mmcif_pdbx.dic 
# 
loop_
_database_2.database_id 
_database_2.database_code 
_database_2.pdbx_database_accession 
_database_2.pdbx_DOI 
PDB   1ALY         pdb_00001aly 10.2210/pdb1aly/pdb 
WWPDB D_1000170981 ?            ?                   
# 
loop_
_pdbx_audit_revision_history.ordinal 
_pdbx_audit_revision_history.data_content_type 
_pdbx_audit_revision_history.major_revision 
_pdbx_audit_revision_history.minor_revision 
_pdbx_audit_revision_history.revision_date 
1 'Structure model' 1 0 1997-09-17 
2 'Structure model' 1 1 2008-03-24 
3 'Structure model' 1 2 2011-07-13 
4 'Structure model' 1 3 2024-04-03 
5 'Structure model' 1 4 2024-11-20 
# 
_pdbx_audit_revision_details.ordinal             1 
_pdbx_audit_revision_details.revision_ordinal    1 
_pdbx_audit_revision_details.data_content_type   'Structure model' 
_pdbx_audit_revision_details.provider            repository 
_pdbx_audit_revision_details.type                'Initial release' 
_pdbx_audit_revision_details.description         ? 
_pdbx_audit_revision_details.details             ? 
# 
loop_
_pdbx_audit_revision_group.ordinal 
_pdbx_audit_revision_group.revision_ordinal 
_pdbx_audit_revision_group.data_content_type 
_pdbx_audit_revision_group.group 
1 2 'Structure model' 'Version format compliance' 
2 3 'Structure model' 'Version format compliance' 
3 4 'Structure model' 'Data collection'           
4 4 'Structure model' 'Database references'       
5 4 'Structure model' 'Refinement description'    
6 5 'Structure model' 'Structure summary'         
# 
loop_
_pdbx_audit_revision_category.ordinal 
_pdbx_audit_revision_category.revision_ordinal 
_pdbx_audit_revision_category.data_content_type 
_pdbx_audit_revision_category.category 
1 4 'Structure model' chem_comp_atom                
2 4 'Structure model' chem_comp_bond                
3 4 'Structure model' database_2                    
4 4 'Structure model' pdbx_initial_refinement_model 
5 5 'Structure model' pdbx_entry_details            
6 5 'Structure model' pdbx_modification_feature     
# 
loop_
_pdbx_audit_revision_item.ordinal 
_pdbx_audit_revision_item.revision_ordinal 
_pdbx_audit_revision_item.data_content_type 
_pdbx_audit_revision_item.item 
1 4 'Structure model' '_database_2.pdbx_DOI'                
2 4 'Structure model' '_database_2.pdbx_database_accession' 
# 
_pdbx_database_status.status_code                     REL 
_pdbx_database_status.entry_id                        1ALY 
_pdbx_database_status.recvd_initial_deposition_date   1997-06-05 
_pdbx_database_status.deposit_site                    ? 
_pdbx_database_status.process_site                    BNL 
_pdbx_database_status.SG_entry                        . 
_pdbx_database_status.pdb_format_compatible           Y 
_pdbx_database_status.status_code_mr                  ? 
_pdbx_database_status.status_code_sf                  ? 
_pdbx_database_status.status_code_cs                  ? 
_pdbx_database_status.status_code_nmr_data            ? 
_pdbx_database_status.methods_development_category    ? 
# 
loop_
_audit_author.name 
_audit_author.pdbx_ordinal 
'Karpusas, M.' 1 
'Hsu, Y.M.'    2 
'Thomas, D.'   3 
# 
loop_
_citation.id 
_citation.title 
_citation.journal_abbrev 
_citation.journal_volume 
_citation.page_first 
_citation.page_last 
_citation.year 
_citation.journal_id_ASTM 
_citation.country 
_citation.journal_id_ISSN 
_citation.journal_id_CSD 
_citation.book_publisher 
_citation.pdbx_database_id_PubMed 
_citation.pdbx_database_id_DOI 
primary '2 A crystal structure of an extracellular fragment of human CD40 ligand.'         Structure 3 1031 1039 1995 STRUE6 UK 
0969-2126 2005 ? 8589998 '10.1016/S0969-2126(01)00239-8' 
1       'Erratum. 2 A Crystal Structure of an Extracellular Fragment of Human Cd40 Ligand' Structure 3 1426 ?    1995 STRUE6 UK 
0969-2126 2005 ? ?       ?                               
# 
loop_
_citation_author.citation_id 
_citation_author.name 
_citation_author.ordinal 
_citation_author.identifier_ORCID 
primary 'Karpusas, M.' 1  ? 
primary 'Hsu, Y.M.'    2  ? 
primary 'Wang, J.H.'   3  ? 
primary 'Thompson, J.' 4  ? 
primary 'Lederman, S.' 5  ? 
primary 'Chess, L.'    6  ? 
primary 'Thomas, D.'   7  ? 
1       'Karpusas, M.' 8  ? 
1       'Hsu, Y.M.'    9  ? 
1       'Wang, J.H.'   10 ? 
1       'Thompson, J.' 11 ? 
1       'Lederman, S.' 12 ? 
1       'Chess, L.'    13 ? 
1       'Thomas, D.'   14 ? 
# 
loop_
_entity.id 
_entity.type 
_entity.src_method 
_entity.pdbx_description 
_entity.formula_weight 
_entity.pdbx_number_of_molecules 
_entity.pdbx_ec 
_entity.pdbx_mutation 
_entity.pdbx_fragment 
_entity.details 
1 polymer man 'CD40 LIGAND' 15812.817 1  ? ? 'EXTRACELLULAR DOMAIN FRAGMENT' ? 
2 water   nat water         18.015    64 ? ? ?                               ? 
# 
_entity_poly.entity_id                      1 
_entity_poly.type                           'polypeptide(L)' 
_entity_poly.nstd_linkage                   no 
_entity_poly.nstd_monomer                   no 
_entity_poly.pdbx_seq_one_letter_code       
;GDQNPQIAAHVISEASSKTTSVLQWAEKGYYTMSNNLVTLENGKQLTVKRQGLYYIYAQVTFCSNREASSQAPFIASLCL
KSPGRFERILLRAANTHSSAKPCGQQSIHLGGVFELQPGASVFVNVTDPSQVSHGTGFTSFGLLKL
;
_entity_poly.pdbx_seq_one_letter_code_can   
;GDQNPQIAAHVISEASSKTTSVLQWAEKGYYTMSNNLVTLENGKQLTVKRQGLYYIYAQVTFCSNREASSQAPFIASLCL
KSPGRFERILLRAANTHSSAKPCGQQSIHLGGVFELQPGASVFVNVTDPSQVSHGTGFTSFGLLKL
;
_entity_poly.pdbx_strand_id                 A 
_entity_poly.pdbx_target_identifier         ? 
# 
_pdbx_entity_nonpoly.entity_id   2 
_pdbx_entity_nonpoly.name        water 
_pdbx_entity_nonpoly.comp_id     HOH 
# 
loop_
_entity_poly_seq.entity_id 
_entity_poly_seq.num 
_entity_poly_seq.mon_id 
_entity_poly_seq.hetero 
1 1   GLY n 
1 2   ASP n 
1 3   GLN n 
1 4   ASN n 
1 5   PRO n 
1 6   GLN n 
1 7   ILE n 
1 8   ALA n 
1 9   ALA n 
1 10  HIS n 
1 11  VAL n 
1 12  ILE n 
1 13  SER n 
1 14  GLU n 
1 15  ALA n 
1 16  SER n 
1 17  SER n 
1 18  LYS n 
1 19  THR n 
1 20  THR n 
1 21  SER n 
1 22  VAL n 
1 23  LEU n 
1 24  GLN n 
1 25  TRP n 
1 26  ALA n 
1 27  GLU n 
1 28  LYS n 
1 29  GLY n 
1 30  TYR n 
1 31  TYR n 
1 32  THR n 
1 33  MET n 
1 34  SER n 
1 35  ASN n 
1 36  ASN n 
1 37  LEU n 
1 38  VAL n 
1 39  THR n 
1 40  LEU n 
1 41  GLU n 
1 42  ASN n 
1 43  GLY n 
1 44  LYS n 
1 45  GLN n 
1 46  LEU n 
1 47  THR n 
1 48  VAL n 
1 49  LYS n 
1 50  ARG n 
1 51  GLN n 
1 52  GLY n 
1 53  LEU n 
1 54  TYR n 
1 55  TYR n 
1 56  ILE n 
1 57  TYR n 
1 58  ALA n 
1 59  GLN n 
1 60  VAL n 
1 61  THR n 
1 62  PHE n 
1 63  CYS n 
1 64  SER n 
1 65  ASN n 
1 66  ARG n 
1 67  GLU n 
1 68  ALA n 
1 69  SER n 
1 70  SER n 
1 71  GLN n 
1 72  ALA n 
1 73  PRO n 
1 74  PHE n 
1 75  ILE n 
1 76  ALA n 
1 77  SER n 
1 78  LEU n 
1 79  CYS n 
1 80  LEU n 
1 81  LYS n 
1 82  SER n 
1 83  PRO n 
1 84  GLY n 
1 85  ARG n 
1 86  PHE n 
1 87  GLU n 
1 88  ARG n 
1 89  ILE n 
1 90  LEU n 
1 91  LEU n 
1 92  ARG n 
1 93  ALA n 
1 94  ALA n 
1 95  ASN n 
1 96  THR n 
1 97  HIS n 
1 98  SER n 
1 99  SER n 
1 100 ALA n 
1 101 LYS n 
1 102 PRO n 
1 103 CYS n 
1 104 GLY n 
1 105 GLN n 
1 106 GLN n 
1 107 SER n 
1 108 ILE n 
1 109 HIS n 
1 110 LEU n 
1 111 GLY n 
1 112 GLY n 
1 113 VAL n 
1 114 PHE n 
1 115 GLU n 
1 116 LEU n 
1 117 GLN n 
1 118 PRO n 
1 119 GLY n 
1 120 ALA n 
1 121 SER n 
1 122 VAL n 
1 123 PHE n 
1 124 VAL n 
1 125 ASN n 
1 126 VAL n 
1 127 THR n 
1 128 ASP n 
1 129 PRO n 
1 130 SER n 
1 131 GLN n 
1 132 VAL n 
1 133 SER n 
1 134 HIS n 
1 135 GLY n 
1 136 THR n 
1 137 GLY n 
1 138 PHE n 
1 139 THR n 
1 140 SER n 
1 141 PHE n 
1 142 GLY n 
1 143 LEU n 
1 144 LEU n 
1 145 LYS n 
1 146 LEU n 
# 
_entity_src_gen.entity_id                          1 
_entity_src_gen.pdbx_src_id                        1 
_entity_src_gen.pdbx_alt_source_flag               sample 
_entity_src_gen.pdbx_seq_type                      ? 
_entity_src_gen.pdbx_beg_seq_num                   ? 
_entity_src_gen.pdbx_end_seq_num                   ? 
_entity_src_gen.gene_src_common_name               human 
_entity_src_gen.gene_src_genus                     Homo 
_entity_src_gen.pdbx_gene_src_gene                 ? 
_entity_src_gen.gene_src_species                   ? 
_entity_src_gen.gene_src_strain                    ? 
_entity_src_gen.gene_src_tissue                    BLOOD 
_entity_src_gen.gene_src_tissue_fraction           ? 
_entity_src_gen.gene_src_details                   ? 
_entity_src_gen.pdbx_gene_src_fragment             ? 
_entity_src_gen.pdbx_gene_src_scientific_name      'Homo sapiens' 
_entity_src_gen.pdbx_gene_src_ncbi_taxonomy_id     9606 
_entity_src_gen.pdbx_gene_src_variant              ? 
_entity_src_gen.pdbx_gene_src_cell_line            'PICHIA PASTORIS' 
_entity_src_gen.pdbx_gene_src_atcc                 ? 
_entity_src_gen.pdbx_gene_src_organ                ? 
_entity_src_gen.pdbx_gene_src_organelle            ? 
_entity_src_gen.pdbx_gene_src_cell                 T-LYMPHOCYTE 
_entity_src_gen.pdbx_gene_src_cellular_location    MEMBRANE 
_entity_src_gen.host_org_common_name               ? 
_entity_src_gen.pdbx_host_org_scientific_name      'Pichia pastoris' 
_entity_src_gen.pdbx_host_org_ncbi_taxonomy_id     4922 
_entity_src_gen.host_org_genus                     Pichia 
_entity_src_gen.pdbx_host_org_gene                 ? 
_entity_src_gen.pdbx_host_org_organ                ? 
_entity_src_gen.host_org_species                   ? 
_entity_src_gen.pdbx_host_org_tissue               ? 
_entity_src_gen.pdbx_host_org_tissue_fraction      ? 
_entity_src_gen.pdbx_host_org_strain               ? 
_entity_src_gen.pdbx_host_org_variant              ? 
_entity_src_gen.pdbx_host_org_cell_line            ? 
_entity_src_gen.pdbx_host_org_atcc                 ? 
_entity_src_gen.pdbx_host_org_culture_collection   ? 
_entity_src_gen.pdbx_host_org_cell                 ? 
_entity_src_gen.pdbx_host_org_organelle            ? 
_entity_src_gen.pdbx_host_org_cellular_location    ? 
_entity_src_gen.pdbx_host_org_vector_type          ? 
_entity_src_gen.pdbx_host_org_vector               ? 
_entity_src_gen.host_org_details                   ? 
_entity_src_gen.expression_system_id               ? 
_entity_src_gen.plasmid_name                       ? 
_entity_src_gen.plasmid_details                    ? 
_entity_src_gen.pdbx_description                   ? 
# 
loop_
_chem_comp.id 
_chem_comp.type 
_chem_comp.mon_nstd_flag 
_chem_comp.name 
_chem_comp.pdbx_synonyms 
_chem_comp.formula 
_chem_comp.formula_weight 
ALA 'L-peptide linking' y ALANINE         ? 'C3 H7 N O2'     89.093  
ARG 'L-peptide linking' y ARGININE        ? 'C6 H15 N4 O2 1' 175.209 
ASN 'L-peptide linking' y ASPARAGINE      ? 'C4 H8 N2 O3'    132.118 
ASP 'L-peptide linking' y 'ASPARTIC ACID' ? 'C4 H7 N O4'     133.103 
CYS 'L-peptide linking' y CYSTEINE        ? 'C3 H7 N O2 S'   121.158 
GLN 'L-peptide linking' y GLUTAMINE       ? 'C5 H10 N2 O3'   146.144 
GLU 'L-peptide linking' y 'GLUTAMIC ACID' ? 'C5 H9 N O4'     147.129 
GLY 'peptide linking'   y GLYCINE         ? 'C2 H5 N O2'     75.067  
HIS 'L-peptide linking' y HISTIDINE       ? 'C6 H10 N3 O2 1' 156.162 
HOH non-polymer         . WATER           ? 'H2 O'           18.015  
ILE 'L-peptide linking' y ISOLEUCINE      ? 'C6 H13 N O2'    131.173 
LEU 'L-peptide linking' y LEUCINE         ? 'C6 H13 N O2'    131.173 
LYS 'L-peptide linking' y LYSINE          ? 'C6 H15 N2 O2 1' 147.195 
MET 'L-peptide linking' y METHIONINE      ? 'C5 H11 N O2 S'  149.211 
PHE 'L-peptide linking' y PHENYLALANINE   ? 'C9 H11 N O2'    165.189 
PRO 'L-peptide linking' y PROLINE         ? 'C5 H9 N O2'     115.130 
SER 'L-peptide linking' y SERINE          ? 'C3 H7 N O3'     105.093 
THR 'L-peptide linking' y THREONINE       ? 'C4 H9 N O3'     119.119 
TRP 'L-peptide linking' y TRYPTOPHAN      ? 'C11 H12 N2 O2'  204.225 
TYR 'L-peptide linking' y TYROSINE        ? 'C9 H11 N O3'    181.189 
VAL 'L-peptide linking' y VALINE          ? 'C5 H11 N O2'    117.146 
# 
loop_
_pdbx_poly_seq_scheme.asym_id 
_pdbx_poly_seq_scheme.entity_id 
_pdbx_poly_seq_scheme.seq_id 
_pdbx_poly_seq_scheme.mon_id 
_pdbx_poly_seq_scheme.ndb_seq_num 
_pdbx_poly_seq_scheme.pdb_seq_num 
_pdbx_poly_seq_scheme.auth_seq_num 
_pdbx_poly_seq_scheme.pdb_mon_id 
_pdbx_poly_seq_scheme.auth_mon_id 
_pdbx_poly_seq_scheme.pdb_strand_id 
_pdbx_poly_seq_scheme.pdb_ins_code 
_pdbx_poly_seq_scheme.hetero 
A 1 1   GLY 1   116 116 GLY GLY A . n 
A 1 2   ASP 2   117 117 ASP ASP A . n 
A 1 3   GLN 3   118 118 GLN GLN A . n 
A 1 4   ASN 4   119 119 ASN ASN A . n 
A 1 5   PRO 5   120 120 PRO PRO A . n 
A 1 6   GLN 6   121 121 GLN GLN A . n 
A 1 7   ILE 7   122 122 ILE ILE A . n 
A 1 8   ALA 8   123 123 ALA ALA A . n 
A 1 9   ALA 9   124 124 ALA ALA A . n 
A 1 10  HIS 10  125 125 HIS HIS A . n 
A 1 11  VAL 11  126 126 VAL VAL A . n 
A 1 12  ILE 12  127 127 ILE ILE A . n 
A 1 13  SER 13  128 128 SER SER A . n 
A 1 14  GLU 14  129 129 GLU GLU A . n 
A 1 15  ALA 15  130 130 ALA ALA A . n 
A 1 16  SER 16  131 131 SER SER A . n 
A 1 17  SER 17  132 132 SER SER A . n 
A 1 18  LYS 18  133 133 LYS LYS A . n 
A 1 19  THR 19  134 134 THR THR A . n 
A 1 20  THR 20  135 135 THR THR A . n 
A 1 21  SER 21  136 136 SER SER A . n 
A 1 22  VAL 22  137 137 VAL VAL A . n 
A 1 23  LEU 23  138 138 LEU LEU A . n 
A 1 24  GLN 24  139 139 GLN GLN A . n 
A 1 25  TRP 25  140 140 TRP TRP A . n 
A 1 26  ALA 26  141 141 ALA ALA A . n 
A 1 27  GLU 27  142 142 GLU GLU A . n 
A 1 28  LYS 28  143 143 LYS LYS A . n 
A 1 29  GLY 29  144 144 GLY GLY A . n 
A 1 30  TYR 30  145 145 TYR TYR A . n 
A 1 31  TYR 31  146 146 TYR TYR A . n 
A 1 32  THR 32  147 147 THR THR A . n 
A 1 33  MET 33  148 148 MET MET A . n 
A 1 34  SER 34  149 149 SER SER A . n 
A 1 35  ASN 35  150 150 ASN ASN A . n 
A 1 36  ASN 36  151 151 ASN ASN A . n 
A 1 37  LEU 37  152 152 LEU LEU A . n 
A 1 38  VAL 38  153 153 VAL VAL A . n 
A 1 39  THR 39  154 154 THR THR A . n 
A 1 40  LEU 40  155 155 LEU LEU A . n 
A 1 41  GLU 41  156 156 GLU GLU A . n 
A 1 42  ASN 42  157 157 ASN ASN A . n 
A 1 43  GLY 43  158 158 GLY GLY A . n 
A 1 44  LYS 44  159 159 LYS LYS A . n 
A 1 45  GLN 45  160 160 GLN GLN A . n 
A 1 46  LEU 46  161 161 LEU LEU A . n 
A 1 47  THR 47  162 162 THR THR A . n 
A 1 48  VAL 48  163 163 VAL VAL A . n 
A 1 49  LYS 49  164 164 LYS LYS A . n 
A 1 50  ARG 50  165 165 ARG ARG A . n 
A 1 51  GLN 51  166 166 GLN GLN A . n 
A 1 52  GLY 52  167 167 GLY GLY A . n 
A 1 53  LEU 53  168 168 LEU LEU A . n 
A 1 54  TYR 54  169 169 TYR TYR A . n 
A 1 55  TYR 55  170 170 TYR TYR A . n 
A 1 56  ILE 56  171 171 ILE ILE A . n 
A 1 57  TYR 57  172 172 TYR TYR A . n 
A 1 58  ALA 58  173 173 ALA ALA A . n 
A 1 59  GLN 59  174 174 GLN GLN A . n 
A 1 60  VAL 60  175 175 VAL VAL A . n 
A 1 61  THR 61  176 176 THR THR A . n 
A 1 62  PHE 62  177 177 PHE PHE A . n 
A 1 63  CYS 63  178 178 CYS CYS A . n 
A 1 64  SER 64  179 179 SER SER A . n 
A 1 65  ASN 65  180 180 ASN ASN A . n 
A 1 66  ARG 66  181 181 ARG ARG A . n 
A 1 67  GLU 67  182 182 GLU GLU A . n 
A 1 68  ALA 68  183 183 ALA ALA A . n 
A 1 69  SER 69  184 184 SER SER A . n 
A 1 70  SER 70  185 185 SER SER A . n 
A 1 71  GLN 71  186 186 GLN GLN A . n 
A 1 72  ALA 72  187 187 ALA ALA A . n 
A 1 73  PRO 73  188 188 PRO PRO A . n 
A 1 74  PHE 74  189 189 PHE PHE A . n 
A 1 75  ILE 75  190 190 ILE ILE A . n 
A 1 76  ALA 76  191 191 ALA ALA A . n 
A 1 77  SER 77  192 192 SER SER A . n 
A 1 78  LEU 78  193 193 LEU LEU A . n 
A 1 79  CYS 79  194 194 CYS CYS A . n 
A 1 80  LEU 80  195 195 LEU LEU A . n 
A 1 81  LYS 81  196 196 LYS LYS A . n 
A 1 82  SER 82  197 197 SER SER A . n 
A 1 83  PRO 83  198 198 PRO PRO A . n 
A 1 84  GLY 84  199 199 GLY GLY A . n 
A 1 85  ARG 85  200 200 ARG ARG A . n 
A 1 86  PHE 86  201 201 PHE PHE A . n 
A 1 87  GLU 87  202 202 GLU GLU A . n 
A 1 88  ARG 88  203 203 ARG ARG A . n 
A 1 89  ILE 89  204 204 ILE ILE A . n 
A 1 90  LEU 90  205 205 LEU LEU A . n 
A 1 91  LEU 91  206 206 LEU LEU A . n 
A 1 92  ARG 92  207 207 ARG ARG A . n 
A 1 93  ALA 93  208 208 ALA ALA A . n 
A 1 94  ALA 94  209 209 ALA ALA A . n 
A 1 95  ASN 95  210 210 ASN ASN A . n 
A 1 96  THR 96  211 211 THR THR A . n 
A 1 97  HIS 97  212 212 HIS HIS A . n 
A 1 98  SER 98  213 213 SER SER A . n 
A 1 99  SER 99  214 214 SER SER A . n 
A 1 100 ALA 100 215 215 ALA ALA A . n 
A 1 101 LYS 101 216 216 LYS LYS A . n 
A 1 102 PRO 102 217 217 PRO PRO A . n 
A 1 103 CYS 103 218 218 CYS CYS A . n 
A 1 104 GLY 104 219 219 GLY GLY A . n 
A 1 105 GLN 105 220 220 GLN GLN A . n 
A 1 106 GLN 106 221 221 GLN GLN A . n 
A 1 107 SER 107 222 222 SER SER A . n 
A 1 108 ILE 108 223 223 ILE ILE A . n 
A 1 109 HIS 109 224 224 HIS HIS A . n 
A 1 110 LEU 110 225 225 LEU LEU A . n 
A 1 111 GLY 111 226 226 GLY GLY A . n 
A 1 112 GLY 112 227 227 GLY GLY A . n 
A 1 113 VAL 113 228 228 VAL VAL A . n 
A 1 114 PHE 114 229 229 PHE PHE A . n 
A 1 115 GLU 115 230 230 GLU GLU A . n 
A 1 116 LEU 116 231 231 LEU LEU A . n 
A 1 117 GLN 117 232 232 GLN GLN A . n 
A 1 118 PRO 118 233 233 PRO PRO A . n 
A 1 119 GLY 119 234 234 GLY GLY A . n 
A 1 120 ALA 120 235 235 ALA ALA A . n 
A 1 121 SER 121 236 236 SER SER A . n 
A 1 122 VAL 122 237 237 VAL VAL A . n 
A 1 123 PHE 123 238 238 PHE PHE A . n 
A 1 124 VAL 124 239 239 VAL VAL A . n 
A 1 125 ASN 125 240 240 ASN ASN A . n 
A 1 126 VAL 126 241 241 VAL VAL A . n 
A 1 127 THR 127 242 242 THR THR A . n 
A 1 128 ASP 128 243 243 ASP ASP A . n 
A 1 129 PRO 129 244 244 PRO PRO A . n 
A 1 130 SER 130 245 245 SER SER A . n 
A 1 131 GLN 131 246 246 GLN GLN A . n 
A 1 132 VAL 132 247 247 VAL VAL A . n 
A 1 133 SER 133 248 248 SER SER A . n 
A 1 134 HIS 134 249 249 HIS HIS A . n 
A 1 135 GLY 135 250 250 GLY GLY A . n 
A 1 136 THR 136 251 251 THR THR A . n 
A 1 137 GLY 137 252 252 GLY GLY A . n 
A 1 138 PHE 138 253 253 PHE PHE A . n 
A 1 139 THR 139 254 254 THR THR A . n 
A 1 140 SER 140 255 255 SER SER A . n 
A 1 141 PHE 141 256 256 PHE PHE A . n 
A 1 142 GLY 142 257 257 GLY GLY A . n 
A 1 143 LEU 143 258 258 LEU LEU A . n 
A 1 144 LEU 144 259 259 LEU LEU A . n 
A 1 145 LYS 145 260 260 LYS LYS A . n 
A 1 146 LEU 146 261 261 LEU LEU A . n 
# 
loop_
_pdbx_nonpoly_scheme.asym_id 
_pdbx_nonpoly_scheme.entity_id 
_pdbx_nonpoly_scheme.mon_id 
_pdbx_nonpoly_scheme.ndb_seq_num 
_pdbx_nonpoly_scheme.pdb_seq_num 
_pdbx_nonpoly_scheme.auth_seq_num 
_pdbx_nonpoly_scheme.pdb_mon_id 
_pdbx_nonpoly_scheme.auth_mon_id 
_pdbx_nonpoly_scheme.pdb_strand_id 
_pdbx_nonpoly_scheme.pdb_ins_code 
B 2 HOH 1  501 501 HOH HOH A . 
B 2 HOH 2  502 502 HOH HOH A . 
B 2 HOH 3  503 503 HOH HOH A . 
B 2 HOH 4  504 504 HOH HOH A . 
B 2 HOH 5  505 505 HOH HOH A . 
B 2 HOH 6  506 506 HOH HOH A . 
B 2 HOH 7  507 507 HOH HOH A . 
B 2 HOH 8  508 508 HOH HOH A . 
B 2 HOH 9  509 509 HOH HOH A . 
B 2 HOH 10 510 510 HOH HOH A . 
B 2 HOH 11 511 511 HOH HOH A . 
B 2 HOH 12 512 512 HOH HOH A . 
B 2 HOH 13 513 513 HOH HOH A . 
B 2 HOH 14 514 514 HOH HOH A . 
B 2 HOH 15 515 515 HOH HOH A . 
B 2 HOH 16 516 516 HOH HOH A . 
B 2 HOH 17 517 517 HOH HOH A . 
B 2 HOH 18 518 518 HOH HOH A . 
B 2 HOH 19 519 519 HOH HOH A . 
B 2 HOH 20 520 520 HOH HOH A . 
B 2 HOH 21 521 521 HOH HOH A . 
B 2 HOH 22 522 522 HOH HOH A . 
B 2 HOH 23 523 523 HOH HOH A . 
B 2 HOH 24 524 524 HOH HOH A . 
B 2 HOH 25 525 525 HOH HOH A . 
B 2 HOH 26 526 526 HOH HOH A . 
B 2 HOH 27 527 527 HOH HOH A . 
B 2 HOH 28 528 528 HOH HOH A . 
B 2 HOH 29 529 529 HOH HOH A . 
B 2 HOH 30 530 530 HOH HOH A . 
B 2 HOH 31 531 531 HOH HOH A . 
B 2 HOH 32 532 532 HOH HOH A . 
B 2 HOH 33 533 533 HOH HOH A . 
B 2 HOH 34 534 534 HOH HOH A . 
B 2 HOH 35 536 536 HOH HOH A . 
B 2 HOH 36 537 537 HOH HOH A . 
B 2 HOH 37 538 538 HOH HOH A . 
B 2 HOH 38 539 539 HOH HOH A . 
B 2 HOH 39 540 540 HOH HOH A . 
B 2 HOH 40 541 541 HOH HOH A . 
B 2 HOH 41 542 542 HOH HOH A . 
B 2 HOH 42 543 543 HOH HOH A . 
B 2 HOH 43 544 544 HOH HOH A . 
B 2 HOH 44 545 545 HOH HOH A . 
B 2 HOH 45 546 546 HOH HOH A . 
B 2 HOH 46 547 547 HOH HOH A . 
B 2 HOH 47 548 548 HOH HOH A . 
B 2 HOH 48 549 549 HOH HOH A . 
B 2 HOH 49 550 550 HOH HOH A . 
B 2 HOH 50 551 551 HOH HOH A . 
B 2 HOH 51 552 552 HOH HOH A . 
B 2 HOH 52 553 553 HOH HOH A . 
B 2 HOH 53 554 554 HOH HOH A . 
B 2 HOH 54 555 555 HOH HOH A . 
B 2 HOH 55 556 556 HOH HOH A . 
B 2 HOH 56 557 557 HOH HOH A . 
B 2 HOH 57 558 558 HOH HOH A . 
B 2 HOH 58 559 559 HOH HOH A . 
B 2 HOH 59 560 560 HOH HOH A . 
B 2 HOH 60 561 561 HOH HOH A . 
B 2 HOH 61 562 562 HOH HOH A . 
B 2 HOH 62 563 563 HOH HOH A . 
B 2 HOH 63 564 564 HOH HOH A . 
B 2 HOH 64 565 565 HOH HOH A . 
# 
loop_
_software.name 
_software.classification 
_software.version 
_software.citation_id 
_software.pdbx_ordinal 
XDS    'data scaling'   .   ? 1 
BUDDHA 'data reduction' .   ? 2 
X-PLOR 'model building' 3.1 ? 3 
X-PLOR refinement       3.1 ? 4 
XDS    'data reduction' .   ? 5 
BUDDHA 'data scaling'   .   ? 6 
X-PLOR phasing          3.1 ? 7 
# 
_cell.entry_id           1ALY 
_cell.length_a           77.170 
_cell.length_b           77.170 
_cell.length_c           90.460 
_cell.angle_alpha        90.00 
_cell.angle_beta         90.00 
_cell.angle_gamma        120.00 
_cell.Z_PDB              9 
_cell.pdbx_unique_axis   ? 
# 
_symmetry.entry_id                         1ALY 
_symmetry.space_group_name_H-M             'H 3' 
_symmetry.pdbx_full_space_group_name_H-M   ? 
_symmetry.cell_setting                     ? 
_symmetry.Int_Tables_number                146 
# 
_exptl.entry_id          1ALY 
_exptl.method            'X-RAY DIFFRACTION' 
_exptl.crystals_number   1 
# 
_exptl_crystal.id                    1 
_exptl_crystal.density_meas          ? 
_exptl_crystal.density_Matthews      2.97 
_exptl_crystal.density_percent_sol   62.46 
_exptl_crystal.description           ? 
# 
_exptl_crystal_grow.crystal_id      1 
_exptl_crystal_grow.method          ? 
_exptl_crystal_grow.temp            ? 
_exptl_crystal_grow.temp_details    ? 
_exptl_crystal_grow.pH              7.5 
_exptl_crystal_grow.pdbx_pH_range   ? 
_exptl_crystal_grow.pdbx_details    'PROTEIN WAS CRYSTALLIZED FROM 1.4 M NA CITRATE, 50 MM HEPES PH 7.5' 
# 
_diffrn.id                     1 
_diffrn.ambient_temp           123 
_diffrn.ambient_temp_details   ? 
_diffrn.crystal_id             1 
# 
_diffrn_detector.diffrn_id              1 
_diffrn_detector.detector               'AREA DETECTOR' 
_diffrn_detector.type                   SIEMENS 
_diffrn_detector.pdbx_collection_date   1994-01-11 
_diffrn_detector.details                MIRRORS 
# 
_diffrn_radiation.diffrn_id                        1 
_diffrn_radiation.wavelength_id                    1 
_diffrn_radiation.pdbx_monochromatic_or_laue_m_l   M 
_diffrn_radiation.monochromator                    'GRAPHITE(002)' 
_diffrn_radiation.pdbx_diffrn_protocol             ? 
_diffrn_radiation.pdbx_scattering_type             x-ray 
# 
_diffrn_radiation_wavelength.id           1 
_diffrn_radiation_wavelength.wavelength   1.5418 
_diffrn_radiation_wavelength.wt           1.0 
# 
_diffrn_source.diffrn_id                   1 
_diffrn_source.source                      ? 
_diffrn_source.type                        ? 
_diffrn_source.pdbx_synchrotron_site       ? 
_diffrn_source.pdbx_synchrotron_beamline   ? 
_diffrn_source.pdbx_wavelength             1.5418 
_diffrn_source.pdbx_wavelength_list        ? 
# 
_reflns.entry_id                     1ALY 
_reflns.observed_criterion_sigma_I   2. 
_reflns.observed_criterion_sigma_F   ? 
_reflns.d_resolution_low             100. 
_reflns.d_resolution_high            1.75 
_reflns.number_obs                   42587 
_reflns.number_all                   ? 
_reflns.percent_possible_obs         77.1 
_reflns.pdbx_Rmerge_I_obs            0.067 
_reflns.pdbx_Rsym_value              0.056 
_reflns.pdbx_netI_over_sigmaI        6.5 
_reflns.B_iso_Wilson_estimate        ? 
_reflns.pdbx_redundancy              2.71 
_reflns.pdbx_diffrn_id               1 
_reflns.pdbx_ordinal                 1 
# 
_reflns_shell.d_res_high             1.75 
_reflns_shell.d_res_low              1.84 
_reflns_shell.percent_possible_all   46.1 
_reflns_shell.Rmerge_I_obs           0.056 
_reflns_shell.pdbx_Rsym_value        0.15 
_reflns_shell.meanI_over_sigI_obs    3.9 
_reflns_shell.pdbx_redundancy        1.2 
_reflns_shell.pdbx_diffrn_id         ? 
_reflns_shell.pdbx_ordinal           1 
# 
_refine.entry_id                                 1ALY 
_refine.ls_number_reflns_obs                     10990 
_refine.ls_number_reflns_all                     ? 
_refine.pdbx_ls_sigma_I                          ? 
_refine.pdbx_ls_sigma_F                          2.0 
_refine.pdbx_data_cutoff_high_absF               10000000000.0 
_refine.pdbx_data_cutoff_low_absF                0.001 
_refine.pdbx_data_cutoff_high_rms_absF           ? 
_refine.ls_d_res_low                             7.5 
_refine.ls_d_res_high                            2.00 
_refine.ls_percent_reflns_obs                    82.3 
_refine.ls_R_factor_obs                          0.223 
_refine.ls_R_factor_all                          ? 
_refine.ls_R_factor_R_work                       0.223 
_refine.ls_R_factor_R_free                       0.295 
_refine.ls_R_factor_R_free_error                 0.0002 
_refine.ls_R_factor_R_free_error_details         ? 
_refine.ls_percent_reflns_R_free                 10.0 
_refine.ls_number_reflns_R_free                  1099 
_refine.ls_number_parameters                     ? 
_refine.ls_number_restraints                     ? 
_refine.occupancy_min                            ? 
_refine.occupancy_max                            ? 
_refine.B_iso_mean                               ? 
_refine.aniso_B[1][1]                            ? 
_refine.aniso_B[2][2]                            ? 
_refine.aniso_B[3][3]                            ? 
_refine.aniso_B[1][2]                            ? 
_refine.aniso_B[1][3]                            ? 
_refine.aniso_B[2][3]                            ? 
_refine.solvent_model_details                    ? 
_refine.solvent_model_param_ksol                 ? 
_refine.solvent_model_param_bsol                 ? 
_refine.pdbx_ls_cross_valid_method               THROUGHOUT 
_refine.details                                  ? 
_refine.pdbx_starting_model                      'PDB ENTRY 1CDA' 
_refine.pdbx_method_to_determine_struct          'MOLECULAR REPLACEMENT' 
_refine.pdbx_isotropic_thermal_model             ? 
_refine.pdbx_stereochemistry_target_values       ? 
_refine.pdbx_stereochem_target_val_spec_case     ? 
_refine.pdbx_R_Free_selection_details            RANDOM 
_refine.pdbx_overall_ESU_R                       ? 
_refine.pdbx_overall_ESU_R_Free                  ? 
_refine.overall_SU_ML                            ? 
_refine.overall_SU_B                             ? 
_refine.pdbx_refine_id                           'X-RAY DIFFRACTION' 
_refine.pdbx_diffrn_id                           1 
_refine.pdbx_TLS_residual_ADP_flag               ? 
_refine.correlation_coeff_Fo_to_Fc               ? 
_refine.correlation_coeff_Fo_to_Fc_free          ? 
_refine.pdbx_solvent_vdw_probe_radii             ? 
_refine.pdbx_solvent_ion_probe_radii             ? 
_refine.pdbx_solvent_shrinkage_radii             ? 
_refine.pdbx_overall_phase_error                 ? 
_refine.overall_SU_R_Cruickshank_DPI             ? 
_refine.pdbx_overall_SU_R_free_Cruickshank_DPI   ? 
_refine.pdbx_overall_SU_R_Blow_DPI               ? 
_refine.pdbx_overall_SU_R_free_Blow_DPI          ? 
# 
_refine_hist.pdbx_refine_id                   'X-RAY DIFFRACTION' 
_refine_hist.cycle_id                         LAST 
_refine_hist.pdbx_number_atoms_protein        1374 
_refine_hist.pdbx_number_atoms_nucleic_acid   0 
_refine_hist.pdbx_number_atoms_ligand         0 
_refine_hist.number_atoms_solvent             192 
_refine_hist.number_atoms_total               1566 
_refine_hist.d_res_high                       2.00 
_refine_hist.d_res_low                        7.5 
# 
_struct.entry_id                  1ALY 
_struct.title                     'CRYSTAL STRUCTURE OF HUMAN CD40 LIGAND' 
_struct.pdbx_model_details        ? 
_struct.pdbx_CASP_flag            ? 
_struct.pdbx_model_type_details   ? 
# 
_struct_keywords.entry_id        1ALY 
_struct_keywords.pdbx_keywords   CYTOKINE 
_struct_keywords.text            'CD40L, CD40 LIGAND, CYTOKINE, TNF, HYPER-IGM SYNDROME' 
# 
loop_
_struct_asym.id 
_struct_asym.pdbx_blank_PDB_chainid_flag 
_struct_asym.pdbx_modified 
_struct_asym.entity_id 
_struct_asym.details 
A N N 1 ? 
B N N 2 ? 
# 
_struct_ref.id                         1 
_struct_ref.db_name                    UNP 
_struct_ref.db_code                    TNFL5_HUMAN 
_struct_ref.entity_id                  1 
_struct_ref.pdbx_db_accession          P29965 
_struct_ref.pdbx_align_begin           1 
_struct_ref.pdbx_seq_one_letter_code   
;MIETYNQTSPRSAATGLPISMKIFMYLLTVFLITQMIGSALFAVYLHRRLDKIEDERNLHEDFVFMKTIQRCNTGERSLS
LLNCEEIKSQFEGFVKDIMLNKEETKKENSFEMQKGDQNPQIAAHVISEASSKTTSVLQWAEKGYYTMSNNLVTLENGKQ
LTVKRQGLYYIYAQVTFCSNREASSQAPFIASLCLKSPGRFERILLRAANTHSSAKPCGQQSIHLGGVFELQPGASVFVN
VTDPSQVSHGTGFTSFGLLKL
;
_struct_ref.pdbx_db_isoform            ? 
# 
_struct_ref_seq.align_id                      1 
_struct_ref_seq.ref_id                        1 
_struct_ref_seq.pdbx_PDB_id_code              1ALY 
_struct_ref_seq.pdbx_strand_id                A 
_struct_ref_seq.seq_align_beg                 1 
_struct_ref_seq.pdbx_seq_align_beg_ins_code   ? 
_struct_ref_seq.seq_align_end                 146 
_struct_ref_seq.pdbx_seq_align_end_ins_code   ? 
_struct_ref_seq.pdbx_db_accession             P29965 
_struct_ref_seq.db_align_beg                  116 
_struct_ref_seq.pdbx_db_align_beg_ins_code    ? 
_struct_ref_seq.db_align_end                  261 
_struct_ref_seq.pdbx_db_align_end_ins_code    ? 
_struct_ref_seq.pdbx_auth_seq_align_beg       116 
_struct_ref_seq.pdbx_auth_seq_align_end       261 
# 
_pdbx_struct_assembly.id                   1 
_pdbx_struct_assembly.details              author_defined_assembly 
_pdbx_struct_assembly.method_details       ? 
_pdbx_struct_assembly.oligomeric_details   trimeric 
_pdbx_struct_assembly.oligomeric_count     3 
# 
_pdbx_struct_assembly_gen.assembly_id       1 
_pdbx_struct_assembly_gen.oper_expression   1,2,3 
_pdbx_struct_assembly_gen.asym_id_list      A,B 
# 
loop_
_pdbx_struct_oper_list.id 
_pdbx_struct_oper_list.type 
_pdbx_struct_oper_list.name 
_pdbx_struct_oper_list.symmetry_operation 
_pdbx_struct_oper_list.matrix[1][1] 
_pdbx_struct_oper_list.matrix[1][2] 
_pdbx_struct_oper_list.matrix[1][3] 
_pdbx_struct_oper_list.vector[1] 
_pdbx_struct_oper_list.matrix[2][1] 
_pdbx_struct_oper_list.matrix[2][2] 
_pdbx_struct_oper_list.matrix[2][3] 
_pdbx_struct_oper_list.vector[2] 
_pdbx_struct_oper_list.matrix[3][1] 
_pdbx_struct_oper_list.matrix[3][2] 
_pdbx_struct_oper_list.matrix[3][3] 
_pdbx_struct_oper_list.vector[3] 
1 'identity operation'         1_555 x,y,z     1.0000000000  0.0000000000  0.0000000000  0.0000000000   0.0000000000  1.0000000000 0.0000000000  0.0000000000  0.0000000000  0.0000000000  1.0000000000  0.0000000000  
2 'crystal symmetry operation' 2_555 -y,x-y,z  -0.1512779256 -0.5508063934 0.8208089341  -18.5143594717 -0.7094882214 0.6386879643 0.2978324158  -9.4655808255 -0.6882887860 -0.5372988007 -0.4874100387 7.4200878621  
3 'crystal symmetry operation' 3_555 -x+y,-x,z -0.1512779256 -0.7094882214 -0.6882887860 -4.4093687325  -0.5508063934 0.6386879643 -0.5372988007 -0.1654707080 0.8208089341  0.2978324158  -0.4874100387 21.6325337795 
# 
_struct_biol.id                    1 
_struct_biol.details               
;THE ACTIVE MOLECULE IS A TRIMER GENERATED BY APPLYING THE
THREE-FOLD SYMMETRY AROUND THE C AXIS.
;
_struct_biol.pdbx_parent_biol_id   ? 
# 
_struct_conf.conf_type_id            HELX_P 
_struct_conf.id                      HELX_P1 
_struct_conf.pdbx_PDB_helix_id       1 
_struct_conf.beg_label_comp_id       PRO 
_struct_conf.beg_label_asym_id       A 
_struct_conf.beg_label_seq_id        129 
_struct_conf.pdbx_beg_PDB_ins_code   ? 
_struct_conf.end_label_comp_id       GLN 
_struct_conf.end_label_asym_id       A 
_struct_conf.end_label_seq_id        131 
_struct_conf.pdbx_end_PDB_ins_code   ? 
_struct_conf.beg_auth_comp_id        PRO 
_struct_conf.beg_auth_asym_id        A 
_struct_conf.beg_auth_seq_id         244 
_struct_conf.end_auth_comp_id        GLN 
_struct_conf.end_auth_asym_id        A 
_struct_conf.end_auth_seq_id         246 
_struct_conf.pdbx_PDB_helix_class    5 
_struct_conf.details                 ? 
_struct_conf.pdbx_PDB_helix_length   3 
# 
_struct_conf_type.id          HELX_P 
_struct_conf_type.criteria    ? 
_struct_conf_type.reference   ? 
# 
_struct_conn.id                            disulf1 
_struct_conn.conn_type_id                  disulf 
_struct_conn.pdbx_leaving_atom_flag        ? 
_struct_conn.pdbx_PDB_id                   ? 
_struct_conn.ptnr1_label_asym_id           A 
_struct_conn.ptnr1_label_comp_id           CYS 
_struct_conn.ptnr1_label_seq_id            63 
_struct_conn.ptnr1_label_atom_id           SG 
_struct_conn.pdbx_ptnr1_label_alt_id       ? 
_struct_conn.pdbx_ptnr1_PDB_ins_code       ? 
_struct_conn.pdbx_ptnr1_standard_comp_id   ? 
_struct_conn.ptnr1_symmetry                1_555 
_struct_conn.ptnr2_label_asym_id           A 
_struct_conn.ptnr2_label_comp_id           CYS 
_struct_conn.ptnr2_label_seq_id            103 
_struct_conn.ptnr2_label_atom_id           SG 
_struct_conn.pdbx_ptnr2_label_alt_id       ? 
_struct_conn.pdbx_ptnr2_PDB_ins_code       ? 
_struct_conn.ptnr1_auth_asym_id            A 
_struct_conn.ptnr1_auth_comp_id            CYS 
_struct_conn.ptnr1_auth_seq_id             178 
_struct_conn.ptnr2_auth_asym_id            A 
_struct_conn.ptnr2_auth_comp_id            CYS 
_struct_conn.ptnr2_auth_seq_id             218 
_struct_conn.ptnr2_symmetry                1_555 
_struct_conn.pdbx_ptnr3_label_atom_id      ? 
_struct_conn.pdbx_ptnr3_label_seq_id       ? 
_struct_conn.pdbx_ptnr3_label_comp_id      ? 
_struct_conn.pdbx_ptnr3_label_asym_id      ? 
_struct_conn.pdbx_ptnr3_label_alt_id       ? 
_struct_conn.pdbx_ptnr3_PDB_ins_code       ? 
_struct_conn.details                       ? 
_struct_conn.pdbx_dist_value               2.051 
_struct_conn.pdbx_value_order              ? 
_struct_conn.pdbx_role                     ? 
# 
_struct_conn_type.id          disulf 
_struct_conn_type.criteria    ? 
_struct_conn_type.reference   ? 
# 
_pdbx_modification_feature.ordinal                            1 
_pdbx_modification_feature.label_comp_id                      CYS 
_pdbx_modification_feature.label_asym_id                      A 
_pdbx_modification_feature.label_seq_id                       63 
_pdbx_modification_feature.label_alt_id                       ? 
_pdbx_modification_feature.modified_residue_label_comp_id     CYS 
_pdbx_modification_feature.modified_residue_label_asym_id     A 
_pdbx_modification_feature.modified_residue_label_seq_id      103 
_pdbx_modification_feature.modified_residue_label_alt_id      ? 
_pdbx_modification_feature.auth_comp_id                       CYS 
_pdbx_modification_feature.auth_asym_id                       A 
_pdbx_modification_feature.auth_seq_id                        178 
_pdbx_modification_feature.PDB_ins_code                       ? 
_pdbx_modification_feature.symmetry                           1_555 
_pdbx_modification_feature.modified_residue_auth_comp_id      CYS 
_pdbx_modification_feature.modified_residue_auth_asym_id      A 
_pdbx_modification_feature.modified_residue_auth_seq_id       218 
_pdbx_modification_feature.modified_residue_PDB_ins_code      ? 
_pdbx_modification_feature.modified_residue_symmetry          1_555 
_pdbx_modification_feature.comp_id_linking_atom               SG 
_pdbx_modification_feature.modified_residue_id_linking_atom   SG 
_pdbx_modification_feature.modified_residue_id                . 
_pdbx_modification_feature.ref_pcm_id                         . 
_pdbx_modification_feature.ref_comp_id                        . 
_pdbx_modification_feature.type                               None 
_pdbx_modification_feature.category                           'Disulfide bridge' 
# 
loop_
_struct_mon_prot_cis.pdbx_id 
_struct_mon_prot_cis.label_comp_id 
_struct_mon_prot_cis.label_seq_id 
_struct_mon_prot_cis.label_asym_id 
_struct_mon_prot_cis.label_alt_id 
_struct_mon_prot_cis.pdbx_PDB_ins_code 
_struct_mon_prot_cis.auth_comp_id 
_struct_mon_prot_cis.auth_seq_id 
_struct_mon_prot_cis.auth_asym_id 
_struct_mon_prot_cis.pdbx_label_comp_id_2 
_struct_mon_prot_cis.pdbx_label_seq_id_2 
_struct_mon_prot_cis.pdbx_label_asym_id_2 
_struct_mon_prot_cis.pdbx_PDB_ins_code_2 
_struct_mon_prot_cis.pdbx_auth_comp_id_2 
_struct_mon_prot_cis.pdbx_auth_seq_id_2 
_struct_mon_prot_cis.pdbx_auth_asym_id_2 
_struct_mon_prot_cis.pdbx_PDB_model_num 
_struct_mon_prot_cis.pdbx_omega_angle 
1 GLY 1   A . ? GLY 116 A ASP 2   A ? ASP 117 A 1 -21.99 
2 ASN 42  A . ? ASN 157 A GLY 43  A ? GLY 158 A 1 -0.36  
3 GLY 43  A . ? GLY 158 A LYS 44  A ? LYS 159 A 1 -3.72  
4 GLN 71  A . ? GLN 186 A ALA 72  A ? ALA 187 A 1 19.91  
5 SER 99  A . ? SER 214 A ALA 100 A ? ALA 215 A 1 28.22  
6 GLY 135 A . ? GLY 250 A THR 136 A ? THR 251 A 1 5.39   
# 
loop_
_struct_sheet.id 
_struct_sheet.type 
_struct_sheet.number_strands 
_struct_sheet.details 
A ? 4 ? 
B ? 2 ? 
C ? 3 ? 
# 
loop_
_struct_sheet_order.sheet_id 
_struct_sheet_order.range_id_1 
_struct_sheet_order.range_id_2 
_struct_sheet_order.offset 
_struct_sheet_order.sense 
A 1 2 ? anti-parallel 
A 2 3 ? anti-parallel 
A 3 4 ? anti-parallel 
B 1 2 ? anti-parallel 
C 1 2 ? anti-parallel 
C 2 3 ? anti-parallel 
# 
loop_
_struct_sheet_range.sheet_id 
_struct_sheet_range.id 
_struct_sheet_range.beg_label_comp_id 
_struct_sheet_range.beg_label_asym_id 
_struct_sheet_range.beg_label_seq_id 
_struct_sheet_range.pdbx_beg_PDB_ins_code 
_struct_sheet_range.end_label_comp_id 
_struct_sheet_range.end_label_asym_id 
_struct_sheet_range.end_label_seq_id 
_struct_sheet_range.pdbx_end_PDB_ins_code 
_struct_sheet_range.beg_auth_comp_id 
_struct_sheet_range.beg_auth_asym_id 
_struct_sheet_range.beg_auth_seq_id 
_struct_sheet_range.end_auth_comp_id 
_struct_sheet_range.end_auth_asym_id 
_struct_sheet_range.end_auth_seq_id 
A 1 ALA A 8   ? ILE A 12  ? ALA A 123 ILE A 127 
A 2 SER A 140 ? LYS A 145 ? SER A 255 LYS A 260 
A 3 GLY A 52  ? SER A 64  ? GLY A 167 SER A 179 
A 4 GLY A 104 ? LEU A 116 ? GLY A 219 LEU A 231 
B 1 VAL A 38  ? GLU A 41  ? VAL A 153 GLU A 156 
B 2 GLN A 45  ? VAL A 48  ? GLN A 160 VAL A 163 
C 1 SER A 121 ? VAL A 126 ? SER A 236 VAL A 241 
C 2 PRO A 73  ? LYS A 81  ? PRO A 188 LYS A 196 
C 3 ARG A 88  ? THR A 96  ? ARG A 203 THR A 211 
# 
loop_
_pdbx_struct_sheet_hbond.sheet_id 
_pdbx_struct_sheet_hbond.range_id_1 
_pdbx_struct_sheet_hbond.range_id_2 
_pdbx_struct_sheet_hbond.range_1_label_atom_id 
_pdbx_struct_sheet_hbond.range_1_label_comp_id 
_pdbx_struct_sheet_hbond.range_1_label_asym_id 
_pdbx_struct_sheet_hbond.range_1_label_seq_id 
_pdbx_struct_sheet_hbond.range_1_PDB_ins_code 
_pdbx_struct_sheet_hbond.range_1_auth_atom_id 
_pdbx_struct_sheet_hbond.range_1_auth_comp_id 
_pdbx_struct_sheet_hbond.range_1_auth_asym_id 
_pdbx_struct_sheet_hbond.range_1_auth_seq_id 
_pdbx_struct_sheet_hbond.range_2_label_atom_id 
_pdbx_struct_sheet_hbond.range_2_label_comp_id 
_pdbx_struct_sheet_hbond.range_2_label_asym_id 
_pdbx_struct_sheet_hbond.range_2_label_seq_id 
_pdbx_struct_sheet_hbond.range_2_PDB_ins_code 
_pdbx_struct_sheet_hbond.range_2_auth_atom_id 
_pdbx_struct_sheet_hbond.range_2_auth_comp_id 
_pdbx_struct_sheet_hbond.range_2_auth_asym_id 
_pdbx_struct_sheet_hbond.range_2_auth_seq_id 
A 1 2 O ALA A 9   ? O ALA A 124 N LEU A 143 ? N LEU A 258 
A 2 3 O SER A 140 ? O SER A 255 N GLN A 59  ? N GLN A 174 
A 3 4 O GLY A 52  ? O GLY A 167 N LEU A 116 ? N LEU A 231 
B 1 2 O THR A 39  ? O THR A 154 N THR A 47  ? N THR A 162 
C 1 2 O SER A 121 ? O SER A 236 N LYS A 81  ? N LYS A 196 
C 2 3 O PHE A 74  ? O PHE A 189 N ASN A 95  ? N ASN A 210 
# 
_pdbx_entry_details.entry_id                   1ALY 
_pdbx_entry_details.compound_details           ? 
_pdbx_entry_details.source_details             ? 
_pdbx_entry_details.nonpolymer_details         ? 
_pdbx_entry_details.sequence_details           ? 
_pdbx_entry_details.has_ligand_of_interest     ? 
_pdbx_entry_details.has_protein_modification   Y 
# 
_pdbx_validate_rmsd_bond.id                        1 
_pdbx_validate_rmsd_bond.PDB_model_num             1 
_pdbx_validate_rmsd_bond.auth_atom_id_1            CG 
_pdbx_validate_rmsd_bond.auth_asym_id_1            A 
_pdbx_validate_rmsd_bond.auth_comp_id_1            HIS 
_pdbx_validate_rmsd_bond.auth_seq_id_1             125 
_pdbx_validate_rmsd_bond.PDB_ins_code_1            ? 
_pdbx_validate_rmsd_bond.label_alt_id_1            ? 
_pdbx_validate_rmsd_bond.auth_atom_id_2            CD2 
_pdbx_validate_rmsd_bond.auth_asym_id_2            A 
_pdbx_validate_rmsd_bond.auth_comp_id_2            HIS 
_pdbx_validate_rmsd_bond.auth_seq_id_2             125 
_pdbx_validate_rmsd_bond.PDB_ins_code_2            ? 
_pdbx_validate_rmsd_bond.label_alt_id_2            ? 
_pdbx_validate_rmsd_bond.bond_value                1.415 
_pdbx_validate_rmsd_bond.bond_target_value         1.354 
_pdbx_validate_rmsd_bond.bond_deviation            0.061 
_pdbx_validate_rmsd_bond.bond_standard_deviation   0.009 
_pdbx_validate_rmsd_bond.linker_flag               N 
# 
loop_
_pdbx_validate_rmsd_angle.id 
_pdbx_validate_rmsd_angle.PDB_model_num 
_pdbx_validate_rmsd_angle.auth_atom_id_1 
_pdbx_validate_rmsd_angle.auth_asym_id_1 
_pdbx_validate_rmsd_angle.auth_comp_id_1 
_pdbx_validate_rmsd_angle.auth_seq_id_1 
_pdbx_validate_rmsd_angle.PDB_ins_code_1 
_pdbx_validate_rmsd_angle.label_alt_id_1 
_pdbx_validate_rmsd_angle.auth_atom_id_2 
_pdbx_validate_rmsd_angle.auth_asym_id_2 
_pdbx_validate_rmsd_angle.auth_comp_id_2 
_pdbx_validate_rmsd_angle.auth_seq_id_2 
_pdbx_validate_rmsd_angle.PDB_ins_code_2 
_pdbx_validate_rmsd_angle.label_alt_id_2 
_pdbx_validate_rmsd_angle.auth_atom_id_3 
_pdbx_validate_rmsd_angle.auth_asym_id_3 
_pdbx_validate_rmsd_angle.auth_comp_id_3 
_pdbx_validate_rmsd_angle.auth_seq_id_3 
_pdbx_validate_rmsd_angle.PDB_ins_code_3 
_pdbx_validate_rmsd_angle.label_alt_id_3 
_pdbx_validate_rmsd_angle.angle_value 
_pdbx_validate_rmsd_angle.angle_target_value 
_pdbx_validate_rmsd_angle.angle_deviation 
_pdbx_validate_rmsd_angle.angle_standard_deviation 
_pdbx_validate_rmsd_angle.linker_flag 
1  1 CA A VAL 126 ? ? CB  A VAL 126 ? ? CG1 A VAL 126 ? ? 121.71 110.90 10.81  1.50 N 
2  1 CB A TYR 145 ? ? CG  A TYR 145 ? ? CD2 A TYR 145 ? ? 116.40 121.00 -4.60  0.60 N 
3  1 CG A TYR 145 ? ? CD1 A TYR 145 ? ? CE1 A TYR 145 ? ? 115.88 121.30 -5.42  0.80 N 
4  1 CB A TYR 146 ? ? CG  A TYR 146 ? ? CD2 A TYR 146 ? ? 115.48 121.00 -5.52  0.60 N 
5  1 NE A ARG 165 ? ? CZ  A ARG 165 ? ? NH1 A ARG 165 ? ? 124.53 120.30 4.23   0.50 N 
6  1 NE A ARG 165 ? ? CZ  A ARG 165 ? ? NH2 A ARG 165 ? ? 115.12 120.30 -5.18  0.50 N 
7  1 N  A ARG 181 ? ? CA  A ARG 181 ? ? CB  A ARG 181 ? ? 99.40  110.60 -11.20 1.80 N 
8  1 CB A ARG 181 ? ? CG  A ARG 181 ? ? CD  A ARG 181 ? ? 127.25 111.60 15.65  2.60 N 
9  1 NE A ARG 203 ? ? CZ  A ARG 203 ? ? NH1 A ARG 203 ? ? 123.70 120.30 3.40   0.50 N 
10 1 CD A ARG 207 ? ? NE  A ARG 207 ? ? CZ  A ARG 207 ? ? 114.17 123.60 -9.43  1.40 N 
11 1 C  A ALA 235 ? ? N   A SER 236 ? ? CA  A SER 236 ? ? 140.46 121.70 18.76  2.50 Y 
12 1 CB A PHE 256 ? ? CG  A PHE 256 ? ? CD2 A PHE 256 ? ? 115.63 120.80 -5.17  0.70 N 
13 1 C  A LYS 260 ? ? N   A LEU 261 ? ? CA  A LEU 261 ? ? 103.07 121.70 -18.63 2.50 Y 
# 
loop_
_pdbx_validate_torsion.id 
_pdbx_validate_torsion.PDB_model_num 
_pdbx_validate_torsion.auth_comp_id 
_pdbx_validate_torsion.auth_asym_id 
_pdbx_validate_torsion.auth_seq_id 
_pdbx_validate_torsion.PDB_ins_code 
_pdbx_validate_torsion.label_alt_id 
_pdbx_validate_torsion.phi 
_pdbx_validate_torsion.psi 
1  1 GLN A 118 ? ? -52.13  61.77   
2  1 ASN A 119 ? ? -150.60 -63.10  
3  1 PRO A 120 ? ? -48.58  22.44   
4  1 GLN A 121 ? ? -49.86  155.32  
5  1 THR A 135 ? ? -90.95  -66.27  
6  1 ALA A 187 ? ? -132.94 -33.15  
7  1 GLU A 202 ? ? 96.10   136.79  
8  1 SER A 213 ? ? 70.37   73.02   
9  1 SER A 214 ? ? -27.95  99.73   
10 1 LYS A 216 ? ? -45.19  157.84  
11 1 CYS A 218 ? ? -5.48   77.44   
12 1 ALA A 235 ? ? 98.13   -111.34 
13 1 HIS A 249 ? ? -87.21  47.55   
# 
loop_
_pdbx_validate_peptide_omega.id 
_pdbx_validate_peptide_omega.PDB_model_num 
_pdbx_validate_peptide_omega.auth_comp_id_1 
_pdbx_validate_peptide_omega.auth_asym_id_1 
_pdbx_validate_peptide_omega.auth_seq_id_1 
_pdbx_validate_peptide_omega.PDB_ins_code_1 
_pdbx_validate_peptide_omega.label_alt_id_1 
_pdbx_validate_peptide_omega.auth_comp_id_2 
_pdbx_validate_peptide_omega.auth_asym_id_2 
_pdbx_validate_peptide_omega.auth_seq_id_2 
_pdbx_validate_peptide_omega.PDB_ins_code_2 
_pdbx_validate_peptide_omega.label_alt_id_2 
_pdbx_validate_peptide_omega.omega 
1 1 PRO A 120 ? ? GLN A 121 ? ? 135.29  
2 1 THR A 134 ? ? THR A 135 ? ? -122.70 
3 1 THR A 135 ? ? SER A 136 ? ? -60.92  
4 1 GLY A 234 ? ? ALA A 235 ? ? 129.59  
5 1 ALA A 235 ? ? SER A 236 ? ? -64.52  
# 
loop_
_pdbx_validate_planes.id 
_pdbx_validate_planes.PDB_model_num 
_pdbx_validate_planes.auth_comp_id 
_pdbx_validate_planes.auth_asym_id 
_pdbx_validate_planes.auth_seq_id 
_pdbx_validate_planes.PDB_ins_code 
_pdbx_validate_planes.label_alt_id 
_pdbx_validate_planes.rmsd 
_pdbx_validate_planes.type 
1 1 TYR A 145 ? ? 0.179 'SIDE CHAIN' 
2 1 TYR A 146 ? ? 0.093 'SIDE CHAIN' 
3 1 ARG A 165 ? ? 0.144 'SIDE CHAIN' 
# 
loop_
_chem_comp_atom.comp_id 
_chem_comp_atom.atom_id 
_chem_comp_atom.type_symbol 
_chem_comp_atom.pdbx_aromatic_flag 
_chem_comp_atom.pdbx_stereo_config 
_chem_comp_atom.pdbx_ordinal 
ALA N    N N N 1   
ALA CA   C N S 2   
ALA C    C N N 3   
ALA O    O N N 4   
ALA CB   C N N 5   
ALA OXT  O N N 6   
ALA H    H N N 7   
ALA H2   H N N 8   
ALA HA   H N N 9   
ALA HB1  H N N 10  
ALA HB2  H N N 11  
ALA HB3  H N N 12  
ALA HXT  H N N 13  
ARG N    N N N 14  
ARG CA   C N S 15  
ARG C    C N N 16  
ARG O    O N N 17  
ARG CB   C N N 18  
ARG CG   C N N 19  
ARG CD   C N N 20  
ARG NE   N N N 21  
ARG CZ   C N N 22  
ARG NH1  N N N 23  
ARG NH2  N N N 24  
ARG OXT  O N N 25  
ARG H    H N N 26  
ARG H2   H N N 27  
ARG HA   H N N 28  
ARG HB2  H N N 29  
ARG HB3  H N N 30  
ARG HG2  H N N 31  
ARG HG3  H N N 32  
ARG HD2  H N N 33  
ARG HD3  H N N 34  
ARG HE   H N N 35  
ARG HH11 H N N 36  
ARG HH12 H N N 37  
ARG HH21 H N N 38  
ARG HH22 H N N 39  
ARG HXT  H N N 40  
ASN N    N N N 41  
ASN CA   C N S 42  
ASN C    C N N 43  
ASN O    O N N 44  
ASN CB   C N N 45  
ASN CG   C N N 46  
ASN OD1  O N N 47  
ASN ND2  N N N 48  
ASN OXT  O N N 49  
ASN H    H N N 50  
ASN H2   H N N 51  
ASN HA   H N N 52  
ASN HB2  H N N 53  
ASN HB3  H N N 54  
ASN HD21 H N N 55  
ASN HD22 H N N 56  
ASN HXT  H N N 57  
ASP N    N N N 58  
ASP CA   C N S 59  
ASP C    C N N 60  
ASP O    O N N 61  
ASP CB   C N N 62  
ASP CG   C N N 63  
ASP OD1  O N N 64  
ASP OD2  O N N 65  
ASP OXT  O N N 66  
ASP H    H N N 67  
ASP H2   H N N 68  
ASP HA   H N N 69  
ASP HB2  H N N 70  
ASP HB3  H N N 71  
ASP HD2  H N N 72  
ASP HXT  H N N 73  
CYS N    N N N 74  
CYS CA   C N R 75  
CYS C    C N N 76  
CYS O    O N N 77  
CYS CB   C N N 78  
CYS SG   S N N 79  
CYS OXT  O N N 80  
CYS H    H N N 81  
CYS H2   H N N 82  
CYS HA   H N N 83  
CYS HB2  H N N 84  
CYS HB3  H N N 85  
CYS HG   H N N 86  
CYS HXT  H N N 87  
GLN N    N N N 88  
GLN CA   C N S 89  
GLN C    C N N 90  
GLN O    O N N 91  
GLN CB   C N N 92  
GLN CG   C N N 93  
GLN CD   C N N 94  
GLN OE1  O N N 95  
GLN NE2  N N N 96  
GLN OXT  O N N 97  
GLN H    H N N 98  
GLN H2   H N N 99  
GLN HA   H N N 100 
GLN HB2  H N N 101 
GLN HB3  H N N 102 
GLN HG2  H N N 103 
GLN HG3  H N N 104 
GLN HE21 H N N 105 
GLN HE22 H N N 106 
GLN HXT  H N N 107 
GLU N    N N N 108 
GLU CA   C N S 109 
GLU C    C N N 110 
GLU O    O N N 111 
GLU CB   C N N 112 
GLU CG   C N N 113 
GLU CD   C N N 114 
GLU OE1  O N N 115 
GLU OE2  O N N 116 
GLU OXT  O N N 117 
GLU H    H N N 118 
GLU H2   H N N 119 
GLU HA   H N N 120 
GLU HB2  H N N 121 
GLU HB3  H N N 122 
GLU HG2  H N N 123 
GLU HG3  H N N 124 
GLU HE2  H N N 125 
GLU HXT  H N N 126 
GLY N    N N N 127 
GLY CA   C N N 128 
GLY C    C N N 129 
GLY O    O N N 130 
GLY OXT  O N N 131 
GLY H    H N N 132 
GLY H2   H N N 133 
GLY HA2  H N N 134 
GLY HA3  H N N 135 
GLY HXT  H N N 136 
HIS N    N N N 137 
HIS CA   C N S 138 
HIS C    C N N 139 
HIS O    O N N 140 
HIS CB   C N N 141 
HIS CG   C Y N 142 
HIS ND1  N Y N 143 
HIS CD2  C Y N 144 
HIS CE1  C Y N 145 
HIS NE2  N Y N 146 
HIS OXT  O N N 147 
HIS H    H N N 148 
HIS H2   H N N 149 
HIS HA   H N N 150 
HIS HB2  H N N 151 
HIS HB3  H N N 152 
HIS HD1  H N N 153 
HIS HD2  H N N 154 
HIS HE1  H N N 155 
HIS HE2  H N N 156 
HIS HXT  H N N 157 
HOH O    O N N 158 
HOH H1   H N N 159 
HOH H2   H N N 160 
ILE N    N N N 161 
ILE CA   C N S 162 
ILE C    C N N 163 
ILE O    O N N 164 
ILE CB   C N S 165 
ILE CG1  C N N 166 
ILE CG2  C N N 167 
ILE CD1  C N N 168 
ILE OXT  O N N 169 
ILE H    H N N 170 
ILE H2   H N N 171 
ILE HA   H N N 172 
ILE HB   H N N 173 
ILE HG12 H N N 174 
ILE HG13 H N N 175 
ILE HG21 H N N 176 
ILE HG22 H N N 177 
ILE HG23 H N N 178 
ILE HD11 H N N 179 
ILE HD12 H N N 180 
ILE HD13 H N N 181 
ILE HXT  H N N 182 
LEU N    N N N 183 
LEU CA   C N S 184 
LEU C    C N N 185 
LEU O    O N N 186 
LEU CB   C N N 187 
LEU CG   C N N 188 
LEU CD1  C N N 189 
LEU CD2  C N N 190 
LEU OXT  O N N 191 
LEU H    H N N 192 
LEU H2   H N N 193 
LEU HA   H N N 194 
LEU HB2  H N N 195 
LEU HB3  H N N 196 
LEU HG   H N N 197 
LEU HD11 H N N 198 
LEU HD12 H N N 199 
LEU HD13 H N N 200 
LEU HD21 H N N 201 
LEU HD22 H N N 202 
LEU HD23 H N N 203 
LEU HXT  H N N 204 
LYS N    N N N 205 
LYS CA   C N S 206 
LYS C    C N N 207 
LYS O    O N N 208 
LYS CB   C N N 209 
LYS CG   C N N 210 
LYS CD   C N N 211 
LYS CE   C N N 212 
LYS NZ   N N N 213 
LYS OXT  O N N 214 
LYS H    H N N 215 
LYS H2   H N N 216 
LYS HA   H N N 217 
LYS HB2  H N N 218 
LYS HB3  H N N 219 
LYS HG2  H N N 220 
LYS HG3  H N N 221 
LYS HD2  H N N 222 
LYS HD3  H N N 223 
LYS HE2  H N N 224 
LYS HE3  H N N 225 
LYS HZ1  H N N 226 
LYS HZ2  H N N 227 
LYS HZ3  H N N 228 
LYS HXT  H N N 229 
MET N    N N N 230 
MET CA   C N S 231 
MET C    C N N 232 
MET O    O N N 233 
MET CB   C N N 234 
MET CG   C N N 235 
MET SD   S N N 236 
MET CE   C N N 237 
MET OXT  O N N 238 
MET H    H N N 239 
MET H2   H N N 240 
MET HA   H N N 241 
MET HB2  H N N 242 
MET HB3  H N N 243 
MET HG2  H N N 244 
MET HG3  H N N 245 
MET HE1  H N N 246 
MET HE2  H N N 247 
MET HE3  H N N 248 
MET HXT  H N N 249 
PHE N    N N N 250 
PHE CA   C N S 251 
PHE C    C N N 252 
PHE O    O N N 253 
PHE CB   C N N 254 
PHE CG   C Y N 255 
PHE CD1  C Y N 256 
PHE CD2  C Y N 257 
PHE CE1  C Y N 258 
PHE CE2  C Y N 259 
PHE CZ   C Y N 260 
PHE OXT  O N N 261 
PHE H    H N N 262 
PHE H2   H N N 263 
PHE HA   H N N 264 
PHE HB2  H N N 265 
PHE HB3  H N N 266 
PHE HD1  H N N 267 
PHE HD2  H N N 268 
PHE HE1  H N N 269 
PHE HE2  H N N 270 
PHE HZ   H N N 271 
PHE HXT  H N N 272 
PRO N    N N N 273 
PRO CA   C N S 274 
PRO C    C N N 275 
PRO O    O N N 276 
PRO CB   C N N 277 
PRO CG   C N N 278 
PRO CD   C N N 279 
PRO OXT  O N N 280 
PRO H    H N N 281 
PRO HA   H N N 282 
PRO HB2  H N N 283 
PRO HB3  H N N 284 
PRO HG2  H N N 285 
PRO HG3  H N N 286 
PRO HD2  H N N 287 
PRO HD3  H N N 288 
PRO HXT  H N N 289 
SER N    N N N 290 
SER CA   C N S 291 
SER C    C N N 292 
SER O    O N N 293 
SER CB   C N N 294 
SER OG   O N N 295 
SER OXT  O N N 296 
SER H    H N N 297 
SER H2   H N N 298 
SER HA   H N N 299 
SER HB2  H N N 300 
SER HB3  H N N 301 
SER HG   H N N 302 
SER HXT  H N N 303 
THR N    N N N 304 
THR CA   C N S 305 
THR C    C N N 306 
THR O    O N N 307 
THR CB   C N R 308 
THR OG1  O N N 309 
THR CG2  C N N 310 
THR OXT  O N N 311 
THR H    H N N 312 
THR H2   H N N 313 
THR HA   H N N 314 
THR HB   H N N 315 
THR HG1  H N N 316 
THR HG21 H N N 317 
THR HG22 H N N 318 
THR HG23 H N N 319 
THR HXT  H N N 320 
TRP N    N N N 321 
TRP CA   C N S 322 
TRP C    C N N 323 
TRP O    O N N 324 
TRP CB   C N N 325 
TRP CG   C Y N 326 
TRP CD1  C Y N 327 
TRP CD2  C Y N 328 
TRP NE1  N Y N 329 
TRP CE2  C Y N 330 
TRP CE3  C Y N 331 
TRP CZ2  C Y N 332 
TRP CZ3  C Y N 333 
TRP CH2  C Y N 334 
TRP OXT  O N N 335 
TRP H    H N N 336 
TRP H2   H N N 337 
TRP HA   H N N 338 
TRP HB2  H N N 339 
TRP HB3  H N N 340 
TRP HD1  H N N 341 
TRP HE1  H N N 342 
TRP HE3  H N N 343 
TRP HZ2  H N N 344 
TRP HZ3  H N N 345 
TRP HH2  H N N 346 
TRP HXT  H N N 347 
TYR N    N N N 348 
TYR CA   C N S 349 
TYR C    C N N 350 
TYR O    O N N 351 
TYR CB   C N N 352 
TYR CG   C Y N 353 
TYR CD1  C Y N 354 
TYR CD2  C Y N 355 
TYR CE1  C Y N 356 
TYR CE2  C Y N 357 
TYR CZ   C Y N 358 
TYR OH   O N N 359 
TYR OXT  O N N 360 
TYR H    H N N 361 
TYR H2   H N N 362 
TYR HA   H N N 363 
TYR HB2  H N N 364 
TYR HB3  H N N 365 
TYR HD1  H N N 366 
TYR HD2  H N N 367 
TYR HE1  H N N 368 
TYR HE2  H N N 369 
TYR HH   H N N 370 
TYR HXT  H N N 371 
VAL N    N N N 372 
VAL CA   C N S 373 
VAL C    C N N 374 
VAL O    O N N 375 
VAL CB   C N N 376 
VAL CG1  C N N 377 
VAL CG2  C N N 378 
VAL OXT  O N N 379 
VAL H    H N N 380 
VAL H2   H N N 381 
VAL HA   H N N 382 
VAL HB   H N N 383 
VAL HG11 H N N 384 
VAL HG12 H N N 385 
VAL HG13 H N N 386 
VAL HG21 H N N 387 
VAL HG22 H N N 388 
VAL HG23 H N N 389 
VAL HXT  H N N 390 
# 
loop_
_chem_comp_bond.comp_id 
_chem_comp_bond.atom_id_1 
_chem_comp_bond.atom_id_2 
_chem_comp_bond.value_order 
_chem_comp_bond.pdbx_aromatic_flag 
_chem_comp_bond.pdbx_stereo_config 
_chem_comp_bond.pdbx_ordinal 
ALA N   CA   sing N N 1   
ALA N   H    sing N N 2   
ALA N   H2   sing N N 3   
ALA CA  C    sing N N 4   
ALA CA  CB   sing N N 5   
ALA CA  HA   sing N N 6   
ALA C   O    doub N N 7   
ALA C   OXT  sing N N 8   
ALA CB  HB1  sing N N 9   
ALA CB  HB2  sing N N 10  
ALA CB  HB3  sing N N 11  
ALA OXT HXT  sing N N 12  
ARG N   CA   sing N N 13  
ARG N   H    sing N N 14  
ARG N   H2   sing N N 15  
ARG CA  C    sing N N 16  
ARG CA  CB   sing N N 17  
ARG CA  HA   sing N N 18  
ARG C   O    doub N N 19  
ARG C   OXT  sing N N 20  
ARG CB  CG   sing N N 21  
ARG CB  HB2  sing N N 22  
ARG CB  HB3  sing N N 23  
ARG CG  CD   sing N N 24  
ARG CG  HG2  sing N N 25  
ARG CG  HG3  sing N N 26  
ARG CD  NE   sing N N 27  
ARG CD  HD2  sing N N 28  
ARG CD  HD3  sing N N 29  
ARG NE  CZ   sing N N 30  
ARG NE  HE   sing N N 31  
ARG CZ  NH1  sing N N 32  
ARG CZ  NH2  doub N N 33  
ARG NH1 HH11 sing N N 34  
ARG NH1 HH12 sing N N 35  
ARG NH2 HH21 sing N N 36  
ARG NH2 HH22 sing N N 37  
ARG OXT HXT  sing N N 38  
ASN N   CA   sing N N 39  
ASN N   H    sing N N 40  
ASN N   H2   sing N N 41  
ASN CA  C    sing N N 42  
ASN CA  CB   sing N N 43  
ASN CA  HA   sing N N 44  
ASN C   O    doub N N 45  
ASN C   OXT  sing N N 46  
ASN CB  CG   sing N N 47  
ASN CB  HB2  sing N N 48  
ASN CB  HB3  sing N N 49  
ASN CG  OD1  doub N N 50  
ASN CG  ND2  sing N N 51  
ASN ND2 HD21 sing N N 52  
ASN ND2 HD22 sing N N 53  
ASN OXT HXT  sing N N 54  
ASP N   CA   sing N N 55  
ASP N   H    sing N N 56  
ASP N   H2   sing N N 57  
ASP CA  C    sing N N 58  
ASP CA  CB   sing N N 59  
ASP CA  HA   sing N N 60  
ASP C   O    doub N N 61  
ASP C   OXT  sing N N 62  
ASP CB  CG   sing N N 63  
ASP CB  HB2  sing N N 64  
ASP CB  HB3  sing N N 65  
ASP CG  OD1  doub N N 66  
ASP CG  OD2  sing N N 67  
ASP OD2 HD2  sing N N 68  
ASP OXT HXT  sing N N 69  
CYS N   CA   sing N N 70  
CYS N   H    sing N N 71  
CYS N   H2   sing N N 72  
CYS CA  C    sing N N 73  
CYS CA  CB   sing N N 74  
CYS CA  HA   sing N N 75  
CYS C   O    doub N N 76  
CYS C   OXT  sing N N 77  
CYS CB  SG   sing N N 78  
CYS CB  HB2  sing N N 79  
CYS CB  HB3  sing N N 80  
CYS SG  HG   sing N N 81  
CYS OXT HXT  sing N N 82  
GLN N   CA   sing N N 83  
GLN N   H    sing N N 84  
GLN N   H2   sing N N 85  
GLN CA  C    sing N N 86  
GLN CA  CB   sing N N 87  
GLN CA  HA   sing N N 88  
GLN C   O    doub N N 89  
GLN C   OXT  sing N N 90  
GLN CB  CG   sing N N 91  
GLN CB  HB2  sing N N 92  
GLN CB  HB3  sing N N 93  
GLN CG  CD   sing N N 94  
GLN CG  HG2  sing N N 95  
GLN CG  HG3  sing N N 96  
GLN CD  OE1  doub N N 97  
GLN CD  NE2  sing N N 98  
GLN NE2 HE21 sing N N 99  
GLN NE2 HE22 sing N N 100 
GLN OXT HXT  sing N N 101 
GLU N   CA   sing N N 102 
GLU N   H    sing N N 103 
GLU N   H2   sing N N 104 
GLU CA  C    sing N N 105 
GLU CA  CB   sing N N 106 
GLU CA  HA   sing N N 107 
GLU C   O    doub N N 108 
GLU C   OXT  sing N N 109 
GLU CB  CG   sing N N 110 
GLU CB  HB2  sing N N 111 
GLU CB  HB3  sing N N 112 
GLU CG  CD   sing N N 113 
GLU CG  HG2  sing N N 114 
GLU CG  HG3  sing N N 115 
GLU CD  OE1  doub N N 116 
GLU CD  OE2  sing N N 117 
GLU OE2 HE2  sing N N 118 
GLU OXT HXT  sing N N 119 
GLY N   CA   sing N N 120 
GLY N   H    sing N N 121 
GLY N   H2   sing N N 122 
GLY CA  C    sing N N 123 
GLY CA  HA2  sing N N 124 
GLY CA  HA3  sing N N 125 
GLY C   O    doub N N 126 
GLY C   OXT  sing N N 127 
GLY OXT HXT  sing N N 128 
HIS N   CA   sing N N 129 
HIS N   H    sing N N 130 
HIS N   H2   sing N N 131 
HIS CA  C    sing N N 132 
HIS CA  CB   sing N N 133 
HIS CA  HA   sing N N 134 
HIS C   O    doub N N 135 
HIS C   OXT  sing N N 136 
HIS CB  CG   sing N N 137 
HIS CB  HB2  sing N N 138 
HIS CB  HB3  sing N N 139 
HIS CG  ND1  sing Y N 140 
HIS CG  CD2  doub Y N 141 
HIS ND1 CE1  doub Y N 142 
HIS ND1 HD1  sing N N 143 
HIS CD2 NE2  sing Y N 144 
HIS CD2 HD2  sing N N 145 
HIS CE1 NE2  sing Y N 146 
HIS CE1 HE1  sing N N 147 
HIS NE2 HE2  sing N N 148 
HIS OXT HXT  sing N N 149 
HOH O   H1   sing N N 150 
HOH O   H2   sing N N 151 
ILE N   CA   sing N N 152 
ILE N   H    sing N N 153 
ILE N   H2   sing N N 154 
ILE CA  C    sing N N 155 
ILE CA  CB   sing N N 156 
ILE CA  HA   sing N N 157 
ILE C   O    doub N N 158 
ILE C   OXT  sing N N 159 
ILE CB  CG1  sing N N 160 
ILE CB  CG2  sing N N 161 
ILE CB  HB   sing N N 162 
ILE CG1 CD1  sing N N 163 
ILE CG1 HG12 sing N N 164 
ILE CG1 HG13 sing N N 165 
ILE CG2 HG21 sing N N 166 
ILE CG2 HG22 sing N N 167 
ILE CG2 HG23 sing N N 168 
ILE CD1 HD11 sing N N 169 
ILE CD1 HD12 sing N N 170 
ILE CD1 HD13 sing N N 171 
ILE OXT HXT  sing N N 172 
LEU N   CA   sing N N 173 
LEU N   H    sing N N 174 
LEU N   H2   sing N N 175 
LEU CA  C    sing N N 176 
LEU CA  CB   sing N N 177 
LEU CA  HA   sing N N 178 
LEU C   O    doub N N 179 
LEU C   OXT  sing N N 180 
LEU CB  CG   sing N N 181 
LEU CB  HB2  sing N N 182 
LEU CB  HB3  sing N N 183 
LEU CG  CD1  sing N N 184 
LEU CG  CD2  sing N N 185 
LEU CG  HG   sing N N 186 
LEU CD1 HD11 sing N N 187 
LEU CD1 HD12 sing N N 188 
LEU CD1 HD13 sing N N 189 
LEU CD2 HD21 sing N N 190 
LEU CD2 HD22 sing N N 191 
LEU CD2 HD23 sing N N 192 
LEU OXT HXT  sing N N 193 
LYS N   CA   sing N N 194 
LYS N   H    sing N N 195 
LYS N   H2   sing N N 196 
LYS CA  C    sing N N 197 
LYS CA  CB   sing N N 198 
LYS CA  HA   sing N N 199 
LYS C   O    doub N N 200 
LYS C   OXT  sing N N 201 
LYS CB  CG   sing N N 202 
LYS CB  HB2  sing N N 203 
LYS CB  HB3  sing N N 204 
LYS CG  CD   sing N N 205 
LYS CG  HG2  sing N N 206 
LYS CG  HG3  sing N N 207 
LYS CD  CE   sing N N 208 
LYS CD  HD2  sing N N 209 
LYS CD  HD3  sing N N 210 
LYS CE  NZ   sing N N 211 
LYS CE  HE2  sing N N 212 
LYS CE  HE3  sing N N 213 
LYS NZ  HZ1  sing N N 214 
LYS NZ  HZ2  sing N N 215 
LYS NZ  HZ3  sing N N 216 
LYS OXT HXT  sing N N 217 
MET N   CA   sing N N 218 
MET N   H    sing N N 219 
MET N   H2   sing N N 220 
MET CA  C    sing N N 221 
MET CA  CB   sing N N 222 
MET CA  HA   sing N N 223 
MET C   O    doub N N 224 
MET C   OXT  sing N N 225 
MET CB  CG   sing N N 226 
MET CB  HB2  sing N N 227 
MET CB  HB3  sing N N 228 
MET CG  SD   sing N N 229 
MET CG  HG2  sing N N 230 
MET CG  HG3  sing N N 231 
MET SD  CE   sing N N 232 
MET CE  HE1  sing N N 233 
MET CE  HE2  sing N N 234 
MET CE  HE3  sing N N 235 
MET OXT HXT  sing N N 236 
PHE N   CA   sing N N 237 
PHE N   H    sing N N 238 
PHE N   H2   sing N N 239 
PHE CA  C    sing N N 240 
PHE CA  CB   sing N N 241 
PHE CA  HA   sing N N 242 
PHE C   O    doub N N 243 
PHE C   OXT  sing N N 244 
PHE CB  CG   sing N N 245 
PHE CB  HB2  sing N N 246 
PHE CB  HB3  sing N N 247 
PHE CG  CD1  doub Y N 248 
PHE CG  CD2  sing Y N 249 
PHE CD1 CE1  sing Y N 250 
PHE CD1 HD1  sing N N 251 
PHE CD2 CE2  doub Y N 252 
PHE CD2 HD2  sing N N 253 
PHE CE1 CZ   doub Y N 254 
PHE CE1 HE1  sing N N 255 
PHE CE2 CZ   sing Y N 256 
PHE CE2 HE2  sing N N 257 
PHE CZ  HZ   sing N N 258 
PHE OXT HXT  sing N N 259 
PRO N   CA   sing N N 260 
PRO N   CD   sing N N 261 
PRO N   H    sing N N 262 
PRO CA  C    sing N N 263 
PRO CA  CB   sing N N 264 
PRO CA  HA   sing N N 265 
PRO C   O    doub N N 266 
PRO C   OXT  sing N N 267 
PRO CB  CG   sing N N 268 
PRO CB  HB2  sing N N 269 
PRO CB  HB3  sing N N 270 
PRO CG  CD   sing N N 271 
PRO CG  HG2  sing N N 272 
PRO CG  HG3  sing N N 273 
PRO CD  HD2  sing N N 274 
PRO CD  HD3  sing N N 275 
PRO OXT HXT  sing N N 276 
SER N   CA   sing N N 277 
SER N   H    sing N N 278 
SER N   H2   sing N N 279 
SER CA  C    sing N N 280 
SER CA  CB   sing N N 281 
SER CA  HA   sing N N 282 
SER C   O    doub N N 283 
SER C   OXT  sing N N 284 
SER CB  OG   sing N N 285 
SER CB  HB2  sing N N 286 
SER CB  HB3  sing N N 287 
SER OG  HG   sing N N 288 
SER OXT HXT  sing N N 289 
THR N   CA   sing N N 290 
THR N   H    sing N N 291 
THR N   H2   sing N N 292 
THR CA  C    sing N N 293 
THR CA  CB   sing N N 294 
THR CA  HA   sing N N 295 
THR C   O    doub N N 296 
THR C   OXT  sing N N 297 
THR CB  OG1  sing N N 298 
THR CB  CG2  sing N N 299 
THR CB  HB   sing N N 300 
THR OG1 HG1  sing N N 301 
THR CG2 HG21 sing N N 302 
THR CG2 HG22 sing N N 303 
THR CG2 HG23 sing N N 304 
THR OXT HXT  sing N N 305 
TRP N   CA   sing N N 306 
TRP N   H    sing N N 307 
TRP N   H2   sing N N 308 
TRP CA  C    sing N N 309 
TRP CA  CB   sing N N 310 
TRP CA  HA   sing N N 311 
TRP C   O    doub N N 312 
TRP C   OXT  sing N N 313 
TRP CB  CG   sing N N 314 
TRP CB  HB2  sing N N 315 
TRP CB  HB3  sing N N 316 
TRP CG  CD1  doub Y N 317 
TRP CG  CD2  sing Y N 318 
TRP CD1 NE1  sing Y N 319 
TRP CD1 HD1  sing N N 320 
TRP CD2 CE2  doub Y N 321 
TRP CD2 CE3  sing Y N 322 
TRP NE1 CE2  sing Y N 323 
TRP NE1 HE1  sing N N 324 
TRP CE2 CZ2  sing Y N 325 
TRP CE3 CZ3  doub Y N 326 
TRP CE3 HE3  sing N N 327 
TRP CZ2 CH2  doub Y N 328 
TRP CZ2 HZ2  sing N N 329 
TRP CZ3 CH2  sing Y N 330 
TRP CZ3 HZ3  sing N N 331 
TRP CH2 HH2  sing N N 332 
TRP OXT HXT  sing N N 333 
TYR N   CA   sing N N 334 
TYR N   H    sing N N 335 
TYR N   H2   sing N N 336 
TYR CA  C    sing N N 337 
TYR CA  CB   sing N N 338 
TYR CA  HA   sing N N 339 
TYR C   O    doub N N 340 
TYR C   OXT  sing N N 341 
TYR CB  CG   sing N N 342 
TYR CB  HB2  sing N N 343 
TYR CB  HB3  sing N N 344 
TYR CG  CD1  doub Y N 345 
TYR CG  CD2  sing Y N 346 
TYR CD1 CE1  sing Y N 347 
TYR CD1 HD1  sing N N 348 
TYR CD2 CE2  doub Y N 349 
TYR CD2 HD2  sing N N 350 
TYR CE1 CZ   doub Y N 351 
TYR CE1 HE1  sing N N 352 
TYR CE2 CZ   sing Y N 353 
TYR CE2 HE2  sing N N 354 
TYR CZ  OH   sing N N 355 
TYR OH  HH   sing N N 356 
TYR OXT HXT  sing N N 357 
VAL N   CA   sing N N 358 
VAL N   H    sing N N 359 
VAL N   H2   sing N N 360 
VAL CA  C    sing N N 361 
VAL CA  CB   sing N N 362 
VAL CA  HA   sing N N 363 
VAL C   O    doub N N 364 
VAL C   OXT  sing N N 365 
VAL CB  CG1  sing N N 366 
VAL CB  CG2  sing N N 367 
VAL CB  HB   sing N N 368 
VAL CG1 HG11 sing N N 369 
VAL CG1 HG12 sing N N 370 
VAL CG1 HG13 sing N N 371 
VAL CG2 HG21 sing N N 372 
VAL CG2 HG22 sing N N 373 
VAL CG2 HG23 sing N N 374 
VAL OXT HXT  sing N N 375 
# 
_pdbx_initial_refinement_model.accession_code   ma-cem76 
_pdbx_initial_refinement_model.id               1 
_pdbx_initial_refinement_model.entity_id_list   ? 
_pdbx_initial_refinement_model.type             'in silico model' 
_pdbx_initial_refinement_model.source_name      ModelArchive 
_pdbx_initial_refinement_model.details          'ENTRY 1CDA that was moved from PDB to ModelArchive' 
# 
_atom_sites.entry_id                    1ALY 
_atom_sites.fract_transf_matrix[1][1]   -0.00540389 
_atom_sites.fract_transf_matrix[1][2]   -0.00153220 
_atom_sites.fract_transf_matrix[1][3]   0.01386869 
_atom_sites.fract_transf_matrix[2][1]   0.00764068 
_atom_sites.fract_transf_matrix[2][2]   0.00545355 
_atom_sites.fract_transf_matrix[2][3]   0.01165204 
_atom_sites.fract_transf_matrix[3][1]   -0.00533031 
_atom_sites.fract_transf_matrix[3][2]   0.00963198 
_atom_sites.fract_transf_matrix[3][3]   -0.00101280 
_atom_sites.fract_transf_vector[1]      -0.180519 
_atom_sites.fract_transf_vector[2]      -0.036949 
_atom_sites.fract_transf_vector[3]      0.016061 
# 
loop_
_atom_type.symbol 
C 
H 
N 
O 
S 
# 
loop_
_atom_site.group_PDB 
_atom_site.id 
_atom_site.type_symbol 
_atom_site.label_atom_id 
_atom_site.label_alt_id 
_atom_site.label_comp_id 
_atom_site.label_asym_id 
_atom_site.label_entity_id 
_atom_site.label_seq_id 
_atom_site.pdbx_PDB_ins_code 
_atom_site.Cartn_x 
_atom_site.Cartn_y 
_atom_site.Cartn_z 
_atom_site.occupancy 
_atom_site.B_iso_or_equiv 
_atom_site.pdbx_formal_charge 
_atom_site.auth_seq_id 
_atom_site.auth_comp_id 
_atom_site.auth_asym_id 
_atom_site.auth_atom_id 
_atom_site.pdbx_PDB_model_num 
ATOM   1    N N    . GLY A 1 1   ? -20.376 12.030  -9.898  1.00 100.00 ? 116 GLY A N    1 
ATOM   2    C CA   . GLY A 1 1   ? -21.034 13.349  -10.028 1.00 100.00 ? 116 GLY A CA   1 
ATOM   3    C C    . GLY A 1 1   ? -22.517 13.247  -9.651  1.00 100.00 ? 116 GLY A C    1 
ATOM   4    O O    . GLY A 1 1   ? -23.174 12.327  -10.118 1.00 100.00 ? 116 GLY A O    1 
ATOM   5    H H1   . GLY A 1 1   ? -20.611 11.704  -8.931  1.00 20.00  ? 116 GLY A H1   1 
ATOM   6    H H2   . GLY A 1 1   ? -20.752 11.324  -10.557 1.00 20.00  ? 116 GLY A H2   1 
ATOM   7    H H3   . GLY A 1 1   ? -19.343 12.113  -9.880  1.00 20.00  ? 116 GLY A H3   1 
ATOM   8    N N    . ASP A 1 2   ? -23.035 14.153  -8.805  1.00 97.61  ? 117 ASP A N    1 
ATOM   9    C CA   . ASP A 1 2   ? -22.287 14.984  -7.826  1.00 94.98  ? 117 ASP A CA   1 
ATOM   10   C C    . ASP A 1 2   ? -21.630 14.255  -6.624  1.00 93.28  ? 117 ASP A C    1 
ATOM   11   O O    . ASP A 1 2   ? -20.627 14.667  -6.069  1.00 91.96  ? 117 ASP A O    1 
ATOM   12   C CB   . ASP A 1 2   ? -23.205 16.117  -7.311  1.00 95.96  ? 117 ASP A CB   1 
ATOM   13   C CG   . ASP A 1 2   ? -24.248 15.657  -6.263  1.00 97.07  ? 117 ASP A CG   1 
ATOM   14   O OD1  . ASP A 1 2   ? -24.914 14.637  -6.459  1.00 96.38  ? 117 ASP A OD1  1 
ATOM   15   O OD2  . ASP A 1 2   ? -24.393 16.330  -5.240  1.00 97.21  ? 117 ASP A OD2  1 
ATOM   16   H H    . ASP A 1 2   ? -24.031 14.088  -8.860  1.00 20.00  ? 117 ASP A H    1 
ATOM   17   N N    . GLN A 1 3   ? -22.276 13.125  -6.276  1.00 91.87  ? 118 GLN A N    1 
ATOM   18   C CA   . GLN A 1 3   ? -21.963 12.187  -5.169  1.00 88.64  ? 118 GLN A CA   1 
ATOM   19   C C    . GLN A 1 3   ? -20.548 11.614  -5.022  1.00 85.31  ? 118 GLN A C    1 
ATOM   20   O O    . GLN A 1 3   ? -20.317 10.411  -5.124  1.00 85.33  ? 118 GLN A O    1 
ATOM   21   C CB   . GLN A 1 3   ? -23.007 11.040  -5.124  1.00 89.89  ? 118 GLN A CB   1 
ATOM   22   C CG   . GLN A 1 3   ? -23.598 10.608  -6.477  1.00 90.63  ? 118 GLN A CG   1 
ATOM   23   C CD   . GLN A 1 3   ? -22.511 10.160  -7.446  1.00 90.46  ? 118 GLN A CD   1 
ATOM   24   O OE1  . GLN A 1 3   ? -21.730 10.918  -8.014  1.00 87.14  ? 118 GLN A OE1  1 
ATOM   25   N NE2  . GLN A 1 3   ? -22.474 8.858   -7.632  1.00 91.82  ? 118 GLN A NE2  1 
ATOM   26   H H    . GLN A 1 3   ? -23.138 13.021  -6.763  1.00 20.00  ? 118 GLN A H    1 
ATOM   27   H HE21 . GLN A 1 3   ? -21.788 8.502   -8.244  1.00 20.00  ? 118 GLN A HE21 1 
ATOM   28   H HE22 . GLN A 1 3   ? -23.113 8.272   -7.124  1.00 20.00  ? 118 GLN A HE22 1 
ATOM   29   N N    . ASN A 1 4   ? -19.599 12.548  -4.808  1.00 80.61  ? 119 ASN A N    1 
ATOM   30   C CA   . ASN A 1 4   ? -18.164 12.196  -4.751  1.00 73.00  ? 119 ASN A CA   1 
ATOM   31   C C    . ASN A 1 4   ? -17.231 13.059  -3.870  1.00 64.63  ? 119 ASN A C    1 
ATOM   32   O O    . ASN A 1 4   ? -16.694 12.506  -2.921  1.00 66.70  ? 119 ASN A O    1 
ATOM   33   C CB   . ASN A 1 4   ? -17.470 11.887  -6.121  1.00 77.13  ? 119 ASN A CB   1 
ATOM   34   C CG   . ASN A 1 4   ? -18.395 11.558  -7.305  1.00 78.35  ? 119 ASN A CG   1 
ATOM   35   O OD1  . ASN A 1 4   ? -19.101 12.379  -7.867  1.00 76.30  ? 119 ASN A OD1  1 
ATOM   36   N ND2  . ASN A 1 4   ? -18.322 10.310  -7.722  1.00 79.03  ? 119 ASN A ND2  1 
ATOM   37   H H    . ASN A 1 4   ? -19.941 13.488  -4.729  1.00 20.00  ? 119 ASN A H    1 
ATOM   38   H HD21 . ASN A 1 4   ? -18.878 9.877   -8.411  1.00 20.00  ? 119 ASN A HD21 1 
ATOM   39   H HD22 . ASN A 1 4   ? -17.650 9.757   -7.224  1.00 20.00  ? 119 ASN A HD22 1 
ATOM   40   N N    . PRO A 1 5   ? -17.062 14.397  -4.187  1.00 56.77  ? 120 PRO A N    1 
ATOM   41   C CA   . PRO A 1 5   ? -15.980 15.319  -3.690  1.00 52.77  ? 120 PRO A CA   1 
ATOM   42   C C    . PRO A 1 5   ? -15.512 15.526  -2.213  1.00 49.81  ? 120 PRO A C    1 
ATOM   43   O O    . PRO A 1 5   ? -14.840 16.488  -1.848  1.00 51.18  ? 120 PRO A O    1 
ATOM   44   C CB   . PRO A 1 5   ? -16.300 16.656  -4.351  1.00 51.52  ? 120 PRO A CB   1 
ATOM   45   C CG   . PRO A 1 5   ? -16.989 16.265  -5.658  1.00 54.74  ? 120 PRO A CG   1 
ATOM   46   C CD   . PRO A 1 5   ? -17.841 15.095  -5.201  1.00 55.33  ? 120 PRO A CD   1 
ATOM   47   N N    . GLN A 1 6   ? -15.801 14.493  -1.403  1.00 41.61  ? 121 GLN A N    1 
ATOM   48   C CA   . GLN A 1 6   ? -14.842 13.941  -0.442  1.00 32.22  ? 121 GLN A CA   1 
ATOM   49   C C    . GLN A 1 6   ? -13.448 13.629  -1.074  1.00 27.55  ? 121 GLN A C    1 
ATOM   50   O O    . GLN A 1 6   ? -13.317 13.432  -2.269  1.00 22.05  ? 121 GLN A O    1 
ATOM   51   C CB   . GLN A 1 6   ? -15.614 12.730  0.119   1.00 29.38  ? 121 GLN A CB   1 
ATOM   52   C CG   . GLN A 1 6   ? -14.923 11.720  1.031   1.00 29.11  ? 121 GLN A CG   1 
ATOM   53   C CD   . GLN A 1 6   ? -14.387 12.329  2.308   1.00 30.07  ? 121 GLN A CD   1 
ATOM   54   O OE1  . GLN A 1 6   ? -13.232 12.685  2.400   1.00 28.87  ? 121 GLN A OE1  1 
ATOM   55   N NE2  . GLN A 1 6   ? -15.257 12.493  3.291   1.00 34.13  ? 121 GLN A NE2  1 
ATOM   56   H H    . GLN A 1 6   ? -16.550 13.912  -1.696  1.00 20.00  ? 121 GLN A H    1 
ATOM   57   H HE21 . GLN A 1 6   ? -14.784 12.918  4.063   1.00 20.00  ? 121 GLN A HE21 1 
ATOM   58   H HE22 . GLN A 1 6   ? -16.221 12.210  3.339   1.00 20.00  ? 121 GLN A HE22 1 
ATOM   59   N N    . ILE A 1 7   ? -12.394 13.612  -0.266  1.00 21.03  ? 122 ILE A N    1 
ATOM   60   C CA   . ILE A 1 7   ? -11.129 13.110  -0.818  1.00 21.03  ? 122 ILE A CA   1 
ATOM   61   C C    . ILE A 1 7   ? -10.917 11.654  -0.443  1.00 19.22  ? 122 ILE A C    1 
ATOM   62   O O    . ILE A 1 7   ? -10.710 11.299  0.715   1.00 17.74  ? 122 ILE A O    1 
ATOM   63   C CB   . ILE A 1 7   ? -9.912  13.981  -0.348  1.00 23.50  ? 122 ILE A CB   1 
ATOM   64   C CG1  . ILE A 1 7   ? -10.122 15.397  -0.898  1.00 25.26  ? 122 ILE A CG1  1 
ATOM   65   C CG2  . ILE A 1 7   ? -8.554  13.457  -0.844  1.00 21.64  ? 122 ILE A CG2  1 
ATOM   66   C CD1  . ILE A 1 7   ? -9.148  16.474  -0.452  1.00 24.78  ? 122 ILE A CD1  1 
ATOM   67   H H    . ILE A 1 7   ? -12.561 13.714  0.719   1.00 20.00  ? 122 ILE A H    1 
ATOM   68   N N    . ALA A 1 8   ? -10.975 10.825  -1.460  1.00 14.99  ? 123 ALA A N    1 
ATOM   69   C CA   . ALA A 1 8   ? -10.748 9.424   -1.123  1.00 15.43  ? 123 ALA A CA   1 
ATOM   70   C C    . ALA A 1 8   ? -10.187 8.544   -2.255  1.00 16.33  ? 123 ALA A C    1 
ATOM   71   O O    . ALA A 1 8   ? -10.413 8.700   -3.452  1.00 15.24  ? 123 ALA A O    1 
ATOM   72   C CB   . ALA A 1 8   ? -12.045 8.788   -0.542  1.00 15.04  ? 123 ALA A CB   1 
ATOM   73   H H    . ALA A 1 8   ? -11.255 11.156  -2.364  1.00 20.00  ? 123 ALA A H    1 
ATOM   74   N N    . ALA A 1 9   ? -9.408  7.570   -1.828  1.00 14.09  ? 124 ALA A N    1 
ATOM   75   C CA   . ALA A 1 9   ? -8.930  6.639   -2.848  1.00 13.18  ? 124 ALA A CA   1 
ATOM   76   C C    . ALA A 1 9   ? -9.019  5.184   -2.414  1.00 12.63  ? 124 ALA A C    1 
ATOM   77   O O    . ALA A 1 9   ? -8.962  4.857   -1.239  1.00 15.58  ? 124 ALA A O    1 
ATOM   78   C CB   . ALA A 1 9   ? -7.493  6.995   -3.245  1.00 10.22  ? 124 ALA A CB   1 
ATOM   79   H H    . ALA A 1 9   ? -9.250  7.453   -0.845  1.00 20.00  ? 124 ALA A H    1 
ATOM   80   N N    . HIS A 1 10  ? -9.118  4.343   -3.422  1.00 10.87  ? 125 HIS A N    1 
ATOM   81   C CA   . HIS A 1 10  ? -8.949  2.908   -3.223  1.00 10.75  ? 125 HIS A CA   1 
ATOM   82   C C    . HIS A 1 10  ? -8.485  2.282   -4.548  1.00 12.28  ? 125 HIS A C    1 
ATOM   83   O O    . HIS A 1 10  ? -9.048  2.433   -5.608  1.00 13.10  ? 125 HIS A O    1 
ATOM   84   C CB   . HIS A 1 10  ? -10.237 2.266   -2.670  1.00 10.56  ? 125 HIS A CB   1 
ATOM   85   C CG   . HIS A 1 10  ? -9.971  0.815   -2.394  1.00 7.10   ? 125 HIS A CG   1 
ATOM   86   N ND1  . HIS A 1 10  ? -9.270  0.418   -1.355  1.00 5.82   ? 125 HIS A ND1  1 
ATOM   87   C CD2  . HIS A 1 10  ? -10.324 -0.306  -3.181  1.00 11.10  ? 125 HIS A CD2  1 
ATOM   88   C CE1  . HIS A 1 10  ? -9.179  -0.944  -1.413  1.00 4.53   ? 125 HIS A CE1  1 
ATOM   89   N NE2  . HIS A 1 10  ? -9.810  -1.376  -2.537  1.00 7.46   ? 125 HIS A NE2  1 
ATOM   90   H H    . HIS A 1 10  ? -9.189  4.720   -4.343  1.00 20.00  ? 125 HIS A H    1 
ATOM   91   H HD1  . HIS A 1 10  ? -8.755  1.021   -0.769  1.00 20.00  ? 125 HIS A HD1  1 
ATOM   92   N N    . VAL A 1 11  ? -7.364  1.607   -4.421  1.00 14.02  ? 126 VAL A N    1 
ATOM   93   C CA   . VAL A 1 11  ? -6.608  1.222   -5.592  1.00 13.72  ? 126 VAL A CA   1 
ATOM   94   C C    . VAL A 1 11  ? -6.163  -0.239  -5.461  1.00 16.55  ? 126 VAL A C    1 
ATOM   95   O O    . VAL A 1 11  ? -6.112  -0.821  -4.369  1.00 15.34  ? 126 VAL A O    1 
ATOM   96   C CB   . VAL A 1 11  ? -5.545  2.327   -5.735  1.00 11.75  ? 126 VAL A CB   1 
ATOM   97   C CG1  . VAL A 1 11  ? -4.172  2.211   -5.072  1.00 8.54   ? 126 VAL A CG1  1 
ATOM   98   C CG2  . VAL A 1 11  ? -5.597  2.822   -7.122  1.00 13.25  ? 126 VAL A CG2  1 
ATOM   99   H H    . VAL A 1 11  ? -6.974  1.553   -3.500  1.00 20.00  ? 126 VAL A H    1 
ATOM   100  N N    . ILE A 1 12  ? -5.967  -0.850  -6.621  1.00 16.48  ? 127 ILE A N    1 
ATOM   101  C CA   . ILE A 1 12  ? -5.893  -2.322  -6.647  1.00 14.30  ? 127 ILE A CA   1 
ATOM   102  C C    . ILE A 1 12  ? -4.499  -2.811  -6.996  1.00 17.71  ? 127 ILE A C    1 
ATOM   103  O O    . ILE A 1 12  ? -3.765  -2.251  -7.810  1.00 18.70  ? 127 ILE A O    1 
ATOM   104  C CB   . ILE A 1 12  ? -6.928  -2.785  -7.698  1.00 19.75  ? 127 ILE A CB   1 
ATOM   105  C CG1  . ILE A 1 12  ? -8.253  -3.031  -7.003  1.00 17.37  ? 127 ILE A CG1  1 
ATOM   106  C CG2  . ILE A 1 12  ? -6.570  -4.044  -8.514  1.00 18.66  ? 127 ILE A CG2  1 
ATOM   107  C CD1  . ILE A 1 12  ? -9.038  -1.742  -6.903  1.00 22.53  ? 127 ILE A CD1  1 
ATOM   108  H H    . ILE A 1 12  ? -6.019  -0.292  -7.454  1.00 20.00  ? 127 ILE A H    1 
ATOM   109  N N    . SER A 1 13  ? -4.147  -3.904  -6.354  1.00 15.84  ? 128 SER A N    1 
ATOM   110  C CA   . SER A 1 13  ? -2.796  -4.360  -6.725  1.00 15.09  ? 128 SER A CA   1 
ATOM   111  C C    . SER A 1 13  ? -2.445  -4.760  -8.177  1.00 14.19  ? 128 SER A C    1 
ATOM   112  O O    . SER A 1 13  ? -3.187  -5.380  -8.938  1.00 8.20   ? 128 SER A O    1 
ATOM   113  C CB   . SER A 1 13  ? -2.297  -5.479  -5.808  1.00 18.64  ? 128 SER A CB   1 
ATOM   114  O OG   . SER A 1 13  ? -2.666  -6.799  -6.255  1.00 20.42  ? 128 SER A OG   1 
ATOM   115  H H    . SER A 1 13  ? -4.743  -4.346  -5.679  1.00 20.00  ? 128 SER A H    1 
ATOM   116  H HG   . SER A 1 13  ? -2.343  -7.366  -5.559  1.00 20.00  ? 128 SER A HG   1 
ATOM   117  N N    . GLU A 1 14  ? -1.201  -4.399  -8.479  1.00 13.85  ? 129 GLU A N    1 
ATOM   118  C CA   . GLU A 1 14  ? -0.580  -5.051  -9.600  1.00 16.47  ? 129 GLU A CA   1 
ATOM   119  C C    . GLU A 1 14  ? 0.911   -5.310  -9.607  1.00 16.80  ? 129 GLU A C    1 
ATOM   120  O O    . GLU A 1 14  ? 1.707   -4.458  -9.284  1.00 21.17  ? 129 GLU A O    1 
ATOM   121  C CB   . GLU A 1 14  ? -0.965  -4.426  -10.906 1.00 19.32  ? 129 GLU A CB   1 
ATOM   122  C CG   . GLU A 1 14  ? -0.382  -3.098  -11.180 1.00 17.97  ? 129 GLU A CG   1 
ATOM   123  C CD   . GLU A 1 14  ? -0.732  -2.933  -12.626 1.00 22.65  ? 129 GLU A CD   1 
ATOM   124  O OE1  . GLU A 1 14  ? -1.901  -2.957  -12.993 1.00 32.91  ? 129 GLU A OE1  1 
ATOM   125  O OE2  . GLU A 1 14  ? 0.177   -2.793  -13.418 1.00 31.50  ? 129 GLU A OE2  1 
ATOM   126  H H    . GLU A 1 14  ? -0.756  -3.672  -7.956  1.00 20.00  ? 129 GLU A H    1 
ATOM   127  N N    . ALA A 1 15  ? 1.236   -6.542  -10.036 1.00 20.13  ? 130 ALA A N    1 
ATOM   128  C CA   . ALA A 1 15  ? 2.625   -6.965  -10.196 1.00 23.64  ? 130 ALA A CA   1 
ATOM   129  C C    . ALA A 1 15  ? 3.564   -5.980  -10.904 1.00 26.42  ? 130 ALA A C    1 
ATOM   130  O O    . ALA A 1 15  ? 3.333   -5.454  -11.991 1.00 28.29  ? 130 ALA A O    1 
ATOM   131  C CB   . ALA A 1 15  ? 2.773   -8.378  -10.813 1.00 19.96  ? 130 ALA A CB   1 
ATOM   132  H H    . ALA A 1 15  ? 0.516   -7.236  -9.979  1.00 20.00  ? 130 ALA A H    1 
ATOM   133  N N    . SER A 1 16  ? 4.668   -5.753  -10.174 1.00 22.30  ? 131 SER A N    1 
ATOM   134  C CA   . SER A 1 16  ? 5.754   -5.012  -10.841 1.00 20.17  ? 131 SER A CA   1 
ATOM   135  C C    . SER A 1 16  ? 6.491   -5.872  -11.838 1.00 17.41  ? 131 SER A C    1 
ATOM   136  O O    . SER A 1 16  ? 6.702   -7.071  -11.656 1.00 13.31  ? 131 SER A O    1 
ATOM   137  C CB   . SER A 1 16  ? 6.809   -4.424  -9.870  1.00 21.57  ? 131 SER A CB   1 
ATOM   138  O OG   . SER A 1 16  ? 7.656   -3.474  -10.519 1.00 15.69  ? 131 SER A OG   1 
ATOM   139  H H    . SER A 1 16  ? 4.740   -6.245  -9.307  1.00 20.00  ? 131 SER A H    1 
ATOM   140  H HG   . SER A 1 16  ? 8.309   -3.218  -9.865  1.00 20.00  ? 131 SER A HG   1 
ATOM   141  N N    . SER A 1 17  ? 6.883   -5.197  -12.900 1.00 18.69  ? 132 SER A N    1 
ATOM   142  C CA   . SER A 1 17  ? 7.849   -5.868  -13.793 1.00 20.71  ? 132 SER A CA   1 
ATOM   143  C C    . SER A 1 17  ? 9.316   -5.537  -13.559 1.00 19.57  ? 132 SER A C    1 
ATOM   144  O O    . SER A 1 17  ? 10.200  -6.111  -14.164 1.00 19.91  ? 132 SER A O    1 
ATOM   145  C CB   . SER A 1 17  ? 7.442   -5.756  -15.260 1.00 17.97  ? 132 SER A CB   1 
ATOM   146  O OG   . SER A 1 17  ? 7.616   -4.409  -15.616 1.00 25.27  ? 132 SER A OG   1 
ATOM   147  H H    . SER A 1 17  ? 6.510   -4.288  -13.062 1.00 20.00  ? 132 SER A H    1 
ATOM   148  H HG   . SER A 1 17  ? 7.201   -4.298  -16.466 1.00 20.00  ? 132 SER A HG   1 
ATOM   149  N N    . LYS A 1 18  ? 9.528   -4.654  -12.563 1.00 20.72  ? 133 LYS A N    1 
ATOM   150  C CA   . LYS A 1 18  ? 10.875  -4.301  -12.079 1.00 19.21  ? 133 LYS A CA   1 
ATOM   151  C C    . LYS A 1 18  ? 11.188  -4.824  -10.699 1.00 20.27  ? 133 LYS A C    1 
ATOM   152  O O    . LYS A 1 18  ? 10.294  -5.012  -9.895  1.00 17.95  ? 133 LYS A O    1 
ATOM   153  C CB   . LYS A 1 18  ? 11.009  -2.781  -12.066 1.00 23.08  ? 133 LYS A CB   1 
ATOM   154  C CG   . LYS A 1 18  ? 10.511  -2.144  -13.378 1.00 19.33  ? 133 LYS A CG   1 
ATOM   155  C CD   . LYS A 1 18  ? 11.676  -1.564  -14.141 1.00 25.35  ? 133 LYS A CD   1 
ATOM   156  C CE   . LYS A 1 18  ? 12.897  -2.516  -14.354 1.00 27.60  ? 133 LYS A CE   1 
ATOM   157  N NZ   . LYS A 1 18  ? 14.040  -1.779  -14.906 1.00 19.49  ? 133 LYS A NZ   1 
ATOM   158  H H    . LYS A 1 18  ? 8.705   -4.299  -12.117 1.00 20.00  ? 133 LYS A H    1 
ATOM   159  H HZ1  . LYS A 1 18  ? 14.288  -1.003  -14.260 1.00 20.00  ? 133 LYS A HZ1  1 
ATOM   160  H HZ2  . LYS A 1 18  ? 14.852  -2.417  -15.029 1.00 20.00  ? 133 LYS A HZ2  1 
ATOM   161  H HZ3  . LYS A 1 18  ? 13.774  -1.381  -15.829 1.00 20.00  ? 133 LYS A HZ3  1 
ATOM   162  N N    . THR A 1 19  ? 12.475  -5.032  -10.417 1.00 23.45  ? 134 THR A N    1 
ATOM   163  C CA   . THR A 1 19  ? 12.898  -5.286  -9.017  1.00 27.79  ? 134 THR A CA   1 
ATOM   164  C C    . THR A 1 19  ? 12.655  -4.137  -8.020  1.00 32.65  ? 134 THR A C    1 
ATOM   165  O O    . THR A 1 19  ? 13.097  -3.009  -8.225  1.00 37.08  ? 134 THR A O    1 
ATOM   166  C CB   . THR A 1 19  ? 14.381  -5.728  -8.894  1.00 24.85  ? 134 THR A CB   1 
ATOM   167  O OG1  . THR A 1 19  ? 14.614  -6.920  -9.657  1.00 24.94  ? 134 THR A OG1  1 
ATOM   168  C CG2  . THR A 1 19  ? 14.821  -5.999  -7.454  1.00 23.88  ? 134 THR A CG2  1 
ATOM   169  H H    . THR A 1 19  ? 13.062  -5.134  -11.220 1.00 20.00  ? 134 THR A H    1 
ATOM   170  H HG1  . THR A 1 19  ? 15.507  -7.180  -9.467  1.00 20.00  ? 134 THR A HG1  1 
ATOM   171  N N    . THR A 1 20  ? 11.900  -4.462  -6.962  1.00 35.34  ? 135 THR A N    1 
ATOM   172  C CA   . THR A 1 20  ? 10.663  -3.663  -6.740  1.00 35.90  ? 135 THR A CA   1 
ATOM   173  C C    . THR A 1 20  ? 10.785  -2.423  -5.844  1.00 31.07  ? 135 THR A C    1 
ATOM   174  O O    . THR A 1 20  ? 10.723  -1.282  -6.326  1.00 28.21  ? 135 THR A O    1 
ATOM   175  C CB   . THR A 1 20  ? 9.415   -4.609  -6.411  1.00 37.74  ? 135 THR A CB   1 
ATOM   176  O OG1  . THR A 1 20  ? 9.367   -5.835  -7.227  1.00 32.20  ? 135 THR A OG1  1 
ATOM   177  C CG2  . THR A 1 20  ? 8.056   -3.929  -6.523  1.00 36.75  ? 135 THR A CG2  1 
ATOM   178  H H    . THR A 1 20  ? 11.847  -5.447  -6.807  1.00 20.00  ? 135 THR A H    1 
ATOM   179  H HG1  . THR A 1 20  ? 8.446   -6.034  -7.345  1.00 20.00  ? 135 THR A HG1  1 
ATOM   180  N N    . SER A 1 21  ? 11.069  -2.637  -4.534  1.00 24.95  ? 136 SER A N    1 
ATOM   181  C CA   . SER A 1 21  ? 10.297  -3.388  -3.495  1.00 23.81  ? 136 SER A CA   1 
ATOM   182  C C    . SER A 1 21  ? 9.013   -2.723  -2.966  1.00 22.45  ? 136 SER A C    1 
ATOM   183  O O    . SER A 1 21  ? 8.209   -3.243  -2.204  1.00 22.51  ? 136 SER A O    1 
ATOM   184  C CB   . SER A 1 21  ? 11.114  -3.639  -2.254  1.00 21.49  ? 136 SER A CB   1 
ATOM   185  O OG   . SER A 1 21  ? 11.344  -2.399  -1.618  1.00 26.33  ? 136 SER A OG   1 
ATOM   186  H H    . SER A 1 21  ? 11.724  -1.934  -4.260  1.00 20.00  ? 136 SER A H    1 
ATOM   187  H HG   . SER A 1 21  ? 11.163  -2.517  -0.692  1.00 20.00  ? 136 SER A HG   1 
ATOM   188  N N    . VAL A 1 22  ? 8.837   -1.506  -3.506  1.00 22.39  ? 137 VAL A N    1 
ATOM   189  C CA   . VAL A 1 22  ? 7.529   -0.864  -3.464  1.00 17.80  ? 137 VAL A CA   1 
ATOM   190  C C    . VAL A 1 22  ? 6.464   -1.397  -4.409  1.00 15.93  ? 137 VAL A C    1 
ATOM   191  O O    . VAL A 1 22  ? 6.663   -1.599  -5.594  1.00 17.28  ? 137 VAL A O    1 
ATOM   192  C CB   . VAL A 1 22  ? 7.611   0.674   -3.435  1.00 19.34  ? 137 VAL A CB   1 
ATOM   193  C CG1  . VAL A 1 22  ? 9.022   1.156   -3.358  1.00 12.65  ? 137 VAL A CG1  1 
ATOM   194  C CG2  . VAL A 1 22  ? 6.768   1.441   -4.431  1.00 17.67  ? 137 VAL A CG2  1 
ATOM   195  H H    . VAL A 1 22  ? 9.616   -1.157  -4.021  1.00 20.00  ? 137 VAL A H    1 
ATOM   196  N N    . LEU A 1 23  ? 5.312   -1.620  -3.811  1.00 14.11  ? 138 LEU A N    1 
ATOM   197  C CA   . LEU A 1 23  ? 4.093   -2.054  -4.507  1.00 16.50  ? 138 LEU A CA   1 
ATOM   198  C C    . LEU A 1 23  ? 3.567   -1.175  -5.656  1.00 13.83  ? 138 LEU A C    1 
ATOM   199  O O    . LEU A 1 23  ? 3.557   0.034   -5.588  1.00 12.89  ? 138 LEU A O    1 
ATOM   200  C CB   . LEU A 1 23  ? 2.995   -2.372  -3.452  1.00 12.88  ? 138 LEU A CB   1 
ATOM   201  C CG   . LEU A 1 23  ? 3.429   -3.435  -2.419  1.00 15.02  ? 138 LEU A CG   1 
ATOM   202  C CD1  . LEU A 1 23  ? 2.264   -3.982  -1.547  1.00 10.85  ? 138 LEU A CD1  1 
ATOM   203  C CD2  . LEU A 1 23  ? 4.217   -4.546  -3.131  1.00 17.50  ? 138 LEU A CD2  1 
ATOM   204  H H    . LEU A 1 23  ? 5.287   -1.370  -2.841  1.00 20.00  ? 138 LEU A H    1 
ATOM   205  N N    . GLN A 1 24  ? 3.130   -1.856  -6.715  1.00 12.14  ? 139 GLN A N    1 
ATOM   206  C CA   . GLN A 1 24  ? 2.477   -1.114  -7.770  1.00 14.26  ? 139 GLN A CA   1 
ATOM   207  C C    . GLN A 1 24  ? 0.969   -1.307  -7.685  1.00 14.05  ? 139 GLN A C    1 
ATOM   208  O O    . GLN A 1 24  ? 0.470   -2.307  -7.169  1.00 14.34  ? 139 GLN A O    1 
ATOM   209  C CB   . GLN A 1 24  ? 2.985   -1.506  -9.195  1.00 13.52  ? 139 GLN A CB   1 
ATOM   210  C CG   . GLN A 1 24  ? 4.527   -1.500  -9.306  1.00 20.04  ? 139 GLN A CG   1 
ATOM   211  C CD   . GLN A 1 24  ? 5.168   -0.108  -9.162  1.00 20.53  ? 139 GLN A CD   1 
ATOM   212  O OE1  . GLN A 1 24  ? 4.926   0.782   -9.966  1.00 24.46  ? 139 GLN A OE1  1 
ATOM   213  N NE2  . GLN A 1 24  ? 6.040   0.050   -8.147  1.00 17.18  ? 139 GLN A NE2  1 
ATOM   214  H H    . GLN A 1 24  ? 3.200   -2.854  -6.740  1.00 20.00  ? 139 GLN A H    1 
ATOM   215  H HE21 . GLN A 1 24  ? 6.519   0.922   -8.245  1.00 20.00  ? 139 GLN A HE21 1 
ATOM   216  H HE22 . GLN A 1 24  ? 6.230   -0.580  -7.393  1.00 20.00  ? 139 GLN A HE22 1 
ATOM   217  N N    . TRP A 1 25  ? 0.249   -0.312  -8.202  1.00 13.06  ? 140 TRP A N    1 
ATOM   218  C CA   . TRP A 1 25  ? -1.219  -0.287  -8.093  1.00 14.69  ? 140 TRP A CA   1 
ATOM   219  C C    . TRP A 1 25  ? -1.858  0.080   -9.395  1.00 14.89  ? 140 TRP A C    1 
ATOM   220  O O    . TRP A 1 25  ? -1.232  0.675   -10.256 1.00 15.62  ? 140 TRP A O    1 
ATOM   221  C CB   . TRP A 1 25  ? -1.685  0.703   -7.021  1.00 14.75  ? 140 TRP A CB   1 
ATOM   222  C CG   . TRP A 1 25  ? -0.962  0.443   -5.710  1.00 8.29   ? 140 TRP A CG   1 
ATOM   223  C CD1  . TRP A 1 25  ? 0.144   1.147   -5.259  1.00 10.51  ? 140 TRP A CD1  1 
ATOM   224  C CD2  . TRP A 1 25  ? -1.189  -0.578  -4.729  1.00 8.96   ? 140 TRP A CD2  1 
ATOM   225  N NE1  . TRP A 1 25  ? 0.617   0.627   -4.096  1.00 12.04  ? 140 TRP A NE1  1 
ATOM   226  C CE2  . TRP A 1 25  ? -0.184  -0.442  -3.731  1.00 6.78   ? 140 TRP A CE2  1 
ATOM   227  C CE3  . TRP A 1 25  ? -2.187  -1.568  -4.581  1.00 9.18   ? 140 TRP A CE3  1 
ATOM   228  C CZ2  . TRP A 1 25  ? -0.140  -1.321  -2.625  1.00 8.36   ? 140 TRP A CZ2  1 
ATOM   229  C CZ3  . TRP A 1 25  ? -2.154  -2.433  -3.476  1.00 14.86  ? 140 TRP A CZ3  1 
ATOM   230  C CH2  . TRP A 1 25  ? -1.132  -2.314  -2.501  1.00 12.48  ? 140 TRP A CH2  1 
ATOM   231  H H    . TRP A 1 25  ? 0.741   0.389   -8.704  1.00 20.00  ? 140 TRP A H    1 
ATOM   232  H HE1  . TRP A 1 25  ? 1.397   0.977   -3.606  1.00 20.00  ? 140 TRP A HE1  1 
ATOM   233  N N    . ALA A 1 26  ? -3.135  -0.244  -9.508  1.00 16.39  ? 141 ALA A N    1 
ATOM   234  C CA   . ALA A 1 26  ? -3.827  0.353   -10.629 1.00 15.78  ? 141 ALA A CA   1 
ATOM   235  C C    . ALA A 1 26  ? -5.194  0.932   -10.276 1.00 15.50  ? 141 ALA A C    1 
ATOM   236  O O    . ALA A 1 26  ? -5.805  0.591   -9.297  1.00 14.94  ? 141 ALA A O    1 
ATOM   237  C CB   . ALA A 1 26  ? -3.966  -0.639  -11.806 1.00 17.39  ? 141 ALA A CB   1 
ATOM   238  H H    . ALA A 1 26  ? -3.599  -0.779  -8.818  1.00 20.00  ? 141 ALA A H    1 
ATOM   239  N N    . GLU A 1 27  ? -5.642  1.818   -11.153 1.00 16.72  ? 142 GLU A N    1 
ATOM   240  C CA   . GLU A 1 27  ? -7.044  2.200   -11.038 1.00 23.19  ? 142 GLU A CA   1 
ATOM   241  C C    . GLU A 1 27  ? -7.869  1.266   -11.883 1.00 27.54  ? 142 GLU A C    1 
ATOM   242  O O    . GLU A 1 27  ? -8.311  1.525   -12.988 1.00 29.61  ? 142 GLU A O    1 
ATOM   243  C CB   . GLU A 1 27  ? -7.205  3.675   -11.419 1.00 21.93  ? 142 GLU A CB   1 
ATOM   244  C CG   . GLU A 1 27  ? -6.627  4.561   -10.327 1.00 22.93  ? 142 GLU A CG   1 
ATOM   245  C CD   . GLU A 1 27  ? -6.139  5.870   -10.882 1.00 28.06  ? 142 GLU A CD   1 
ATOM   246  O OE1  . GLU A 1 27  ? -4.999  5.927   -11.326 1.00 40.70  ? 142 GLU A OE1  1 
ATOM   247  O OE2  . GLU A 1 27  ? -6.881  6.834   -10.866 1.00 25.48  ? 142 GLU A OE2  1 
ATOM   248  H H    . GLU A 1 27  ? -5.144  2.058   -11.983 1.00 20.00  ? 142 GLU A H    1 
ATOM   249  N N    . LYS A 1 28  ? -7.963  0.057   -11.266 1.00 29.49  ? 143 LYS A N    1 
ATOM   250  C CA   . LYS A 1 28  ? -8.831  -0.937  -11.925 1.00 30.46  ? 143 LYS A CA   1 
ATOM   251  C C    . LYS A 1 28  ? -9.673  -1.686  -10.921 1.00 27.81  ? 143 LYS A C    1 
ATOM   252  O O    . LYS A 1 28  ? -9.635  -1.434  -9.721  1.00 25.76  ? 143 LYS A O    1 
ATOM   253  C CB   . LYS A 1 28  ? -7.970  -1.832  -12.819 1.00 32.56  ? 143 LYS A CB   1 
ATOM   254  C CG   . LYS A 1 28  ? -6.966  -2.602  -11.994 1.00 38.80  ? 143 LYS A CG   1 
ATOM   255  C CD   . LYS A 1 28  ? -5.988  -3.481  -12.769 1.00 45.98  ? 143 LYS A CD   1 
ATOM   256  C CE   . LYS A 1 28  ? -5.032  -4.169  -11.783 1.00 45.08  ? 143 LYS A CE   1 
ATOM   257  N NZ   . LYS A 1 28  ? -3.996  -4.890  -12.523 1.00 49.32  ? 143 LYS A NZ   1 
ATOM   258  H H    . LYS A 1 28  ? -7.511  -0.070  -10.384 1.00 20.00  ? 143 LYS A H    1 
ATOM   259  H HZ1  . LYS A 1 28  ? -4.401  -5.256  -13.405 1.00 20.00  ? 143 LYS A HZ1  1 
ATOM   260  H HZ2  . LYS A 1 28  ? -3.215  -4.245  -12.730 1.00 20.00  ? 143 LYS A HZ2  1 
ATOM   261  H HZ3  . LYS A 1 28  ? -3.630  -5.666  -11.937 1.00 20.00  ? 143 LYS A HZ3  1 
ATOM   262  N N    . GLY A 1 29  ? -10.471 -2.611  -11.465 1.00 28.67  ? 144 GLY A N    1 
ATOM   263  C CA   . GLY A 1 29  ? -11.392 -3.320  -10.554 1.00 27.22  ? 144 GLY A CA   1 
ATOM   264  C C    . GLY A 1 29  ? -12.251 -2.408  -9.647  1.00 25.90  ? 144 GLY A C    1 
ATOM   265  O O    . GLY A 1 29  ? -12.762 -1.393  -10.109 1.00 22.06  ? 144 GLY A O    1 
ATOM   266  H H    . GLY A 1 29  ? -10.526 -2.715  -12.458 1.00 20.00  ? 144 GLY A H    1 
ATOM   267  N N    . TYR A 1 30  ? -12.335 -2.771  -8.368  1.00 23.89  ? 145 TYR A N    1 
ATOM   268  C CA   . TYR A 1 30  ? -13.149 -1.881  -7.543  1.00 27.91  ? 145 TYR A CA   1 
ATOM   269  C C    . TYR A 1 30  ? -12.652 -0.529  -7.054  1.00 21.63  ? 145 TYR A C    1 
ATOM   270  O O    . TYR A 1 30  ? -12.760 -0.171  -5.892  1.00 25.76  ? 145 TYR A O    1 
ATOM   271  C CB   . TYR A 1 30  ? -13.788 -2.619  -6.375  1.00 39.59  ? 145 TYR A CB   1 
ATOM   272  C CG   . TYR A 1 30  ? -14.610 -3.667  -7.003  1.00 54.07  ? 145 TYR A CG   1 
ATOM   273  C CD1  . TYR A 1 30  ? -15.820 -3.326  -7.665  1.00 57.56  ? 145 TYR A CD1  1 
ATOM   274  C CD2  . TYR A 1 30  ? -14.040 -4.977  -7.054  1.00 61.01  ? 145 TYR A CD2  1 
ATOM   275  C CE1  . TYR A 1 30  ? -16.275 -4.247  -8.626  1.00 66.88  ? 145 TYR A CE1  1 
ATOM   276  C CE2  . TYR A 1 30  ? -14.547 -5.859  -8.027  1.00 69.18  ? 145 TYR A CE2  1 
ATOM   277  C CZ   . TYR A 1 30  ? -15.613 -5.482  -8.834  1.00 70.61  ? 145 TYR A CZ   1 
ATOM   278  O OH   . TYR A 1 30  ? -16.012 -6.286  -9.894  1.00 77.69  ? 145 TYR A OH   1 
ATOM   279  H H    . TYR A 1 30  ? -11.790 -3.519  -8.006  1.00 20.00  ? 145 TYR A H    1 
ATOM   280  H HH   . TYR A 1 30  ? -15.679 -7.169  -9.738  1.00 20.00  ? 145 TYR A HH   1 
ATOM   281  N N    . TYR A 1 31  ? -12.149 0.226   -8.026  1.00 20.89  ? 146 TYR A N    1 
ATOM   282  C CA   . TYR A 1 31  ? -11.373 1.335   -7.544  1.00 19.70  ? 146 TYR A CA   1 
ATOM   283  C C    . TYR A 1 31  ? -12.115 2.645   -7.300  1.00 18.21  ? 146 TYR A C    1 
ATOM   284  O O    . TYR A 1 31  ? -13.206 2.893   -7.784  1.00 17.04  ? 146 TYR A O    1 
ATOM   285  C CB   . TYR A 1 31  ? -10.111 1.427   -8.400  1.00 22.87  ? 146 TYR A CB   1 
ATOM   286  C CG   . TYR A 1 31  ? -10.447 2.207   -9.626  1.00 24.61  ? 146 TYR A CG   1 
ATOM   287  C CD1  . TYR A 1 31  ? -11.120 1.597   -10.716 1.00 26.66  ? 146 TYR A CD1  1 
ATOM   288  C CD2  . TYR A 1 31  ? -10.116 3.569   -9.584  1.00 24.88  ? 146 TYR A CD2  1 
ATOM   289  C CE1  . TYR A 1 31  ? -11.596 2.417   -11.753 1.00 27.29  ? 146 TYR A CE1  1 
ATOM   290  C CE2  . TYR A 1 31  ? -10.573 4.387   -10.619 1.00 29.25  ? 146 TYR A CE2  1 
ATOM   291  C CZ   . TYR A 1 31  ? -11.352 3.814   -11.663 1.00 29.10  ? 146 TYR A CZ   1 
ATOM   292  O OH   . TYR A 1 31  ? -11.904 4.676   -12.603 1.00 33.45  ? 146 TYR A OH   1 
ATOM   293  H H    . TYR A 1 31  ? -12.110 -0.090  -8.978  1.00 20.00  ? 146 TYR A H    1 
ATOM   294  H HH   . TYR A 1 31  ? -11.478 5.518   -12.533 1.00 20.00  ? 146 TYR A HH   1 
ATOM   295  N N    . THR A 1 32  ? -11.461 3.480   -6.527  1.00 17.60  ? 147 THR A N    1 
ATOM   296  C CA   . THR A 1 32  ? -11.953 4.806   -6.214  1.00 13.90  ? 147 THR A CA   1 
ATOM   297  C C    . THR A 1 32  ? -10.819 5.774   -6.369  1.00 14.07  ? 147 THR A C    1 
ATOM   298  O O    . THR A 1 32  ? -9.711  5.510   -5.969  1.00 14.54  ? 147 THR A O    1 
ATOM   299  C CB   . THR A 1 32  ? -12.516 4.922   -4.771  1.00 13.27  ? 147 THR A CB   1 
ATOM   300  O OG1  . THR A 1 32  ? -13.597 4.002   -4.587  1.00 12.51  ? 147 THR A OG1  1 
ATOM   301  C CG2  . THR A 1 32  ? -13.013 6.333   -4.457  1.00 9.43   ? 147 THR A CG2  1 
ATOM   302  H H    . THR A 1 32  ? -10.603 3.138   -6.146  1.00 20.00  ? 147 THR A H    1 
ATOM   303  H HG1  . THR A 1 32  ? -13.559 3.739   -3.671  1.00 20.00  ? 147 THR A HG1  1 
ATOM   304  N N    . MET A 1 33  ? -11.177 6.895   -6.968  1.00 17.99  ? 148 MET A N    1 
ATOM   305  C CA   . MET A 1 33  ? -10.322 8.083   -6.965  1.00 18.70  ? 148 MET A CA   1 
ATOM   306  C C    . MET A 1 33  ? -11.209 9.351   -6.992  1.00 20.93  ? 148 MET A C    1 
ATOM   307  O O    . MET A 1 33  ? -11.601 9.871   -8.032  1.00 22.35  ? 148 MET A O    1 
ATOM   308  C CB   . MET A 1 33  ? -9.397  7.994   -8.167  1.00 14.93  ? 148 MET A CB   1 
ATOM   309  C CG   . MET A 1 33  ? -8.232  8.975   -8.022  1.00 13.35  ? 148 MET A CG   1 
ATOM   310  S SD   . MET A 1 33  ? -7.024  8.539   -6.769  1.00 14.33  ? 148 MET A SD   1 
ATOM   311  C CE   . MET A 1 33  ? -6.646  6.857   -7.229  1.00 11.00  ? 148 MET A CE   1 
ATOM   312  H H    . MET A 1 33  ? -12.054 6.835   -7.446  1.00 20.00  ? 148 MET A H    1 
ATOM   313  N N    . SER A 1 34  ? -11.658 9.776   -5.805  1.00 21.41  ? 149 SER A N    1 
ATOM   314  C CA   . SER A 1 34  ? -12.946 10.527  -5.856  1.00 19.77  ? 149 SER A CA   1 
ATOM   315  C C    . SER A 1 34  ? -13.019 11.885  -6.535  1.00 21.15  ? 149 SER A C    1 
ATOM   316  O O    . SER A 1 34  ? -14.086 12.462  -6.680  1.00 22.55  ? 149 SER A O    1 
ATOM   317  C CB   . SER A 1 34  ? -13.597 10.744  -4.498  1.00 12.68  ? 149 SER A CB   1 
ATOM   318  O OG   . SER A 1 34  ? -12.680 11.476  -3.714  1.00 13.14  ? 149 SER A OG   1 
ATOM   319  H H    . SER A 1 34  ? -11.247 9.490   -4.938  1.00 20.00  ? 149 SER A H    1 
ATOM   320  H HG   . SER A 1 34  ? -13.242 12.025  -3.192  1.00 20.00  ? 149 SER A HG   1 
ATOM   321  N N    . ASN A 1 35  ? -11.821 12.383  -6.884  1.00 21.69  ? 150 ASN A N    1 
ATOM   322  C CA   . ASN A 1 35  ? -11.624 13.717  -7.454  1.00 19.96  ? 150 ASN A CA   1 
ATOM   323  C C    . ASN A 1 35  ? -10.168 13.934  -7.836  1.00 21.18  ? 150 ASN A C    1 
ATOM   324  O O    . ASN A 1 35  ? -9.268  13.176  -7.470  1.00 18.99  ? 150 ASN A O    1 
ATOM   325  C CB   . ASN A 1 35  ? -12.235 14.848  -6.556  1.00 22.40  ? 150 ASN A CB   1 
ATOM   326  C CG   . ASN A 1 35  ? -11.616 15.071  -5.157  1.00 21.53  ? 150 ASN A CG   1 
ATOM   327  O OD1  . ASN A 1 35  ? -10.422 15.063  -4.977  1.00 17.13  ? 150 ASN A OD1  1 
ATOM   328  N ND2  . ASN A 1 35  ? -12.434 15.386  -4.171  1.00 23.70  ? 150 ASN A ND2  1 
ATOM   329  H H    . ASN A 1 35  ? -11.043 11.769  -6.761  1.00 20.00  ? 150 ASN A H    1 
ATOM   330  H HD21 . ASN A 1 35  ? -12.005 15.596  -3.297  1.00 20.00  ? 150 ASN A HD21 1 
ATOM   331  H HD22 . ASN A 1 35  ? -13.415 15.376  -4.296  1.00 20.00  ? 150 ASN A HD22 1 
ATOM   332  N N    . ASN A 1 36  ? -9.947  15.035  -8.555  1.00 22.56  ? 151 ASN A N    1 
ATOM   333  C CA   . ASN A 1 36  ? -8.535  15.449  -8.845  1.00 24.55  ? 151 ASN A CA   1 
ATOM   334  C C    . ASN A 1 36  ? -7.520  15.791  -7.718  1.00 22.95  ? 151 ASN A C    1 
ATOM   335  O O    . ASN A 1 36  ? -6.370  16.032  -7.995  1.00 21.13  ? 151 ASN A O    1 
ATOM   336  C CB   . ASN A 1 36  ? -8.488  16.573  -9.923  1.00 28.69  ? 151 ASN A CB   1 
ATOM   337  C CG   . ASN A 1 36  ? -9.028  17.937  -9.471  1.00 33.15  ? 151 ASN A CG   1 
ATOM   338  O OD1  . ASN A 1 36  ? -9.390  18.782  -10.257 1.00 40.06  ? 151 ASN A OD1  1 
ATOM   339  N ND2  . ASN A 1 36  ? -9.112  18.232  -8.191  1.00 39.38  ? 151 ASN A ND2  1 
ATOM   340  H H    . ASN A 1 36  ? -10.745 15.495  -8.949  1.00 20.00  ? 151 ASN A H    1 
ATOM   341  H HD21 . ASN A 1 36  ? -9.498  19.154  -8.267  1.00 20.00  ? 151 ASN A HD21 1 
ATOM   342  H HD22 . ASN A 1 36  ? -8.863  17.778  -7.346  1.00 20.00  ? 151 ASN A HD22 1 
ATOM   343  N N    . LEU A 1 37  ? -8.010  15.849  -6.457  1.00 22.88  ? 152 LEU A N    1 
ATOM   344  C CA   . LEU A 1 37  ? -7.197  16.117  -5.252  1.00 18.83  ? 152 LEU A CA   1 
ATOM   345  C C    . LEU A 1 37  ? -6.592  14.905  -4.554  1.00 17.40  ? 152 LEU A C    1 
ATOM   346  O O    . LEU A 1 37  ? -5.809  15.017  -3.613  1.00 13.02  ? 152 LEU A O    1 
ATOM   347  C CB   . LEU A 1 37  ? -8.035  16.812  -4.208  1.00 21.33  ? 152 LEU A CB   1 
ATOM   348  C CG   . LEU A 1 37  ? -8.754  18.059  -4.707  1.00 23.56  ? 152 LEU A CG   1 
ATOM   349  C CD1  . LEU A 1 37  ? -9.521  18.641  -3.507  1.00 22.44  ? 152 LEU A CD1  1 
ATOM   350  C CD2  . LEU A 1 37  ? -7.789  19.061  -5.379  1.00 19.52  ? 152 LEU A CD2  1 
ATOM   351  H H    . LEU A 1 37  ? -8.926  15.482  -6.298  1.00 20.00  ? 152 LEU A H    1 
ATOM   352  N N    . VAL A 1 38  ? -6.982  13.739  -5.082  1.00 17.24  ? 153 VAL A N    1 
ATOM   353  C CA   . VAL A 1 38  ? -6.072  12.598  -5.013  1.00 15.50  ? 153 VAL A CA   1 
ATOM   354  C C    . VAL A 1 38  ? -5.753  12.068  -6.383  1.00 13.21  ? 153 VAL A C    1 
ATOM   355  O O    . VAL A 1 38  ? -6.575  12.000  -7.293  1.00 12.83  ? 153 VAL A O    1 
ATOM   356  C CB   . VAL A 1 38  ? -6.539  11.368  -4.183  1.00 12.57  ? 153 VAL A CB   1 
ATOM   357  C CG1  . VAL A 1 38  ? -6.004  11.417  -2.806  1.00 14.02  ? 153 VAL A CG1  1 
ATOM   358  C CG2  . VAL A 1 38  ? -8.027  11.084  -4.237  1.00 16.21  ? 153 VAL A CG2  1 
ATOM   359  H H    . VAL A 1 38  ? -7.761  13.735  -5.712  1.00 20.00  ? 153 VAL A H    1 
ATOM   360  N N    . THR A 1 39  ? -4.520  11.641  -6.465  1.00 11.91  ? 154 THR A N    1 
ATOM   361  C CA   . THR A 1 39  ? -4.092  10.847  -7.614  1.00 15.57  ? 154 THR A CA   1 
ATOM   362  C C    . THR A 1 39  ? -3.106  9.703   -7.245  1.00 17.42  ? 154 THR A C    1 
ATOM   363  O O    . THR A 1 39  ? -2.236  9.694   -6.368  1.00 17.03  ? 154 THR A O    1 
ATOM   364  C CB   . THR A 1 39  ? -3.370  11.708  -8.694  1.00 18.52  ? 154 THR A CB   1 
ATOM   365  O OG1  . THR A 1 39  ? -2.275  12.403  -8.106  1.00 19.69  ? 154 THR A OG1  1 
ATOM   366  C CG2  . THR A 1 39  ? -4.219  12.748  -9.390  1.00 20.24  ? 154 THR A CG2  1 
ATOM   367  H H    . THR A 1 39  ? -3.877  11.987  -5.773  1.00 20.00  ? 154 THR A H    1 
ATOM   368  H HG1  . THR A 1 39  ? -2.050  13.103  -8.702  1.00 20.00  ? 154 THR A HG1  1 
ATOM   369  N N    . LEU A 1 40  ? -3.297  8.682   -8.058  1.00 17.42  ? 155 LEU A N    1 
ATOM   370  C CA   . LEU A 1 40  ? -2.254  7.663   -8.132  1.00 18.99  ? 155 LEU A CA   1 
ATOM   371  C C    . LEU A 1 40  ? -1.108  8.114   -9.065  1.00 20.72  ? 155 LEU A C    1 
ATOM   372  O O    . LEU A 1 40  ? -1.243  8.142   -10.288 1.00 20.40  ? 155 LEU A O    1 
ATOM   373  C CB   . LEU A 1 40  ? -2.967  6.381   -8.587  1.00 18.13  ? 155 LEU A CB   1 
ATOM   374  C CG   . LEU A 1 40  ? -2.474  4.952   -8.256  1.00 21.75  ? 155 LEU A CG   1 
ATOM   375  C CD1  . LEU A 1 40  ? -2.599  4.090   -9.520  1.00 13.15  ? 155 LEU A CD1  1 
ATOM   376  C CD2  . LEU A 1 40  ? -1.174  4.806   -7.447  1.00 17.07  ? 155 LEU A CD2  1 
ATOM   377  H H    . LEU A 1 40  ? -4.136  8.687   -8.586  1.00 20.00  ? 155 LEU A H    1 
ATOM   378  N N    . GLU A 1 41  ? 0.014   8.506   -8.455  1.00 20.41  ? 156 GLU A N    1 
ATOM   379  C CA   . GLU A 1 41  ? 1.184   8.837   -9.290  1.00 20.35  ? 156 GLU A CA   1 
ATOM   380  C C    . GLU A 1 41  ? 2.152   7.677   -9.431  1.00 24.25  ? 156 GLU A C    1 
ATOM   381  O O    . GLU A 1 41  ? 2.503   6.972   -8.506  1.00 22.05  ? 156 GLU A O    1 
ATOM   382  C CB   . GLU A 1 41  ? 2.011   10.012  -8.777  1.00 17.72  ? 156 GLU A CB   1 
ATOM   383  C CG   . GLU A 1 41  ? 1.197   11.216  -8.339  1.00 25.09  ? 156 GLU A CG   1 
ATOM   384  C CD   . GLU A 1 41  ? 0.586   12.073  -9.452  1.00 29.12  ? 156 GLU A CD   1 
ATOM   385  O OE1  . GLU A 1 41  ? 0.661   11.741  -10.642 1.00 31.78  ? 156 GLU A OE1  1 
ATOM   386  O OE2  . GLU A 1 41  ? 0.029   13.120  -9.108  1.00 34.02  ? 156 GLU A OE2  1 
ATOM   387  H H    . GLU A 1 41  ? -0.007  8.462   -7.454  1.00 20.00  ? 156 GLU A H    1 
ATOM   388  N N    . ASN A 1 42  ? 2.598   7.453   -10.644 1.00 28.87  ? 157 ASN A N    1 
ATOM   389  C CA   . ASN A 1 42  ? 3.608   6.409   -10.580 1.00 32.11  ? 157 ASN A CA   1 
ATOM   390  C C    . ASN A 1 42  ? 5.044   6.976   -10.480 1.00 34.99  ? 157 ASN A C    1 
ATOM   391  O O    . ASN A 1 42  ? 5.501   7.596   -11.423 1.00 35.98  ? 157 ASN A O    1 
ATOM   392  C CB   . ASN A 1 42  ? 3.303   5.402   -11.677 1.00 30.98  ? 157 ASN A CB   1 
ATOM   393  C CG   . ASN A 1 42  ? 3.978   4.135   -11.251 1.00 26.28  ? 157 ASN A CG   1 
ATOM   394  O OD1  . ASN A 1 42  ? 4.440   4.008   -10.163 1.00 25.25  ? 157 ASN A OD1  1 
ATOM   395  N ND2  . ASN A 1 42  ? 4.086   3.150   -12.103 1.00 38.61  ? 157 ASN A ND2  1 
ATOM   396  H H    . ASN A 1 42  ? 2.372   8.037   -11.419 1.00 20.00  ? 157 ASN A H    1 
ATOM   397  H HD21 . ASN A 1 42  ? 4.527   2.433   -11.552 1.00 20.00  ? 157 ASN A HD21 1 
ATOM   398  H HD22 . ASN A 1 42  ? 3.790   3.093   -13.045 1.00 20.00  ? 157 ASN A HD22 1 
ATOM   399  N N    . GLY A 1 43  ? 5.746   6.823   -9.314  1.00 38.57  ? 158 GLY A N    1 
ATOM   400  C CA   . GLY A 1 43  ? 5.302   6.157   -8.051  1.00 35.58  ? 158 GLY A CA   1 
ATOM   401  C C    . GLY A 1 43  ? 5.637   4.663   -7.747  1.00 34.15  ? 158 GLY A C    1 
ATOM   402  O O    . GLY A 1 43  ? 6.825   4.341   -7.722  1.00 36.03  ? 158 GLY A O    1 
ATOM   403  H H    . GLY A 1 43  ? 6.672   7.168   -9.460  1.00 20.00  ? 158 GLY A H    1 
ATOM   404  N N    . LYS A 1 44  ? 4.603   3.774   -7.498  1.00 30.62  ? 159 LYS A N    1 
ATOM   405  C CA   . LYS A 1 44  ? 3.155   4.147   -7.416  1.00 23.96  ? 159 LYS A CA   1 
ATOM   406  C C    . LYS A 1 44  ? 2.775   4.529   -6.009  1.00 24.30  ? 159 LYS A C    1 
ATOM   407  O O    . LYS A 1 44  ? 3.043   3.857   -5.011  1.00 27.07  ? 159 LYS A O    1 
ATOM   408  C CB   . LYS A 1 44  ? 2.102   3.118   -7.727  1.00 22.08  ? 159 LYS A CB   1 
ATOM   409  C CG   . LYS A 1 44  ? 2.012   2.370   -9.022  1.00 17.82  ? 159 LYS A CG   1 
ATOM   410  C CD   . LYS A 1 44  ? 1.089   2.997   -10.054 1.00 31.81  ? 159 LYS A CD   1 
ATOM   411  C CE   . LYS A 1 44  ? 1.065   2.264   -11.432 1.00 38.34  ? 159 LYS A CE   1 
ATOM   412  N NZ   . LYS A 1 44  ? 1.138   0.779   -11.386 1.00 43.26  ? 159 LYS A NZ   1 
ATOM   413  H H    . LYS A 1 44  ? 4.951   2.843   -7.413  1.00 20.00  ? 159 LYS A H    1 
ATOM   414  H HZ1  . LYS A 1 44  ? 0.386   0.381   -10.801 1.00 20.00  ? 159 LYS A HZ1  1 
ATOM   415  H HZ2  . LYS A 1 44  ? 1.055   0.401   -12.353 1.00 20.00  ? 159 LYS A HZ2  1 
ATOM   416  H HZ3  . LYS A 1 44  ? 2.054   0.500   -10.986 1.00 20.00  ? 159 LYS A HZ3  1 
ATOM   417  N N    . GLN A 1 45  ? 2.167   5.719   -5.983  1.00 20.65  ? 160 GLN A N    1 
ATOM   418  C CA   . GLN A 1 45  ? 1.873   6.332   -4.695  1.00 14.74  ? 160 GLN A CA   1 
ATOM   419  C C    . GLN A 1 45  ? 0.602   7.090   -4.751  1.00 13.94  ? 160 GLN A C    1 
ATOM   420  O O    . GLN A 1 45  ? 0.212   7.532   -5.819  1.00 13.72  ? 160 GLN A O    1 
ATOM   421  C CB   . GLN A 1 45  ? 3.031   7.221   -4.281  1.00 17.04  ? 160 GLN A CB   1 
ATOM   422  C CG   . GLN A 1 45  ? 3.194   8.318   -5.318  1.00 21.18  ? 160 GLN A CG   1 
ATOM   423  C CD   . GLN A 1 45  ? 4.663   8.664   -5.452  1.00 29.09  ? 160 GLN A CD   1 
ATOM   424  O OE1  . GLN A 1 45  ? 5.037   9.735   -5.883  1.00 33.40  ? 160 GLN A OE1  1 
ATOM   425  N NE2  . GLN A 1 45  ? 5.550   7.743   -5.131  1.00 32.16  ? 160 GLN A NE2  1 
ATOM   426  H H    . GLN A 1 45  ? 2.012   6.200   -6.848  1.00 20.00  ? 160 GLN A H    1 
ATOM   427  H HE21 . GLN A 1 45  ? 6.453   8.133   -5.314  1.00 20.00  ? 160 GLN A HE21 1 
ATOM   428  H HE22 . GLN A 1 45  ? 5.415   6.828   -4.777  1.00 20.00  ? 160 GLN A HE22 1 
ATOM   429  N N    . LEU A 1 46  ? -0.020  7.214   -3.563  1.00 11.78  ? 161 LEU A N    1 
ATOM   430  C CA   . LEU A 1 46  ? -1.169  8.114   -3.532  1.00 9.93   ? 161 LEU A CA   1 
ATOM   431  C C    . LEU A 1 46  ? -0.745  9.517   -3.079  1.00 9.60   ? 161 LEU A C    1 
ATOM   432  O O    . LEU A 1 46  ? -0.263  9.748   -1.979  1.00 11.84  ? 161 LEU A O    1 
ATOM   433  C CB   . LEU A 1 46  ? -2.321  7.553   -2.690  1.00 5.06   ? 161 LEU A CB   1 
ATOM   434  C CG   . LEU A 1 46  ? -2.923  6.223   -3.122  1.00 7.83   ? 161 LEU A CG   1 
ATOM   435  C CD1  . LEU A 1 46  ? -3.730  5.680   -1.956  1.00 3.83   ? 161 LEU A CD1  1 
ATOM   436  C CD2  . LEU A 1 46  ? -3.815  6.313   -4.341  1.00 7.76   ? 161 LEU A CD2  1 
ATOM   437  H H    . LEU A 1 46  ? 0.433   6.831   -2.755  1.00 20.00  ? 161 LEU A H    1 
ATOM   438  N N    . THR A 1 47  ? -0.949  10.450  -4.008  1.00 15.05  ? 162 THR A N    1 
ATOM   439  C CA   . THR A 1 47  ? -0.697  11.913  -3.842  1.00 14.75  ? 162 THR A CA   1 
ATOM   440  C C    . THR A 1 47  ? -1.930  12.819  -3.601  1.00 11.97  ? 162 THR A C    1 
ATOM   441  O O    . THR A 1 47  ? -2.853  12.962  -4.370  1.00 19.51  ? 162 THR A O    1 
ATOM   442  C CB   . THR A 1 47  ? 0.132   12.431  -5.027  1.00 12.68  ? 162 THR A CB   1 
ATOM   443  O OG1  . THR A 1 47  ? 1.266   11.562  -5.220  1.00 14.59  ? 162 THR A OG1  1 
ATOM   444  C CG2  . THR A 1 47  ? 0.631   13.862  -4.839  1.00 13.06  ? 162 THR A CG2  1 
ATOM   445  H H    . THR A 1 47  ? -1.263  10.068  -4.873  1.00 20.00  ? 162 THR A H    1 
ATOM   446  H HG1  . THR A 1 47  ? 1.738   11.908  -5.975  1.00 20.00  ? 162 THR A HG1  1 
ATOM   447  N N    . VAL A 1 48  ? -1.939  13.397  -2.423  1.00 12.26  ? 163 VAL A N    1 
ATOM   448  C CA   . VAL A 1 48  ? -2.974  14.366  -2.059  1.00 12.94  ? 163 VAL A CA   1 
ATOM   449  C C    . VAL A 1 48  ? -2.609  15.864  -2.263  1.00 16.01  ? 163 VAL A C    1 
ATOM   450  O O    . VAL A 1 48  ? -1.469  16.302  -2.130  1.00 18.46  ? 163 VAL A O    1 
ATOM   451  C CB   . VAL A 1 48  ? -3.408  14.105  -0.616  1.00 8.59   ? 163 VAL A CB   1 
ATOM   452  C CG1  . VAL A 1 48  ? -3.648  12.627  -0.345  1.00 17.83  ? 163 VAL A CG1  1 
ATOM   453  C CG2  . VAL A 1 48  ? -2.424  14.630  0.405   1.00 8.30   ? 163 VAL A CG2  1 
ATOM   454  H H    . VAL A 1 48  ? -1.350  12.943  -1.762  1.00 20.00  ? 163 VAL A H    1 
ATOM   455  N N    . LYS A 1 49  ? -3.625  16.647  -2.600  1.00 14.99  ? 164 LYS A N    1 
ATOM   456  C CA   . LYS A 1 49  ? -3.378  18.068  -2.927  1.00 17.06  ? 164 LYS A CA   1 
ATOM   457  C C    . LYS A 1 49  ? -3.790  19.093  -1.861  1.00 15.94  ? 164 LYS A C    1 
ATOM   458  O O    . LYS A 1 49  ? -3.653  20.306  -1.937  1.00 18.35  ? 164 LYS A O    1 
ATOM   459  C CB   . LYS A 1 49  ? -4.010  18.350  -4.306  1.00 20.06  ? 164 LYS A CB   1 
ATOM   460  C CG   . LYS A 1 49  ? -3.293  17.408  -5.279  1.00 24.64  ? 164 LYS A CG   1 
ATOM   461  C CD   . LYS A 1 49  ? -3.945  17.130  -6.645  1.00 30.54  ? 164 LYS A CD   1 
ATOM   462  C CE   . LYS A 1 49  ? -3.222  16.006  -7.472  1.00 33.41  ? 164 LYS A CE   1 
ATOM   463  N NZ   . LYS A 1 49  ? -2.804  14.787  -6.702  1.00 23.56  ? 164 LYS A NZ   1 
ATOM   464  H H    . LYS A 1 49  ? -4.531  16.238  -2.747  1.00 20.00  ? 164 LYS A H    1 
ATOM   465  H HZ1  . LYS A 1 49  ? -2.180  15.066  -5.918  1.00 20.00  ? 164 LYS A HZ1  1 
ATOM   466  H HZ2  . LYS A 1 49  ? -3.643  14.311  -6.312  1.00 20.00  ? 164 LYS A HZ2  1 
ATOM   467  H HZ3  . LYS A 1 49  ? -2.295  14.137  -7.333  1.00 20.00  ? 164 LYS A HZ3  1 
ATOM   468  N N    . ARG A 1 50  ? -4.300  18.486  -0.803  1.00 17.91  ? 165 ARG A N    1 
ATOM   469  C CA   . ARG A 1 50  ? -4.736  19.191  0.410   1.00 19.48  ? 165 ARG A CA   1 
ATOM   470  C C    . ARG A 1 50  ? -4.145  18.720  1.733   1.00 17.60  ? 165 ARG A C    1 
ATOM   471  O O    . ARG A 1 50  ? -4.025  17.547  2.079   1.00 17.66  ? 165 ARG A O    1 
ATOM   472  C CB   . ARG A 1 50  ? -6.241  19.067  0.591   1.00 21.69  ? 165 ARG A CB   1 
ATOM   473  C CG   . ARG A 1 50  ? -7.005  19.741  -0.501  1.00 26.47  ? 165 ARG A CG   1 
ATOM   474  C CD   . ARG A 1 50  ? -8.113  20.465  0.223   1.00 36.26  ? 165 ARG A CD   1 
ATOM   475  N NE   . ARG A 1 50  ? -7.758  21.842  0.546   1.00 38.95  ? 165 ARG A NE   1 
ATOM   476  C CZ   . ARG A 1 50  ? -7.659  22.276  1.835   1.00 41.24  ? 165 ARG A CZ   1 
ATOM   477  N NH1  . ARG A 1 50  ? -7.339  21.486  2.888   1.00 32.75  ? 165 ARG A NH1  1 
ATOM   478  N NH2  . ARG A 1 50  ? -7.942  23.563  2.021   1.00 39.34  ? 165 ARG A NH2  1 
ATOM   479  H H    . ARG A 1 50  ? -4.460  17.512  -0.908  1.00 20.00  ? 165 ARG A H    1 
ATOM   480  H HE   . ARG A 1 50  ? -7.857  22.545  -0.154  1.00 20.00  ? 165 ARG A HE   1 
ATOM   481  H HH11 . ARG A 1 50  ? -7.142  20.511  2.753   1.00 20.00  ? 165 ARG A HH11 1 
ATOM   482  H HH12 . ARG A 1 50  ? -7.310  21.887  3.806   1.00 20.00  ? 165 ARG A HH12 1 
ATOM   483  H HH21 . ARG A 1 50  ? -8.179  24.135  1.237   1.00 20.00  ? 165 ARG A HH21 1 
ATOM   484  H HH22 . ARG A 1 50  ? -7.921  23.953  2.941   1.00 20.00  ? 165 ARG A HH22 1 
ATOM   485  N N    . GLN A 1 51  ? -3.806  19.732  2.495   1.00 18.47  ? 166 GLN A N    1 
ATOM   486  C CA   . GLN A 1 51  ? -3.394  19.265  3.797   1.00 20.11  ? 166 GLN A CA   1 
ATOM   487  C C    . GLN A 1 51  ? -4.478  18.908  4.765   1.00 18.68  ? 166 GLN A C    1 
ATOM   488  O O    . GLN A 1 51  ? -5.626  19.340  4.685   1.00 18.71  ? 166 GLN A O    1 
ATOM   489  C CB   . GLN A 1 51  ? -2.400  20.165  4.472   1.00 27.08  ? 166 GLN A CB   1 
ATOM   490  C CG   . GLN A 1 51  ? -2.935  21.484  4.920   1.00 36.46  ? 166 GLN A CG   1 
ATOM   491  C CD   . GLN A 1 51  ? -1.771  22.063  5.657   1.00 45.13  ? 166 GLN A CD   1 
ATOM   492  O OE1  . GLN A 1 51  ? -1.532  21.664  6.780   1.00 52.11  ? 166 GLN A OE1  1 
ATOM   493  N NE2  . GLN A 1 51  ? -0.990  22.938  5.013   1.00 43.81  ? 166 GLN A NE2  1 
ATOM   494  H H    . GLN A 1 51  ? -4.038  20.661  2.209   1.00 20.00  ? 166 GLN A H    1 
ATOM   495  H HE21 . GLN A 1 51  ? -0.214  23.239  5.555   1.00 20.00  ? 166 GLN A HE21 1 
ATOM   496  H HE22 . GLN A 1 51  ? -1.113  23.312  4.091   1.00 20.00  ? 166 GLN A HE22 1 
ATOM   497  N N    . GLY A 1 52  ? -3.989  18.107  5.698   1.00 15.06  ? 167 GLY A N    1 
ATOM   498  C CA   . GLY A 1 52  ? -4.921  17.617  6.696   1.00 17.35  ? 167 GLY A CA   1 
ATOM   499  C C    . GLY A 1 52  ? -4.735  16.215  7.221   1.00 16.69  ? 167 GLY A C    1 
ATOM   500  O O    . GLY A 1 52  ? -3.804  15.509  6.895   1.00 20.21  ? 167 GLY A O    1 
ATOM   501  H H    . GLY A 1 52  ? -3.068  17.730  5.555   1.00 20.00  ? 167 GLY A H    1 
ATOM   502  N N    . LEU A 1 53  ? -5.670  15.831  8.091   1.00 17.14  ? 168 LEU A N    1 
ATOM   503  C CA   . LEU A 1 53  ? -5.665  14.451  8.593   1.00 14.75  ? 168 LEU A CA   1 
ATOM   504  C C    . LEU A 1 53  ? -6.398  13.496  7.629   1.00 13.80  ? 168 LEU A C    1 
ATOM   505  O O    . LEU A 1 53  ? -7.480  13.773  7.109   1.00 14.58  ? 168 LEU A O    1 
ATOM   506  C CB   . LEU A 1 53  ? -6.342  14.442  9.968   1.00 20.37  ? 168 LEU A CB   1 
ATOM   507  C CG   . LEU A 1 53  ? -5.537  14.453  11.295  1.00 22.89  ? 168 LEU A CG   1 
ATOM   508  C CD1  . LEU A 1 53  ? -4.136  15.019  11.225  1.00 19.49  ? 168 LEU A CD1  1 
ATOM   509  C CD2  . LEU A 1 53  ? -6.406  14.976  12.457  1.00 19.84  ? 168 LEU A CD2  1 
ATOM   510  H H    . LEU A 1 53  ? -6.446  16.453  8.226   1.00 20.00  ? 168 LEU A H    1 
ATOM   511  N N    . TYR A 1 54  ? -5.731  12.356  7.410   1.00 10.22  ? 169 TYR A N    1 
ATOM   512  C CA   . TYR A 1 54  ? -6.260  11.262  6.592   1.00 5.84   ? 169 TYR A CA   1 
ATOM   513  C C    . TYR A 1 54  ? -6.262  9.901   7.311   1.00 7.54   ? 169 TYR A C    1 
ATOM   514  O O    . TYR A 1 54  ? -5.338  9.515   7.990   1.00 8.77   ? 169 TYR A O    1 
ATOM   515  C CB   . TYR A 1 54  ? -5.364  11.164  5.403   1.00 4.66   ? 169 TYR A CB   1 
ATOM   516  C CG   . TYR A 1 54  ? -5.554  12.327  4.443   1.00 7.95   ? 169 TYR A CG   1 
ATOM   517  C CD1  . TYR A 1 54  ? -4.902  13.541  4.680   1.00 7.89   ? 169 TYR A CD1  1 
ATOM   518  C CD2  . TYR A 1 54  ? -6.349  12.126  3.290   1.00 8.88   ? 169 TYR A CD2  1 
ATOM   519  C CE1  . TYR A 1 54  ? -4.991  14.554  3.708   1.00 8.85   ? 169 TYR A CE1  1 
ATOM   520  C CE2  . TYR A 1 54  ? -6.441  13.133  2.318   1.00 8.81   ? 169 TYR A CE2  1 
ATOM   521  C CZ   . TYR A 1 54  ? -5.734  14.335  2.537   1.00 10.35  ? 169 TYR A CZ   1 
ATOM   522  O OH   . TYR A 1 54  ? -5.750  15.306  1.541   1.00 8.15   ? 169 TYR A OH   1 
ATOM   523  H H    . TYR A 1 54  ? -4.803  12.307  7.773   1.00 20.00  ? 169 TYR A H    1 
ATOM   524  H HH   . TYR A 1 54  ? -6.552  15.185  1.046   1.00 20.00  ? 169 TYR A HH   1 
ATOM   525  N N    . TYR A 1 55  ? -7.326  9.141   7.138   1.00 10.76  ? 170 TYR A N    1 
ATOM   526  C CA   . TYR A 1 55  ? -7.162  7.701   7.407   1.00 9.52   ? 170 TYR A CA   1 
ATOM   527  C C    . TYR A 1 55  ? -6.522  6.974   6.201   1.00 10.61  ? 170 TYR A C    1 
ATOM   528  O O    . TYR A 1 55  ? -6.946  7.036   5.054   1.00 11.53  ? 170 TYR A O    1 
ATOM   529  C CB   . TYR A 1 55  ? -8.529  7.095   7.807   1.00 8.19   ? 170 TYR A CB   1 
ATOM   530  C CG   . TYR A 1 55  ? -8.417  5.609   8.244   1.00 13.71  ? 170 TYR A CG   1 
ATOM   531  C CD1  . TYR A 1 55  ? -7.929  5.275   9.532   1.00 11.71  ? 170 TYR A CD1  1 
ATOM   532  C CD2  . TYR A 1 55  ? -8.745  4.616   7.313   1.00 9.76   ? 170 TYR A CD2  1 
ATOM   533  C CE1  . TYR A 1 55  ? -7.707  3.938   9.844   1.00 11.92  ? 170 TYR A CE1  1 
ATOM   534  C CE2  . TYR A 1 55  ? -8.483  3.284   7.609   1.00 8.98   ? 170 TYR A CE2  1 
ATOM   535  C CZ   . TYR A 1 55  ? -7.986  2.978   8.873   1.00 10.89  ? 170 TYR A CZ   1 
ATOM   536  O OH   . TYR A 1 55  ? -7.810  1.660   9.210   1.00 18.36  ? 170 TYR A OH   1 
ATOM   537  H H    . TYR A 1 55  ? -8.054  9.514   6.565   1.00 20.00  ? 170 TYR A H    1 
ATOM   538  H HH   . TYR A 1 55  ? -8.122  1.061   8.537   1.00 20.00  ? 170 TYR A HH   1 
ATOM   539  N N    . ILE A 1 56  ? -5.406  6.337   6.504   1.00 10.81  ? 171 ILE A N    1 
ATOM   540  C CA   . ILE A 1 56  ? -4.672  5.619   5.474   1.00 10.32  ? 171 ILE A CA   1 
ATOM   541  C C    . ILE A 1 56  ? -4.433  4.106   5.807   1.00 8.60   ? 171 ILE A C    1 
ATOM   542  O O    . ILE A 1 56  ? -4.174  3.686   6.921   1.00 6.20   ? 171 ILE A O    1 
ATOM   543  C CB   . ILE A 1 56  ? -3.463  6.501   4.946   1.00 11.64  ? 171 ILE A CB   1 
ATOM   544  C CG1  . ILE A 1 56  ? -2.411  5.746   4.180   1.00 14.30  ? 171 ILE A CG1  1 
ATOM   545  C CG2  . ILE A 1 56  ? -2.699  7.395   5.949   1.00 19.38  ? 171 ILE A CG2  1 
ATOM   546  C CD1  . ILE A 1 56  ? -2.808  5.475   2.787   1.00 15.17  ? 171 ILE A CD1  1 
ATOM   547  H H    . ILE A 1 56  ? -5.080  6.438   7.446   1.00 20.00  ? 171 ILE A H    1 
ATOM   548  N N    . TYR A 1 57  ? -4.684  3.323   4.754   1.00 11.33  ? 172 TYR A N    1 
ATOM   549  C CA   . TYR A 1 57  ? -4.736  1.855   4.906   1.00 14.76  ? 172 TYR A CA   1 
ATOM   550  C C    . TYR A 1 57  ? -4.149  1.095   3.728   1.00 15.13  ? 172 TYR A C    1 
ATOM   551  O O    . TYR A 1 57  ? -4.241  1.530   2.594   1.00 13.21  ? 172 TYR A O    1 
ATOM   552  C CB   . TYR A 1 57  ? -6.160  1.272   5.209   1.00 13.73  ? 172 TYR A CB   1 
ATOM   553  C CG   . TYR A 1 57  ? -7.110  1.467   4.054   1.00 8.98   ? 172 TYR A CG   1 
ATOM   554  C CD1  . TYR A 1 57  ? -7.825  2.690   3.924   1.00 13.17  ? 172 TYR A CD1  1 
ATOM   555  C CD2  . TYR A 1 57  ? -7.203  0.449   3.083   1.00 12.91  ? 172 TYR A CD2  1 
ATOM   556  C CE1  . TYR A 1 57  ? -8.643  2.912   2.775   1.00 11.69  ? 172 TYR A CE1  1 
ATOM   557  C CE2  . TYR A 1 57  ? -7.998  0.682   1.935   1.00 14.41  ? 172 TYR A CE2  1 
ATOM   558  C CZ   . TYR A 1 57  ? -8.735  1.878   1.811   1.00 11.84  ? 172 TYR A CZ   1 
ATOM   559  O OH   . TYR A 1 57  ? -9.582  2.027   0.731   1.00 11.08  ? 172 TYR A OH   1 
ATOM   560  H H    . TYR A 1 57  ? -4.894  3.761   3.879   1.00 20.00  ? 172 TYR A H    1 
ATOM   561  H HH   . TYR A 1 57  ? -9.932  1.164   0.523   1.00 20.00  ? 172 TYR A HH   1 
ATOM   562  N N    . ALA A 1 58  ? -3.610  -0.063  4.059   1.00 15.37  ? 173 ALA A N    1 
ATOM   563  C CA   . ALA A 1 58  ? -3.288  -1.079  3.069   1.00 14.13  ? 173 ALA A CA   1 
ATOM   564  C C    . ALA A 1 58  ? -3.587  -2.539  3.496   1.00 13.95  ? 173 ALA A C    1 
ATOM   565  O O    . ALA A 1 58  ? -3.594  -2.947  4.641   1.00 12.84  ? 173 ALA A O    1 
ATOM   566  C CB   . ALA A 1 58  ? -1.812  -0.984  2.664   1.00 12.00  ? 173 ALA A CB   1 
ATOM   567  H H    . ALA A 1 58  ? -3.550  -0.260  5.040   1.00 20.00  ? 173 ALA A H    1 
ATOM   568  N N    . GLN A 1 59  ? -3.765  -3.348  2.482   1.00 14.22  ? 174 GLN A N    1 
ATOM   569  C CA   . GLN A 1 59  ? -3.891  -4.773  2.769   1.00 17.76  ? 174 GLN A CA   1 
ATOM   570  C C    . GLN A 1 59  ? -2.999  -5.571  1.834   1.00 18.24  ? 174 GLN A C    1 
ATOM   571  O O    . GLN A 1 59  ? -2.990  -5.412  0.634   1.00 17.99  ? 174 GLN A O    1 
ATOM   572  C CB   . GLN A 1 59  ? -5.323  -5.219  2.578   1.00 21.99  ? 174 GLN A CB   1 
ATOM   573  C CG   . GLN A 1 59  ? -5.661  -6.238  3.630   1.00 31.62  ? 174 GLN A CG   1 
ATOM   574  C CD   . GLN A 1 59  ? -7.060  -6.690  3.384   1.00 33.72  ? 174 GLN A CD   1 
ATOM   575  O OE1  . GLN A 1 59  ? -8.014  -6.194  3.956   1.00 35.90  ? 174 GLN A OE1  1 
ATOM   576  N NE2  . GLN A 1 59  ? -7.148  -7.669  2.502   1.00 31.65  ? 174 GLN A NE2  1 
ATOM   577  H H    . GLN A 1 59  ? -3.799  -2.959  1.561   1.00 20.00  ? 174 GLN A H    1 
ATOM   578  H HE21 . GLN A 1 59  ? -8.071  -8.016  2.380   1.00 20.00  ? 174 GLN A HE21 1 
ATOM   579  H HE22 . GLN A 1 59  ? -6.375  -7.993  1.963   1.00 20.00  ? 174 GLN A HE22 1 
ATOM   580  N N    . VAL A 1 60  ? -2.192  -6.400  2.429   1.00 20.23  ? 175 VAL A N    1 
ATOM   581  C CA   . VAL A 1 60  ? -1.287  -7.125  1.576   1.00 20.91  ? 175 VAL A CA   1 
ATOM   582  C C    . VAL A 1 60  ? -1.404  -8.604  1.862   1.00 22.98  ? 175 VAL A C    1 
ATOM   583  O O    . VAL A 1 60  ? -1.104  -9.082  2.959   1.00 22.74  ? 175 VAL A O    1 
ATOM   584  C CB   . VAL A 1 60  ? 0.192   -6.686  1.762   1.00 21.72  ? 175 VAL A CB   1 
ATOM   585  C CG1  . VAL A 1 60  ? 1.010   -7.455  0.709   1.00 21.91  ? 175 VAL A CG1  1 
ATOM   586  C CG2  . VAL A 1 60  ? 0.520   -5.182  1.705   1.00 18.43  ? 175 VAL A CG2  1 
ATOM   587  H H    . VAL A 1 60  ? -2.201  -6.447  3.423   1.00 20.00  ? 175 VAL A H    1 
ATOM   588  N N    . THR A 1 61  ? -1.851  -9.320  0.833   1.00 23.13  ? 176 THR A N    1 
ATOM   589  C CA   . THR A 1 61  ? -1.655  -10.757 1.034   1.00 22.36  ? 176 THR A CA   1 
ATOM   590  C C    . THR A 1 61  ? -0.486  -11.377 0.249   1.00 23.28  ? 176 THR A C    1 
ATOM   591  O O    . THR A 1 61  ? -0.054  -10.919 -0.802  1.00 23.52  ? 176 THR A O    1 
ATOM   592  C CB   . THR A 1 61  ? -2.992  -11.567 1.054   1.00 23.54  ? 176 THR A CB   1 
ATOM   593  O OG1  . THR A 1 61  ? -3.144  -12.616 0.081   1.00 21.37  ? 176 THR A OG1  1 
ATOM   594  C CG2  . THR A 1 61  ? -4.180  -10.615 1.063   1.00 16.94  ? 176 THR A CG2  1 
ATOM   595  H H    . THR A 1 61  ? -2.135  -8.882  -0.026  1.00 20.00  ? 176 THR A H    1 
ATOM   596  H HG1  . THR A 1 61  ? -4.012  -12.969 0.226   1.00 20.00  ? 176 THR A HG1  1 
ATOM   597  N N    . PHE A 1 62  ? 0.081   -12.416 0.830   1.00 19.95  ? 177 PHE A N    1 
ATOM   598  C CA   . PHE A 1 62  ? 1.235   -12.999 0.162   1.00 19.79  ? 177 PHE A CA   1 
ATOM   599  C C    . PHE A 1 62  ? 1.186   -14.501 0.276   1.00 20.46  ? 177 PHE A C    1 
ATOM   600  O O    . PHE A 1 62  ? 0.567   -15.044 1.178   1.00 20.61  ? 177 PHE A O    1 
ATOM   601  C CB   . PHE A 1 62  ? 2.516   -12.389 0.753   1.00 19.02  ? 177 PHE A CB   1 
ATOM   602  C CG   . PHE A 1 62  ? 2.579   -12.571 2.263   1.00 20.50  ? 177 PHE A CG   1 
ATOM   603  C CD1  . PHE A 1 62  ? 1.854   -11.697 3.128   1.00 19.86  ? 177 PHE A CD1  1 
ATOM   604  C CD2  . PHE A 1 62  ? 3.399   -13.588 2.810   1.00 19.99  ? 177 PHE A CD2  1 
ATOM   605  C CE1  . PHE A 1 62  ? 2.033   -11.782 4.522   1.00 19.23  ? 177 PHE A CE1  1 
ATOM   606  C CE2  . PHE A 1 62  ? 3.582   -13.660 4.201   1.00 17.81  ? 177 PHE A CE2  1 
ATOM   607  C CZ   . PHE A 1 62  ? 2.942   -12.722 5.034   1.00 21.86  ? 177 PHE A CZ   1 
ATOM   608  H H    . PHE A 1 62  ? -0.294  -12.747 1.694   1.00 20.00  ? 177 PHE A H    1 
ATOM   609  N N    . CYS A 1 63  ? 1.861   -15.176 -0.624  1.00 22.22  ? 178 CYS A N    1 
ATOM   610  C CA   . CYS A 1 63  ? 1.947   -16.616 -0.344  1.00 25.67  ? 178 CYS A CA   1 
ATOM   611  C C    . CYS A 1 63  ? 3.356   -17.155 -0.194  1.00 24.70  ? 178 CYS A C    1 
ATOM   612  O O    . CYS A 1 63  ? 4.229   -16.946 -1.006  1.00 23.86  ? 178 CYS A O    1 
ATOM   613  C CB   . CYS A 1 63  ? 1.161   -17.443 -1.353  1.00 27.76  ? 178 CYS A CB   1 
ATOM   614  S SG   . CYS A 1 63  ? 1.091   -19.222 -0.970  1.00 36.12  ? 178 CYS A SG   1 
ATOM   615  H H    . CYS A 1 63  ? 2.295   -14.714 -1.393  1.00 20.00  ? 178 CYS A H    1 
ATOM   616  N N    . SER A 1 64  ? 3.583   -17.793 0.936   1.00 26.15  ? 179 SER A N    1 
ATOM   617  C CA   . SER A 1 64  ? 5.010   -17.866 1.219   1.00 27.89  ? 179 SER A CA   1 
ATOM   618  C C    . SER A 1 64  ? 5.583   -19.133 1.780   1.00 29.66  ? 179 SER A C    1 
ATOM   619  O O    . SER A 1 64  ? 4.977   -19.805 2.594   1.00 26.75  ? 179 SER A O    1 
ATOM   620  C CB   . SER A 1 64  ? 5.435   -16.762 2.145   1.00 30.54  ? 179 SER A CB   1 
ATOM   621  O OG   . SER A 1 64  ? 6.826   -16.552 1.951   1.00 42.05  ? 179 SER A OG   1 
ATOM   622  H H    . SER A 1 64  ? 2.815   -17.965 1.550   1.00 20.00  ? 179 SER A H    1 
ATOM   623  H HG   . SER A 1 64  ? 6.981   -15.659 2.237   1.00 20.00  ? 179 SER A HG   1 
ATOM   624  N N    . ASN A 1 65  ? 6.777   -19.475 1.297   1.00 34.10  ? 180 ASN A N    1 
ATOM   625  C CA   . ASN A 1 65  ? 7.469   -20.552 1.993   1.00 33.86  ? 180 ASN A CA   1 
ATOM   626  C C    . ASN A 1 65  ? 8.604   -20.119 2.883   1.00 35.04  ? 180 ASN A C    1 
ATOM   627  O O    . ASN A 1 65  ? 9.580   -19.484 2.560   1.00 35.24  ? 180 ASN A O    1 
ATOM   628  C CB   . ASN A 1 65  ? 7.912   -21.726 1.096   1.00 37.53  ? 180 ASN A CB   1 
ATOM   629  C CG   . ASN A 1 65  ? 8.355   -22.906 1.985   1.00 37.86  ? 180 ASN A CG   1 
ATOM   630  O OD1  . ASN A 1 65  ? 9.347   -22.862 2.666   1.00 42.03  ? 180 ASN A OD1  1 
ATOM   631  N ND2  . ASN A 1 65  ? 7.574   -23.941 2.071   1.00 37.23  ? 180 ASN A ND2  1 
ATOM   632  H H    . ASN A 1 65  ? 7.218   -18.835 0.665   1.00 20.00  ? 180 ASN A H    1 
ATOM   633  H HD21 . ASN A 1 65  ? 7.831   -24.445 2.903   1.00 20.00  ? 180 ASN A HD21 1 
ATOM   634  H HD22 . ASN A 1 65  ? 6.855   -24.235 1.461   1.00 20.00  ? 180 ASN A HD22 1 
ATOM   635  N N    . ARG A 1 66  ? 8.388   -20.648 4.049   1.00 38.94  ? 181 ARG A N    1 
ATOM   636  C CA   . ARG A 1 66  ? 9.230   -20.667 5.220   1.00 40.34  ? 181 ARG A CA   1 
ATOM   637  C C    . ARG A 1 66  ? 10.669  -21.103 4.959   1.00 42.47  ? 181 ARG A C    1 
ATOM   638  O O    . ARG A 1 66  ? 11.643  -20.367 5.022   1.00 42.33  ? 181 ARG A O    1 
ATOM   639  C CB   . ARG A 1 66  ? 8.433   -21.644 6.084   1.00 40.20  ? 181 ARG A CB   1 
ATOM   640  C CG   . ARG A 1 66  ? 6.933   -21.364 6.477   1.00 42.73  ? 181 ARG A CG   1 
ATOM   641  C CD   . ARG A 1 66  ? 5.759   -21.025 5.520   1.00 40.94  ? 181 ARG A CD   1 
ATOM   642  N NE   . ARG A 1 66  ? 4.559   -20.616 6.235   1.00 44.30  ? 181 ARG A NE   1 
ATOM   643  C CZ   . ARG A 1 66  ? 3.448   -21.366 6.219   1.00 47.63  ? 181 ARG A CZ   1 
ATOM   644  N NH1  . ARG A 1 66  ? 3.299   -22.368 5.372   1.00 50.80  ? 181 ARG A NH1  1 
ATOM   645  N NH2  . ARG A 1 66  ? 2.477   -21.143 7.094   1.00 50.81  ? 181 ARG A NH2  1 
ATOM   646  H H    . ARG A 1 66  ? 7.572   -21.214 4.029   1.00 20.00  ? 181 ARG A H    1 
ATOM   647  H HE   . ARG A 1 66  ? 4.539   -19.813 6.822   1.00 20.00  ? 181 ARG A HE   1 
ATOM   648  H HH11 . ARG A 1 66  ? 4.011   -22.576 4.700   1.00 20.00  ? 181 ARG A HH11 1 
ATOM   649  H HH12 . ARG A 1 66  ? 2.472   -22.931 5.409   1.00 20.00  ? 181 ARG A HH12 1 
ATOM   650  H HH21 . ARG A 1 66  ? 2.551   -20.385 7.742   1.00 20.00  ? 181 ARG A HH21 1 
ATOM   651  H HH22 . ARG A 1 66  ? 1.670   -21.732 7.102   1.00 20.00  ? 181 ARG A HH22 1 
ATOM   652  N N    . GLU A 1 67  ? 10.776  -22.385 4.640   1.00 45.63  ? 182 GLU A N    1 
ATOM   653  C CA   . GLU A 1 67  ? 12.078  -22.839 4.169   1.00 48.24  ? 182 GLU A CA   1 
ATOM   654  C C    . GLU A 1 67  ? 12.666  -22.172 2.911   1.00 48.32  ? 182 GLU A C    1 
ATOM   655  O O    . GLU A 1 67  ? 13.872  -22.055 2.788   1.00 48.38  ? 182 GLU A O    1 
ATOM   656  C CB   . GLU A 1 67  ? 12.063  -24.368 4.087   1.00 51.89  ? 182 GLU A CB   1 
ATOM   657  C CG   . GLU A 1 67  ? 13.369  -25.070 4.492   1.00 59.91  ? 182 GLU A CG   1 
ATOM   658  C CD   . GLU A 1 67  ? 13.968  -24.556 5.825   1.00 64.90  ? 182 GLU A CD   1 
ATOM   659  O OE1  . GLU A 1 67  ? 13.409  -24.814 6.903   1.00 66.33  ? 182 GLU A OE1  1 
ATOM   660  O OE2  . GLU A 1 67  ? 15.017  -23.901 5.767   1.00 66.91  ? 182 GLU A OE2  1 
ATOM   661  H H    . GLU A 1 67  ? 9.956   -22.910 4.428   1.00 20.00  ? 182 GLU A H    1 
ATOM   662  N N    . ALA A 1 68  ? 11.808  -21.692 1.992   1.00 48.22  ? 183 ALA A N    1 
ATOM   663  C CA   . ALA A 1 68  ? 12.401  -20.971 0.848   1.00 46.99  ? 183 ALA A CA   1 
ATOM   664  C C    . ALA A 1 68  ? 12.854  -19.488 1.054   1.00 48.81  ? 183 ALA A C    1 
ATOM   665  O O    . ALA A 1 68  ? 13.997  -19.108 0.818   1.00 47.10  ? 183 ALA A O    1 
ATOM   666  C CB   . ALA A 1 68  ? 11.506  -21.141 -0.377  1.00 42.73  ? 183 ALA A CB   1 
ATOM   667  H H    . ALA A 1 68  ? 10.840  -21.715 2.229   1.00 20.00  ? 183 ALA A H    1 
ATOM   668  N N    . SER A 1 69  ? 11.940  -18.643 1.559   1.00 52.42  ? 184 SER A N    1 
ATOM   669  C CA   . SER A 1 69  ? 12.307  -17.247 1.935   1.00 57.37  ? 184 SER A CA   1 
ATOM   670  C C    . SER A 1 69  ? 12.854  -17.018 3.344   1.00 62.18  ? 184 SER A C    1 
ATOM   671  O O    . SER A 1 69  ? 12.336  -16.278 4.177   1.00 66.02  ? 184 SER A O    1 
ATOM   672  C CB   . SER A 1 69  ? 11.207  -16.161 1.823   1.00 54.49  ? 184 SER A CB   1 
ATOM   673  O OG   . SER A 1 69  ? 10.041  -16.562 1.113   1.00 43.86  ? 184 SER A OG   1 
ATOM   674  H H    . SER A 1 69  ? 10.999  -18.954 1.608   1.00 20.00  ? 184 SER A H    1 
ATOM   675  H HG   . SER A 1 69  ? 9.352   -15.945 1.327   1.00 20.00  ? 184 SER A HG   1 
ATOM   676  N N    . SER A 1 70  ? 13.957  -17.691 3.616   1.00 65.76  ? 185 SER A N    1 
ATOM   677  C CA   . SER A 1 70  ? 14.268  -17.871 5.048   1.00 69.98  ? 185 SER A CA   1 
ATOM   678  C C    . SER A 1 70  ? 15.119  -16.777 5.722   1.00 70.83  ? 185 SER A C    1 
ATOM   679  O O    . SER A 1 70  ? 16.287  -16.935 6.064   1.00 73.53  ? 185 SER A O    1 
ATOM   680  C CB   . SER A 1 70  ? 14.876  -19.268 5.264   1.00 72.28  ? 185 SER A CB   1 
ATOM   681  O OG   . SER A 1 70  ? 14.491  -19.862 6.520   1.00 70.35  ? 185 SER A OG   1 
ATOM   682  H H    . SER A 1 70  ? 14.350  -18.219 2.868   1.00 20.00  ? 185 SER A H    1 
ATOM   683  H HG   . SER A 1 70  ? 14.141  -20.705 6.261   1.00 20.00  ? 185 SER A HG   1 
ATOM   684  N N    . GLN A 1 71  ? 14.507  -15.590 5.813   1.00 68.84  ? 186 GLN A N    1 
ATOM   685  C CA   . GLN A 1 71  ? 15.409  -14.408 5.860   1.00 66.66  ? 186 GLN A CA   1 
ATOM   686  C C    . GLN A 1 71  ? 15.447  -13.296 6.982   1.00 62.06  ? 186 GLN A C    1 
ATOM   687  O O    . GLN A 1 71  ? 16.442  -12.593 7.099   1.00 60.69  ? 186 GLN A O    1 
ATOM   688  C CB   . GLN A 1 71  ? 15.394  -13.747 4.461   1.00 69.69  ? 186 GLN A CB   1 
ATOM   689  C CG   . GLN A 1 71  ? 13.942  -13.491 4.057   1.00 75.02  ? 186 GLN A CG   1 
ATOM   690  C CD   . GLN A 1 71  ? 13.719  -12.225 3.244   1.00 78.85  ? 186 GLN A CD   1 
ATOM   691  O OE1  . GLN A 1 71  ? 14.263  -11.151 3.433   1.00 83.34  ? 186 GLN A OE1  1 
ATOM   692  N NE2  . GLN A 1 71  ? 12.873  -12.398 2.257   1.00 78.83  ? 186 GLN A NE2  1 
ATOM   693  H H    . GLN A 1 71  ? 13.542  -15.610 5.541   1.00 20.00  ? 186 GLN A H    1 
ATOM   694  H HE21 . GLN A 1 71  ? 12.942  -11.599 1.664   1.00 20.00  ? 186 GLN A HE21 1 
ATOM   695  H HE22 . GLN A 1 71  ? 12.282  -13.194 2.162   1.00 20.00  ? 186 GLN A HE22 1 
ATOM   696  N N    . ALA A 1 72  ? 14.378  -13.081 7.804   1.00 55.99  ? 187 ALA A N    1 
ATOM   697  C CA   . ALA A 1 72  ? 13.281  -14.041 8.065   1.00 47.74  ? 187 ALA A CA   1 
ATOM   698  C C    . ALA A 1 72  ? 11.760  -13.716 8.044   1.00 43.47  ? 187 ALA A C    1 
ATOM   699  O O    . ALA A 1 72  ? 10.994  -14.610 7.718   1.00 44.61  ? 187 ALA A O    1 
ATOM   700  C CB   . ALA A 1 72  ? 13.626  -14.866 9.316   1.00 42.23  ? 187 ALA A CB   1 
ATOM   701  H H    . ALA A 1 72  ? 14.627  -12.275 8.335   1.00 20.00  ? 187 ALA A H    1 
ATOM   702  N N    . PRO A 1 73  ? 11.271  -12.495 8.433   1.00 40.93  ? 188 PRO A N    1 
ATOM   703  C CA   . PRO A 1 73  ? 9.809   -12.266 8.374   1.00 37.99  ? 188 PRO A CA   1 
ATOM   704  C C    . PRO A 1 73  ? 9.339   -11.424 7.197   1.00 35.15  ? 188 PRO A C    1 
ATOM   705  O O    . PRO A 1 73  ? 10.001  -10.536 6.657   1.00 35.00  ? 188 PRO A O    1 
ATOM   706  C CB   . PRO A 1 73  ? 9.516   -11.574 9.718   1.00 35.76  ? 188 PRO A CB   1 
ATOM   707  C CG   . PRO A 1 73  ? 10.817  -10.827 10.086  1.00 35.72  ? 188 PRO A CG   1 
ATOM   708  C CD   . PRO A 1 73  ? 11.916  -11.414 9.171   1.00 41.51  ? 188 PRO A CD   1 
ATOM   709  N N    . PHE A 1 74  ? 8.125   -11.723 6.788   1.00 30.56  ? 189 PHE A N    1 
ATOM   710  C CA   . PHE A 1 74  ? 7.549   -10.785 5.822   1.00 27.37  ? 189 PHE A CA   1 
ATOM   711  C C    . PHE A 1 74  ? 7.168   -9.511  6.532   1.00 26.75  ? 189 PHE A C    1 
ATOM   712  O O    . PHE A 1 74  ? 6.583   -9.535  7.596   1.00 28.71  ? 189 PHE A O    1 
ATOM   713  C CB   . PHE A 1 74  ? 6.312   -11.384 5.152   1.00 26.22  ? 189 PHE A CB   1 
ATOM   714  C CG   . PHE A 1 74  ? 5.708   -10.477 4.098   1.00 21.23  ? 189 PHE A CG   1 
ATOM   715  C CD1  . PHE A 1 74  ? 4.821   -9.450  4.479   1.00 17.14  ? 189 PHE A CD1  1 
ATOM   716  C CD2  . PHE A 1 74  ? 6.001   -10.733 2.731   1.00 22.05  ? 189 PHE A CD2  1 
ATOM   717  C CE1  . PHE A 1 74  ? 4.173   -8.710  3.471   1.00 18.04  ? 189 PHE A CE1  1 
ATOM   718  C CE2  . PHE A 1 74  ? 5.342   -9.993  1.731   1.00 19.48  ? 189 PHE A CE2  1 
ATOM   719  C CZ   . PHE A 1 74  ? 4.420   -8.999  2.110   1.00 18.07  ? 189 PHE A CZ   1 
ATOM   720  H H    . PHE A 1 74  ? 7.591   -12.356 7.341   1.00 20.00  ? 189 PHE A H    1 
ATOM   721  N N    . ILE A 1 75  ? 7.536   -8.402  5.920   1.00 25.75  ? 190 ILE A N    1 
ATOM   722  C CA   . ILE A 1 75  ? 7.041   -7.142  6.499   1.00 23.73  ? 190 ILE A CA   1 
ATOM   723  C C    . ILE A 1 75  ? 6.574   -6.188  5.409   1.00 21.73  ? 190 ILE A C    1 
ATOM   724  O O    . ILE A 1 75  ? 7.231   -6.049  4.372   1.00 15.87  ? 190 ILE A O    1 
ATOM   725  C CB   . ILE A 1 75  ? 7.905   -6.487  7.664   1.00 26.25  ? 190 ILE A CB   1 
ATOM   726  C CG1  . ILE A 1 75  ? 7.896   -4.940  7.732   1.00 20.66  ? 190 ILE A CG1  1 
ATOM   727  C CG2  . ILE A 1 75  ? 9.314   -7.078  7.974   1.00 17.65  ? 190 ILE A CG2  1 
ATOM   728  C CD1  . ILE A 1 75  ? 9.291   -4.316  7.785   1.00 28.67  ? 190 ILE A CD1  1 
ATOM   729  H H    . ILE A 1 75  ? 8.038   -8.430  5.058   1.00 20.00  ? 190 ILE A H    1 
ATOM   730  N N    . ALA A 1 76  ? 5.383   -5.624  5.674   1.00 18.08  ? 191 ALA A N    1 
ATOM   731  C CA   . ALA A 1 76  ? 4.843   -4.555  4.848   1.00 15.42  ? 191 ALA A CA   1 
ATOM   732  C C    . ALA A 1 76  ? 4.799   -3.237  5.615   1.00 17.00  ? 191 ALA A C    1 
ATOM   733  O O    . ALA A 1 76  ? 4.443   -3.156  6.783   1.00 12.57  ? 191 ALA A O    1 
ATOM   734  C CB   . ALA A 1 76  ? 3.452   -4.890  4.300   1.00 13.78  ? 191 ALA A CB   1 
ATOM   735  H H    . ALA A 1 76  ? 4.980   -5.823  6.572   1.00 20.00  ? 191 ALA A H    1 
ATOM   736  N N    . SER A 1 77  ? 5.253   -2.214  4.899   1.00 16.04  ? 192 SER A N    1 
ATOM   737  C CA   . SER A 1 77  ? 5.418   -0.896  5.521   1.00 16.17  ? 192 SER A CA   1 
ATOM   738  C C    . SER A 1 77  ? 4.651   0.144   4.740   1.00 17.02  ? 192 SER A C    1 
ATOM   739  O O    . SER A 1 77  ? 4.713   0.196   3.514   1.00 21.47  ? 192 SER A O    1 
ATOM   740  C CB   . SER A 1 77  ? 6.860   -0.399  5.527   1.00 14.18  ? 192 SER A CB   1 
ATOM   741  O OG   . SER A 1 77  ? 7.744   -1.370  6.121   1.00 18.54  ? 192 SER A OG   1 
ATOM   742  H H    . SER A 1 77  ? 5.473   -2.392  3.938   1.00 20.00  ? 192 SER A H    1 
ATOM   743  H HG   . SER A 1 77  ? 8.535   -0.908  6.393   1.00 20.00  ? 192 SER A HG   1 
ATOM   744  N N    . LEU A 1 78  ? 3.928   0.992   5.487   1.00 14.76  ? 193 LEU A N    1 
ATOM   745  C CA   . LEU A 1 78  ? 3.246   2.163   4.882   1.00 12.32  ? 193 LEU A CA   1 
ATOM   746  C C    . LEU A 1 78  ? 4.182   3.307   5.052   1.00 9.56   ? 193 LEU A C    1 
ATOM   747  O O    . LEU A 1 78  ? 4.609   3.602   6.143   1.00 10.76  ? 193 LEU A O    1 
ATOM   748  C CB   . LEU A 1 78  ? 1.915   2.457   5.634   1.00 13.18  ? 193 LEU A CB   1 
ATOM   749  C CG   . LEU A 1 78  ? 0.781   3.316   5.054   1.00 13.22  ? 193 LEU A CG   1 
ATOM   750  C CD1  . LEU A 1 78  ? 0.220   4.278   6.108   1.00 12.83  ? 193 LEU A CD1  1 
ATOM   751  C CD2  . LEU A 1 78  ? 1.002   3.967   3.698   1.00 13.41  ? 193 LEU A CD2  1 
ATOM   752  H H    . LEU A 1 78  ? 3.957   0.854   6.472   1.00 20.00  ? 193 LEU A H    1 
ATOM   753  N N    . CYS A 1 79  ? 4.538   3.896   3.966   1.00 12.52  ? 194 CYS A N    1 
ATOM   754  C CA   . CYS A 1 79  ? 5.543   4.938   4.093   1.00 13.81  ? 194 CYS A CA   1 
ATOM   755  C C    . CYS A 1 79  ? 5.133   6.255   3.489   1.00 12.81  ? 194 CYS A C    1 
ATOM   756  O O    . CYS A 1 79  ? 4.269   6.342   2.643   1.00 9.83   ? 194 CYS A O    1 
ATOM   757  C CB   . CYS A 1 79  ? 6.837   4.649   3.358   1.00 16.27  ? 194 CYS A CB   1 
ATOM   758  S SG   . CYS A 1 79  ? 7.575   3.079   3.716   1.00 17.28  ? 194 CYS A SG   1 
ATOM   759  H H    . CYS A 1 79  ? 4.126   3.585   3.111   1.00 20.00  ? 194 CYS A H    1 
ATOM   760  N N    . LEU A 1 80  ? 5.833   7.278   3.948   1.00 12.69  ? 195 LEU A N    1 
ATOM   761  C CA   . LEU A 1 80  ? 5.502   8.639   3.536   1.00 15.19  ? 195 LEU A CA   1 
ATOM   762  C C    . LEU A 1 80  ? 6.643   9.400   2.881   1.00 12.12  ? 195 LEU A C    1 
ATOM   763  O O    . LEU A 1 80  ? 7.689   9.547   3.460   1.00 15.06  ? 195 LEU A O    1 
ATOM   764  C CB   . LEU A 1 80  ? 5.051   9.385   4.799   1.00 15.54  ? 195 LEU A CB   1 
ATOM   765  C CG   . LEU A 1 80  ? 4.837   10.892  4.690   1.00 15.32  ? 195 LEU A CG   1 
ATOM   766  C CD1  . LEU A 1 80  ? 3.800   11.350  3.656   1.00 17.46  ? 195 LEU A CD1  1 
ATOM   767  C CD2  . LEU A 1 80  ? 4.636   11.447  6.076   1.00 15.56  ? 195 LEU A CD2  1 
ATOM   768  H H    . LEU A 1 80  ? 6.530   7.100   4.633   1.00 20.00  ? 195 LEU A H    1 
ATOM   769  N N    . LYS A 1 81  ? 6.375   9.925   1.707   1.00 15.07  ? 196 LYS A N    1 
ATOM   770  C CA   . LYS A 1 81  ? 7.162   10.980  1.062   1.00 18.40  ? 196 LYS A CA   1 
ATOM   771  C C    . LYS A 1 81  ? 6.483   12.337  1.200   1.00 18.16  ? 196 LYS A C    1 
ATOM   772  O O    . LYS A 1 81  ? 5.474   12.634  0.601   1.00 16.60  ? 196 LYS A O    1 
ATOM   773  C CB   . LYS A 1 81  ? 7.322   10.673  -0.441  1.00 20.96  ? 196 LYS A CB   1 
ATOM   774  C CG   . LYS A 1 81  ? 8.301   11.625  -1.142  1.00 30.01  ? 196 LYS A CG   1 
ATOM   775  C CD   . LYS A 1 81  ? 7.756   12.465  -2.335  1.00 39.86  ? 196 LYS A CD   1 
ATOM   776  C CE   . LYS A 1 81  ? 6.831   13.658  -1.968  1.00 43.90  ? 196 LYS A CE   1 
ATOM   777  N NZ   . LYS A 1 81  ? 6.305   14.372  -3.144  1.00 46.51  ? 196 LYS A NZ   1 
ATOM   778  H H    . LYS A 1 81  ? 5.503   9.647   1.322   1.00 20.00  ? 196 LYS A H    1 
ATOM   779  H HZ1  . LYS A 1 81  ? 7.091   14.737  -3.719  1.00 20.00  ? 196 LYS A HZ1  1 
ATOM   780  H HZ2  . LYS A 1 81  ? 5.726   13.724  -3.715  1.00 20.00  ? 196 LYS A HZ2  1 
ATOM   781  H HZ3  . LYS A 1 81  ? 5.711   15.160  -2.817  1.00 20.00  ? 196 LYS A HZ3  1 
ATOM   782  N N    . SER A 1 82  ? 7.067   13.170  2.023   1.00 20.29  ? 197 SER A N    1 
ATOM   783  C CA   . SER A 1 82  ? 6.515   14.516  1.921   1.00 23.92  ? 197 SER A CA   1 
ATOM   784  C C    . SER A 1 82  ? 7.433   15.407  1.082   1.00 25.57  ? 197 SER A C    1 
ATOM   785  O O    . SER A 1 82  ? 8.644   15.237  1.081   1.00 25.47  ? 197 SER A O    1 
ATOM   786  C CB   . SER A 1 82  ? 6.259   15.080  3.322   1.00 25.74  ? 197 SER A CB   1 
ATOM   787  O OG   . SER A 1 82  ? 5.526   16.318  3.272   1.00 32.01  ? 197 SER A OG   1 
ATOM   788  H H    . SER A 1 82  ? 7.976   12.983  2.385   1.00 20.00  ? 197 SER A H    1 
ATOM   789  H HG   . SER A 1 82  ? 5.188   16.477  4.146   1.00 20.00  ? 197 SER A HG   1 
ATOM   790  N N    . PRO A 1 83  ? 6.877   16.364  0.320   1.00 25.96  ? 198 PRO A N    1 
ATOM   791  C CA   . PRO A 1 83  ? 7.721   17.281  -0.461  1.00 26.65  ? 198 PRO A CA   1 
ATOM   792  C C    . PRO A 1 83  ? 8.975   17.894  0.213   1.00 24.30  ? 198 PRO A C    1 
ATOM   793  O O    . PRO A 1 83  ? 8.910   18.545  1.242   1.00 19.44  ? 198 PRO A O    1 
ATOM   794  C CB   . PRO A 1 83  ? 6.730   18.377  -0.791  1.00 29.64  ? 198 PRO A CB   1 
ATOM   795  C CG   . PRO A 1 83  ? 5.374   17.702  -0.887  1.00 27.61  ? 198 PRO A CG   1 
ATOM   796  C CD   . PRO A 1 83  ? 5.456   16.668  0.207   1.00 30.35  ? 198 PRO A CD   1 
ATOM   797  N N    . GLY A 1 84  ? 10.121  17.642  -0.434  1.00 21.62  ? 199 GLY A N    1 
ATOM   798  C CA   . GLY A 1 84  ? 11.413  18.065  0.171   1.00 23.53  ? 199 GLY A CA   1 
ATOM   799  C C    . GLY A 1 84  ? 11.833  17.394  1.492   1.00 26.75  ? 199 GLY A C    1 
ATOM   800  O O    . GLY A 1 84  ? 12.641  17.866  2.281   1.00 29.70  ? 199 GLY A O    1 
ATOM   801  H H    . GLY A 1 84  ? 10.084  17.102  -1.273  1.00 20.00  ? 199 GLY A H    1 
ATOM   802  N N    . ARG A 1 85  ? 11.224  16.237  1.734   1.00 28.94  ? 200 ARG A N    1 
ATOM   803  C CA   . ARG A 1 85  ? 11.567  15.514  2.930   1.00 28.23  ? 200 ARG A CA   1 
ATOM   804  C C    . ARG A 1 85  ? 12.016  14.094  2.653   1.00 27.39  ? 200 ARG A C    1 
ATOM   805  O O    . ARG A 1 85  ? 11.586  13.435  1.729   1.00 27.34  ? 200 ARG A O    1 
ATOM   806  C CB   . ARG A 1 85  ? 10.398  15.573  3.888   1.00 32.95  ? 200 ARG A CB   1 
ATOM   807  C CG   . ARG A 1 85  ? 10.123  17.023  4.325   1.00 37.69  ? 200 ARG A CG   1 
ATOM   808  C CD   . ARG A 1 85  ? 8.962   17.145  5.321   1.00 40.84  ? 200 ARG A CD   1 
ATOM   809  N NE   . ARG A 1 85  ? 8.516   18.532  5.465   1.00 45.86  ? 200 ARG A NE   1 
ATOM   810  C CZ   . ARG A 1 85  ? 7.533   19.004  4.665   1.00 48.62  ? 200 ARG A CZ   1 
ATOM   811  N NH1  . ARG A 1 85  ? 7.117   18.337  3.589   1.00 48.02  ? 200 ARG A NH1  1 
ATOM   812  N NH2  . ARG A 1 85  ? 6.940   20.158  4.972   1.00 49.93  ? 200 ARG A NH2  1 
ATOM   813  H H    . ARG A 1 85  ? 10.561  15.890  1.071   1.00 20.00  ? 200 ARG A H    1 
ATOM   814  H HE   . ARG A 1 85  ? 8.860   19.113  6.203   1.00 20.00  ? 200 ARG A HE   1 
ATOM   815  H HH11 . ARG A 1 85  ? 7.552   17.477  3.317   1.00 20.00  ? 200 ARG A HH11 1 
ATOM   816  H HH12 . ARG A 1 85  ? 6.353   18.694  3.054   1.00 20.00  ? 200 ARG A HH12 1 
ATOM   817  H HH21 . ARG A 1 85  ? 7.254   20.700  5.750   1.00 20.00  ? 200 ARG A HH21 1 
ATOM   818  H HH22 . ARG A 1 85  ? 6.175   20.475  4.412   1.00 20.00  ? 200 ARG A HH22 1 
ATOM   819  N N    . PHE A 1 86  ? 12.916  13.639  3.529   1.00 30.56  ? 201 PHE A N    1 
ATOM   820  C CA   . PHE A 1 86  ? 13.570  12.312  3.453   1.00 33.35  ? 201 PHE A CA   1 
ATOM   821  C C    . PHE A 1 86  ? 12.884  10.945  3.171   1.00 38.50  ? 201 PHE A C    1 
ATOM   822  O O    . PHE A 1 86  ? 13.544  10.049  2.626   1.00 44.27  ? 201 PHE A O    1 
ATOM   823  C CB   . PHE A 1 86  ? 14.423  12.101  4.682   1.00 31.41  ? 201 PHE A CB   1 
ATOM   824  C CG   . PHE A 1 86  ? 15.681  12.862  4.466   1.00 34.51  ? 201 PHE A CG   1 
ATOM   825  C CD1  . PHE A 1 86  ? 16.490  12.526  3.361   1.00 36.76  ? 201 PHE A CD1  1 
ATOM   826  C CD2  . PHE A 1 86  ? 16.018  13.889  5.361   1.00 35.57  ? 201 PHE A CD2  1 
ATOM   827  C CE1  . PHE A 1 86  ? 17.678  13.239  3.146   1.00 36.82  ? 201 PHE A CE1  1 
ATOM   828  C CE2  . PHE A 1 86  ? 17.205  14.608  5.150   1.00 37.11  ? 201 PHE A CE2  1 
ATOM   829  C CZ   . PHE A 1 86  ? 18.010  14.274  4.044   1.00 37.90  ? 201 PHE A CZ   1 
ATOM   830  H H    . PHE A 1 86  ? 13.176  14.308  4.231   1.00 20.00  ? 201 PHE A H    1 
ATOM   831  N N    . GLU A 1 87  ? 11.597  10.836  3.621   1.00 34.32  ? 202 GLU A N    1 
ATOM   832  C CA   . GLU A 1 87  ? 10.813  9.575   3.798   1.00 32.50  ? 202 GLU A CA   1 
ATOM   833  C C    . GLU A 1 87  ? 10.826  9.016   5.202   1.00 29.14  ? 202 GLU A C    1 
ATOM   834  O O    . GLU A 1 87  ? 11.809  9.029   5.935   1.00 30.10  ? 202 GLU A O    1 
ATOM   835  C CB   . GLU A 1 87  ? 11.093  8.366   2.919   1.00 31.65  ? 202 GLU A CB   1 
ATOM   836  C CG   . GLU A 1 87  ? 10.611  8.477   1.497   1.00 39.40  ? 202 GLU A CG   1 
ATOM   837  C CD   . GLU A 1 87  ? 11.359  7.470   0.616   1.00 44.81  ? 202 GLU A CD   1 
ATOM   838  O OE1  . GLU A 1 87  ? 11.823  6.426   1.123   1.00 44.02  ? 202 GLU A OE1  1 
ATOM   839  O OE2  . GLU A 1 87  ? 11.476  7.761   -0.590  1.00 45.39  ? 202 GLU A OE2  1 
ATOM   840  H H    . GLU A 1 87  ? 11.197  11.701  3.915   1.00 20.00  ? 202 GLU A H    1 
ATOM   841  N N    . ARG A 1 88  ? 9.609   8.611   5.561   1.00 27.60  ? 203 ARG A N    1 
ATOM   842  C CA   . ARG A 1 88  ? 9.289   8.070   6.892   1.00 22.07  ? 203 ARG A CA   1 
ATOM   843  C C    . ARG A 1 88  ? 8.433   6.782   6.827   1.00 18.44  ? 203 ARG A C    1 
ATOM   844  O O    . ARG A 1 88  ? 7.601   6.555   5.937   1.00 9.55   ? 203 ARG A O    1 
ATOM   845  C CB   . ARG A 1 88  ? 8.663   9.134   7.821   1.00 25.72  ? 203 ARG A CB   1 
ATOM   846  C CG   . ARG A 1 88  ? 9.396   10.471  7.626   1.00 34.33  ? 203 ARG A CG   1 
ATOM   847  C CD   . ARG A 1 88  ? 9.046   11.624  8.575   1.00 47.33  ? 203 ARG A CD   1 
ATOM   848  N NE   . ARG A 1 88  ? 7.665   12.061  8.567   1.00 54.71  ? 203 ARG A NE   1 
ATOM   849  C CZ   . ARG A 1 88  ? 7.291   13.144  7.846   1.00 63.71  ? 203 ARG A CZ   1 
ATOM   850  N NH1  . ARG A 1 88  ? 8.083   13.753  6.950   1.00 68.31  ? 203 ARG A NH1  1 
ATOM   851  N NH2  . ARG A 1 88  ? 6.059   13.638  7.998   1.00 68.29  ? 203 ARG A NH2  1 
ATOM   852  H H    . ARG A 1 88  ? 8.920   8.715   4.841   1.00 20.00  ? 203 ARG A H    1 
ATOM   853  H HE   . ARG A 1 88  ? 6.950   11.586  9.060   1.00 20.00  ? 203 ARG A HE   1 
ATOM   854  H HH11 . ARG A 1 88  ? 9.034   13.443  6.799   1.00 20.00  ? 203 ARG A HH11 1 
ATOM   855  H HH12 . ARG A 1 88  ? 7.721   14.522  6.413   1.00 20.00  ? 203 ARG A HH12 1 
ATOM   856  H HH21 . ARG A 1 88  ? 5.440   13.226  8.674   1.00 20.00  ? 203 ARG A HH21 1 
ATOM   857  H HH22 . ARG A 1 88  ? 5.745   14.413  7.435   1.00 20.00  ? 203 ARG A HH22 1 
ATOM   858  N N    . ILE A 1 89  ? 8.682   5.962   7.839   1.00 13.73  ? 204 ILE A N    1 
ATOM   859  C CA   . ILE A 1 89  ? 7.678   4.930   7.963   1.00 17.43  ? 204 ILE A CA   1 
ATOM   860  C C    . ILE A 1 89  ? 6.554   5.376   8.908   1.00 15.97  ? 204 ILE A C    1 
ATOM   861  O O    . ILE A 1 89  ? 6.813   5.908   9.980   1.00 17.90  ? 204 ILE A O    1 
ATOM   862  C CB   . ILE A 1 89  ? 8.271   3.515   8.281   1.00 23.50  ? 204 ILE A CB   1 
ATOM   863  C CG1  . ILE A 1 89  ? 8.276   3.100   9.737   1.00 27.02  ? 204 ILE A CG1  1 
ATOM   864  C CG2  . ILE A 1 89  ? 9.665   3.281   7.665   1.00 22.59  ? 204 ILE A CG2  1 
ATOM   865  C CD1  . ILE A 1 89  ? 9.640   2.568   10.233  1.00 38.04  ? 204 ILE A CD1  1 
ATOM   866  H H    . ILE A 1 89  ? 9.487   6.010   8.425   1.00 20.00  ? 204 ILE A H    1 
ATOM   867  N N    . LEU A 1 90  ? 5.312   5.192   8.432   1.00 13.70  ? 205 LEU A N    1 
ATOM   868  C CA   . LEU A 1 90  ? 4.118   5.405   9.247   1.00 10.18  ? 205 LEU A CA   1 
ATOM   869  C C    . LEU A 1 90  ? 3.681   4.162   10.056  1.00 11.11  ? 205 LEU A C    1 
ATOM   870  O O    . LEU A 1 90  ? 3.434   4.123   11.262  1.00 10.94  ? 205 LEU A O    1 
ATOM   871  C CB   . LEU A 1 90  ? 2.998   5.928   8.300   1.00 8.12   ? 205 LEU A CB   1 
ATOM   872  C CG   . LEU A 1 90  ? 3.346   7.271   7.594   1.00 6.85   ? 205 LEU A CG   1 
ATOM   873  C CD1  . LEU A 1 90  ? 2.144   7.878   6.868   1.00 7.30   ? 205 LEU A CD1  1 
ATOM   874  C CD2  . LEU A 1 90  ? 3.933   8.306   8.540   1.00 9.82   ? 205 LEU A CD2  1 
ATOM   875  H H    . LEU A 1 90  ? 5.266   4.758   7.533   1.00 20.00  ? 205 LEU A H    1 
ATOM   876  N N    . LEU A 1 91  ? 3.582   3.078   9.304   1.00 11.17  ? 206 LEU A N    1 
ATOM   877  C CA   . LEU A 1 91  ? 3.147   1.810   9.916   1.00 9.30   ? 206 LEU A CA   1 
ATOM   878  C C    . LEU A 1 91  ? 3.961   0.682   9.332   1.00 10.72  ? 206 LEU A C    1 
ATOM   879  O O    . LEU A 1 91  ? 4.427   0.740   8.195   1.00 9.46   ? 206 LEU A O    1 
ATOM   880  C CB   . LEU A 1 91  ? 1.696   1.413   9.576   1.00 11.18  ? 206 LEU A CB   1 
ATOM   881  C CG   . LEU A 1 91  ? 0.472   1.851   10.363  1.00 12.53  ? 206 LEU A CG   1 
ATOM   882  C CD1  . LEU A 1 91  ? 0.702   2.519   11.711  1.00 9.83   ? 206 LEU A CD1  1 
ATOM   883  C CD2  . LEU A 1 91  ? -0.499  2.581   9.476   1.00 11.59  ? 206 LEU A CD2  1 
ATOM   884  H H    . LEU A 1 91  ? 3.807   3.171   8.328   1.00 20.00  ? 206 LEU A H    1 
ATOM   885  N N    . ARG A 1 92  ? 4.084   -0.339  10.164  1.00 7.64   ? 207 ARG A N    1 
ATOM   886  C CA   . ARG A 1 92  ? 4.616   -1.567  9.628   1.00 10.01  ? 207 ARG A CA   1 
ATOM   887  C C    . ARG A 1 92  ? 3.878   -2.729  10.215  1.00 11.09  ? 207 ARG A C    1 
ATOM   888  O O    . ARG A 1 92  ? 3.458   -2.731  11.355  1.00 15.98  ? 207 ARG A O    1 
ATOM   889  C CB   . ARG A 1 92  ? 6.035   -1.762  10.050  1.00 9.51   ? 207 ARG A CB   1 
ATOM   890  C CG   . ARG A 1 92  ? 6.902   -0.663  9.564   1.00 15.75  ? 207 ARG A CG   1 
ATOM   891  C CD   . ARG A 1 92  ? 8.233   -0.751  10.273  1.00 20.85  ? 207 ARG A CD   1 
ATOM   892  N NE   . ARG A 1 92  ? 9.250   -1.517  9.580   1.00 27.20  ? 207 ARG A NE   1 
ATOM   893  C CZ   . ARG A 1 92  ? 10.415  -1.643  10.266  1.00 37.19  ? 207 ARG A CZ   1 
ATOM   894  N NH1  . ARG A 1 92  ? 10.560  -1.255  11.554  1.00 37.13  ? 207 ARG A NH1  1 
ATOM   895  N NH2  . ARG A 1 92  ? 11.464  -2.150  9.636   1.00 37.73  ? 207 ARG A NH2  1 
ATOM   896  H H    . ARG A 1 92  ? 3.724   -0.262  11.094  1.00 20.00  ? 207 ARG A H    1 
ATOM   897  H HE   . ARG A 1 92  ? 9.155   -1.790  8.623   1.00 20.00  ? 207 ARG A HE   1 
ATOM   898  H HH11 . ARG A 1 92  ? 9.791   -0.885  12.074  1.00 20.00  ? 207 ARG A HH11 1 
ATOM   899  H HH12 . ARG A 1 92  ? 11.454  -1.347  11.995  1.00 20.00  ? 207 ARG A HH12 1 
ATOM   900  H HH21 . ARG A 1 92  ? 11.380  -2.448  8.686   1.00 20.00  ? 207 ARG A HH21 1 
ATOM   901  H HH22 . ARG A 1 92  ? 12.344  -2.235  10.104  1.00 20.00  ? 207 ARG A HH22 1 
ATOM   902  N N    . ALA A 1 93  ? 3.744   -3.767  9.420   1.00 15.14  ? 208 ALA A N    1 
ATOM   903  C CA   . ALA A 1 93  ? 3.339   -5.060  9.972   1.00 14.77  ? 208 ALA A CA   1 
ATOM   904  C C    . ALA A 1 93  ? 4.248   -6.167  9.546   1.00 16.56  ? 208 ALA A C    1 
ATOM   905  O O    . ALA A 1 93  ? 4.665   -6.265  8.409   1.00 18.12  ? 208 ALA A O    1 
ATOM   906  C CB   . ALA A 1 93  ? 1.918   -5.446  9.622   1.00 13.87  ? 208 ALA A CB   1 
ATOM   907  H H    . ALA A 1 93  ? 3.976   -3.634  8.457   1.00 20.00  ? 208 ALA A H    1 
ATOM   908  N N    . ALA A 1 94  ? 4.561   -6.974  10.553  1.00 22.86  ? 209 ALA A N    1 
ATOM   909  C CA   . ALA A 1 94  ? 5.261   -8.207  10.225  1.00 24.95  ? 209 ALA A CA   1 
ATOM   910  C C    . ALA A 1 94  ? 4.363   -9.428  10.417  1.00 30.14  ? 209 ALA A C    1 
ATOM   911  O O    . ALA A 1 94  ? 3.481   -9.517  11.267  1.00 29.51  ? 209 ALA A O    1 
ATOM   912  C CB   . ALA A 1 94  ? 6.584   -8.368  10.986  1.00 24.92  ? 209 ALA A CB   1 
ATOM   913  H H    . ALA A 1 94  ? 4.143   -6.863  11.455  1.00 20.00  ? 209 ALA A H    1 
ATOM   914  N N    . ASN A 1 95  ? 4.656   -10.346 9.518   1.00 31.53  ? 210 ASN A N    1 
ATOM   915  C CA   . ASN A 1 95  ? 4.196   -11.714 9.616   1.00 35.72  ? 210 ASN A CA   1 
ATOM   916  C C    . ASN A 1 95  ? 5.356   -12.677 9.380   1.00 37.09  ? 210 ASN A C    1 
ATOM   917  O O    . ASN A 1 95  ? 6.281   -12.469 8.603   1.00 37.52  ? 210 ASN A O    1 
ATOM   918  C CB   . ASN A 1 95  ? 3.093   -12.022 8.615   1.00 40.01  ? 210 ASN A CB   1 
ATOM   919  C CG   . ASN A 1 95  ? 1.785   -11.362 8.975   1.00 44.73  ? 210 ASN A CG   1 
ATOM   920  O OD1  . ASN A 1 95  ? 1.656   -10.405 9.726   1.00 43.25  ? 210 ASN A OD1  1 
ATOM   921  N ND2  . ASN A 1 95  ? 0.774   -11.914 8.327   1.00 45.62  ? 210 ASN A ND2  1 
ATOM   922  H H    . ASN A 1 95  ? 5.315   -10.078 8.822   1.00 20.00  ? 210 ASN A H    1 
ATOM   923  H HD21 . ASN A 1 95  ? -0.128  -11.479 8.359   1.00 20.00  ? 210 ASN A HD21 1 
ATOM   924  H HD22 . ASN A 1 95  ? 0.897   -12.784 7.857   1.00 20.00  ? 210 ASN A HD22 1 
ATOM   925  N N    . THR A 1 96  ? 5.281   -13.772 10.100  1.00 37.69  ? 211 THR A N    1 
ATOM   926  C CA   . THR A 1 96  ? 6.382   -14.697 9.862   1.00 40.57  ? 211 THR A CA   1 
ATOM   927  C C    . THR A 1 96  ? 6.127   -15.634 8.690   1.00 38.94  ? 211 THR A C    1 
ATOM   928  O O    . THR A 1 96  ? 4.995   -15.892 8.307   1.00 34.75  ? 211 THR A O    1 
ATOM   929  C CB   . THR A 1 96  ? 6.759   -15.418 11.166  1.00 43.00  ? 211 THR A CB   1 
ATOM   930  O OG1  . THR A 1 96  ? 7.964   -16.172 10.998  1.00 49.55  ? 211 THR A OG1  1 
ATOM   931  C CG2  . THR A 1 96  ? 5.592   -16.269 11.699  1.00 44.59  ? 211 THR A CG2  1 
ATOM   932  H H    . THR A 1 96  ? 4.548   -13.823 10.775  1.00 20.00  ? 211 THR A H    1 
ATOM   933  H HG1  . THR A 1 96  ? 8.552   -15.926 11.714  1.00 20.00  ? 211 THR A HG1  1 
ATOM   934  N N    . HIS A 1 97  ? 7.214   -16.123 8.098   1.00 38.46  ? 212 HIS A N    1 
ATOM   935  C CA   . HIS A 1 97  ? 6.903   -17.292 7.272   1.00 35.93  ? 212 HIS A CA   1 
ATOM   936  C C    . HIS A 1 97  ? 6.809   -18.560 8.161   1.00 39.50  ? 212 HIS A C    1 
ATOM   937  O O    . HIS A 1 97  ? 5.853   -19.290 8.106   1.00 33.73  ? 212 HIS A O    1 
ATOM   938  C CB   . HIS A 1 97  ? 7.932   -17.465 6.131   1.00 29.88  ? 212 HIS A CB   1 
ATOM   939  C CG   . HIS A 1 97  ? 8.318   -16.194 5.400   1.00 26.90  ? 212 HIS A CG   1 
ATOM   940  N ND1  . HIS A 1 97  ? 9.540   -15.622 5.457   1.00 26.46  ? 212 HIS A ND1  1 
ATOM   941  C CD2  . HIS A 1 97  ? 7.527   -15.421 4.561   1.00 22.16  ? 212 HIS A CD2  1 
ATOM   942  C CE1  . HIS A 1 97  ? 9.527   -14.518 4.683   1.00 20.60  ? 212 HIS A CE1  1 
ATOM   943  N NE2  . HIS A 1 97  ? 8.288   -14.402 4.132   1.00 24.38  ? 212 HIS A NE2  1 
ATOM   944  H H    . HIS A 1 97  ? 8.104   -15.793 8.413   1.00 20.00  ? 212 HIS A H    1 
ATOM   945  H HD1  . HIS A 1 97  ? 10.325  -15.923 5.963   1.00 20.00  ? 212 HIS A HD1  1 
ATOM   946  N N    . SER A 1 98  ? 7.854   -18.768 9.007   1.00 47.22  ? 213 SER A N    1 
ATOM   947  C CA   . SER A 1 98  ? 8.179   -19.949 9.876   1.00 56.15  ? 213 SER A CA   1 
ATOM   948  C C    . SER A 1 98  ? 8.652   -21.333 9.321   1.00 62.61  ? 213 SER A C    1 
ATOM   949  O O    . SER A 1 98  ? 8.004   -22.386 9.305   1.00 63.92  ? 213 SER A O    1 
ATOM   950  C CB   . SER A 1 98  ? 7.250   -20.136 11.091  1.00 55.38  ? 213 SER A CB   1 
ATOM   951  O OG   . SER A 1 98  ? 6.099   -20.913 10.746  1.00 58.79  ? 213 SER A OG   1 
ATOM   952  H H    . SER A 1 98  ? 8.409   -17.945 9.093   1.00 20.00  ? 213 SER A H    1 
ATOM   953  H HG   . SER A 1 98  ? 5.523   -20.934 11.499  1.00 20.00  ? 213 SER A HG   1 
ATOM   954  N N    . SER A 1 99  ? 9.938   -21.287 8.862   1.00 68.60  ? 214 SER A N    1 
ATOM   955  C CA   . SER A 1 99  ? 10.777  -22.487 8.536   1.00 73.60  ? 214 SER A CA   1 
ATOM   956  C C    . SER A 1 99  ? 10.489  -23.785 9.280   1.00 74.91  ? 214 SER A C    1 
ATOM   957  O O    . SER A 1 99  ? 10.905  -23.977 10.420  1.00 75.42  ? 214 SER A O    1 
ATOM   958  C CB   . SER A 1 99  ? 12.283  -22.285 8.793   1.00 75.09  ? 214 SER A CB   1 
ATOM   959  O OG   . SER A 1 99  ? 12.604  -20.883 8.737   1.00 81.09  ? 214 SER A OG   1 
ATOM   960  H H    . SER A 1 99  ? 10.399  -20.402 8.844   1.00 20.00  ? 214 SER A H    1 
ATOM   961  H HG   . SER A 1 99  ? 13.493  -20.769 8.406   1.00 20.00  ? 214 SER A HG   1 
ATOM   962  N N    . ALA A 1 100 ? 9.753   -24.682 8.613   1.00 75.26  ? 215 ALA A N    1 
ATOM   963  C CA   . ALA A 1 100 ? 9.726   -24.794 7.140   1.00 74.68  ? 215 ALA A CA   1 
ATOM   964  C C    . ALA A 1 100 ? 8.402   -24.922 6.364   1.00 74.71  ? 215 ALA A C    1 
ATOM   965  O O    . ALA A 1 100 ? 8.427   -25.365 5.219   1.00 75.30  ? 215 ALA A O    1 
ATOM   966  C CB   . ALA A 1 100 ? 10.536  -26.017 6.730   1.00 74.75  ? 215 ALA A CB   1 
ATOM   967  H H    . ALA A 1 100 ? 9.460   -25.372 9.271   1.00 20.00  ? 215 ALA A H    1 
ATOM   968  N N    . LYS A 1 101 ? 7.262   -24.552 7.016   1.00 73.44  ? 216 LYS A N    1 
ATOM   969  C CA   . LYS A 1 101 ? 5.888   -24.738 6.443   1.00 69.95  ? 216 LYS A CA   1 
ATOM   970  C C    . LYS A 1 101 ? 5.618   -24.342 4.936   1.00 68.53  ? 216 LYS A C    1 
ATOM   971  O O    . LYS A 1 101 ? 6.363   -23.581 4.326   1.00 70.04  ? 216 LYS A O    1 
ATOM   972  C CB   . LYS A 1 101 ? 4.918   -24.067 7.419   1.00 67.57  ? 216 LYS A CB   1 
ATOM   973  C CG   . LYS A 1 101 ? 5.147   -24.306 8.907   1.00 68.04  ? 216 LYS A CG   1 
ATOM   974  C CD   . LYS A 1 101 ? 4.092   -25.178 9.602   1.00 69.77  ? 216 LYS A CD   1 
ATOM   975  C CE   . LYS A 1 101 ? 4.000   -26.644 9.123   1.00 71.58  ? 216 LYS A CE   1 
ATOM   976  N NZ   . LYS A 1 101 ? 3.027   -27.389 9.947   1.00 70.23  ? 216 LYS A NZ   1 
ATOM   977  H H    . LYS A 1 101 ? 7.423   -24.087 7.889   1.00 20.00  ? 216 LYS A H    1 
ATOM   978  H HZ1  . LYS A 1 101 ? 2.098   -26.933 9.865   1.00 20.00  ? 216 LYS A HZ1  1 
ATOM   979  H HZ2  . LYS A 1 101 ? 2.962   -28.372 9.615   1.00 20.00  ? 216 LYS A HZ2  1 
ATOM   980  H HZ3  . LYS A 1 101 ? 3.329   -27.376 10.943  1.00 20.00  ? 216 LYS A HZ3  1 
ATOM   981  N N    . PRO A 1 102 ? 4.573   -24.884 4.253   1.00 66.99  ? 217 PRO A N    1 
ATOM   982  C CA   . PRO A 1 102 ? 4.535   -24.694 2.772   1.00 65.05  ? 217 PRO A CA   1 
ATOM   983  C C    . PRO A 1 102 ? 3.727   -23.473 2.279   1.00 62.35  ? 217 PRO A C    1 
ATOM   984  O O    . PRO A 1 102 ? 2.709   -23.175 2.891   1.00 63.71  ? 217 PRO A O    1 
ATOM   985  C CB   . PRO A 1 102 ? 3.857   -25.986 2.306   1.00 65.50  ? 217 PRO A CB   1 
ATOM   986  C CG   . PRO A 1 102 ? 2.795   -26.199 3.409   1.00 70.02  ? 217 PRO A CG   1 
ATOM   987  C CD   . PRO A 1 102 ? 3.500   -25.764 4.711   1.00 69.04  ? 217 PRO A CD   1 
ATOM   988  N N    . CYS A 1 103 ? 4.173   -22.821 1.138   1.00 56.13  ? 218 CYS A N    1 
ATOM   989  C CA   . CYS A 1 103 ? 3.444   -21.661 0.532   1.00 47.33  ? 218 CYS A CA   1 
ATOM   990  C C    . CYS A 1 103 ? 2.101   -21.280 1.138   1.00 44.26  ? 218 CYS A C    1 
ATOM   991  O O    . CYS A 1 103 ? 0.994   -21.597 0.710   1.00 44.39  ? 218 CYS A O    1 
ATOM   992  C CB   . CYS A 1 103 ? 3.227   -21.735 -0.974  1.00 46.44  ? 218 CYS A CB   1 
ATOM   993  S SG   . CYS A 1 103 ? 2.677   -20.185 -1.844  1.00 42.72  ? 218 CYS A SG   1 
ATOM   994  H H    . CYS A 1 103 ? 5.054   -23.118 0.782   1.00 20.00  ? 218 CYS A H    1 
ATOM   995  N N    . GLY A 1 104 ? 2.300   -20.621 2.255   1.00 40.28  ? 219 GLY A N    1 
ATOM   996  C CA   . GLY A 1 104 ? 1.133   -20.307 3.051   1.00 35.60  ? 219 GLY A CA   1 
ATOM   997  C C    . GLY A 1 104 ? 0.624   -18.957 2.693   1.00 34.10  ? 219 GLY A C    1 
ATOM   998  O O    . GLY A 1 104 ? 1.344   -17.965 2.688   1.00 35.39  ? 219 GLY A O    1 
ATOM   999  H H    . GLY A 1 104 ? 3.236   -20.546 2.600   1.00 20.00  ? 219 GLY A H    1 
ATOM   1000 N N    . GLN A 1 105 ? -0.651  -18.966 2.355   1.00 34.21  ? 220 GLN A N    1 
ATOM   1001 C CA   . GLN A 1 105 ? -1.242  -17.671 2.075   1.00 31.11  ? 220 GLN A CA   1 
ATOM   1002 C C    . GLN A 1 105 ? -1.690  -16.924 3.307   1.00 29.44  ? 220 GLN A C    1 
ATOM   1003 O O    . GLN A 1 105 ? -2.433  -17.431 4.130   1.00 29.74  ? 220 GLN A O    1 
ATOM   1004 C CB   . GLN A 1 105 ? -2.279  -17.740 0.981   1.00 29.75  ? 220 GLN A CB   1 
ATOM   1005 C CG   . GLN A 1 105 ? -2.224  -16.387 0.296   1.00 32.11  ? 220 GLN A CG   1 
ATOM   1006 C CD   . GLN A 1 105 ? -3.199  -16.368 -0.841  1.00 37.45  ? 220 GLN A CD   1 
ATOM   1007 O OE1  . GLN A 1 105 ? -4.396  -16.430 -0.650  1.00 40.71  ? 220 GLN A OE1  1 
ATOM   1008 N NE2  . GLN A 1 105 ? -2.690  -16.222 -2.053  1.00 38.20  ? 220 GLN A NE2  1 
ATOM   1009 H H    . GLN A 1 105 ? -1.156  -19.826 2.439   1.00 20.00  ? 220 GLN A H    1 
ATOM   1010 H HE21 . GLN A 1 105 ? -3.468  -16.081 -2.665  1.00 20.00  ? 220 GLN A HE21 1 
ATOM   1011 H HE22 . GLN A 1 105 ? -1.746  -16.252 -2.386  1.00 20.00  ? 220 GLN A HE22 1 
ATOM   1012 N N    . GLN A 1 106 ? -1.078  -15.735 3.441   1.00 26.29  ? 221 GLN A N    1 
ATOM   1013 C CA   . GLN A 1 106 ? -1.279  -14.926 4.647   1.00 21.93  ? 221 GLN A CA   1 
ATOM   1014 C C    . GLN A 1 106 ? -1.611  -13.510 4.257   1.00 19.76  ? 221 GLN A C    1 
ATOM   1015 O O    . GLN A 1 106 ? -1.147  -13.008 3.252   1.00 20.69  ? 221 GLN A O    1 
ATOM   1016 C CB   . GLN A 1 106 ? -0.048  -14.826 5.568   1.00 22.14  ? 221 GLN A CB   1 
ATOM   1017 C CG   . GLN A 1 106 ? 0.244   -15.922 6.600   1.00 30.54  ? 221 GLN A CG   1 
ATOM   1018 C CD   . GLN A 1 106 ? 1.462   -15.486 7.404   1.00 34.81  ? 221 GLN A CD   1 
ATOM   1019 O OE1  . GLN A 1 106 ? 1.425   -14.584 8.217   1.00 42.07  ? 221 GLN A OE1  1 
ATOM   1020 N NE2  . GLN A 1 106 ? 2.600   -16.094 7.127   1.00 33.74  ? 221 GLN A NE2  1 
ATOM   1021 H H    . GLN A 1 106 ? -0.521  -15.407 2.681   1.00 20.00  ? 221 GLN A H    1 
ATOM   1022 H HE21 . GLN A 1 106 ? 3.347   -15.647 7.614   1.00 20.00  ? 221 GLN A HE21 1 
ATOM   1023 H HE22 . GLN A 1 106 ? 2.823   -16.924 6.615   1.00 20.00  ? 221 GLN A HE22 1 
ATOM   1024 N N    . SER A 1 107 ? -2.384  -12.885 5.112   1.00 18.16  ? 222 SER A N    1 
ATOM   1025 C CA   . SER A 1 107 ? -2.590  -11.467 4.909   1.00 18.72  ? 222 SER A CA   1 
ATOM   1026 C C    . SER A 1 107 ? -2.114  -10.619 6.057   1.00 22.89  ? 222 SER A C    1 
ATOM   1027 O O    . SER A 1 107 ? -1.943  -11.075 7.175   1.00 27.49  ? 222 SER A O    1 
ATOM   1028 C CB   . SER A 1 107 ? -4.048  -11.080 4.760   1.00 19.90  ? 222 SER A CB   1 
ATOM   1029 O OG   . SER A 1 107 ? -4.673  -11.725 3.654   1.00 24.36  ? 222 SER A OG   1 
ATOM   1030 H H    . SER A 1 107 ? -2.918  -13.451 5.743   1.00 20.00  ? 222 SER A H    1 
ATOM   1031 H HG   . SER A 1 107 ? -5.585  -11.482 3.731   1.00 20.00  ? 222 SER A HG   1 
ATOM   1032 N N    . ILE A 1 108 ? -1.951  -9.327  5.676   1.00 22.16  ? 223 ILE A N    1 
ATOM   1033 C CA   . ILE A 1 108 ? -1.620  -8.152  6.484   1.00 20.96  ? 223 ILE A CA   1 
ATOM   1034 C C    . ILE A 1 108 ? -2.630  -7.005  6.257   1.00 21.18  ? 223 ILE A C    1 
ATOM   1035 O O    . ILE A 1 108 ? -2.854  -6.598  5.132   1.00 18.42  ? 223 ILE A O    1 
ATOM   1036 C CB   . ILE A 1 108 ? -0.167  -7.754  6.116   1.00 21.83  ? 223 ILE A CB   1 
ATOM   1037 C CG1  . ILE A 1 108 ? 0.768   -8.673  6.923   1.00 16.61  ? 223 ILE A CG1  1 
ATOM   1038 C CG2  . ILE A 1 108 ? 0.137   -6.260  6.346   1.00 20.60  ? 223 ILE A CG2  1 
ATOM   1039 C CD1  . ILE A 1 108 ? 2.258   -8.600  6.604   1.00 22.28  ? 223 ILE A CD1  1 
ATOM   1040 H H    . ILE A 1 108 ? -1.947  -9.238  4.677   1.00 20.00  ? 223 ILE A H    1 
ATOM   1041 N N    . HIS A 1 109 ? -3.191  -6.493  7.371   1.00 19.94  ? 224 HIS A N    1 
ATOM   1042 C CA   . HIS A 1 109 ? -3.890  -5.198  7.334   1.00 17.70  ? 224 HIS A CA   1 
ATOM   1043 C C    . HIS A 1 109 ? -3.220  -4.092  8.127   1.00 15.20  ? 224 HIS A C    1 
ATOM   1044 O O    . HIS A 1 109 ? -2.966  -4.200  9.303   1.00 14.37  ? 224 HIS A O    1 
ATOM   1045 C CB   . HIS A 1 109 ? -5.365  -5.342  7.747   1.00 19.77  ? 224 HIS A CB   1 
ATOM   1046 C CG   . HIS A 1 109 ? -6.195  -4.109  7.378   1.00 16.29  ? 224 HIS A CG   1 
ATOM   1047 N ND1  . HIS A 1 109 ? -6.845  -3.919  6.200   1.00 15.84  ? 224 HIS A ND1  1 
ATOM   1048 C CD2  . HIS A 1 109 ? -6.362  -2.953  8.128   1.00 14.17  ? 224 HIS A CD2  1 
ATOM   1049 C CE1  . HIS A 1 109 ? -7.381  -2.657  6.209   1.00 13.75  ? 224 HIS A CE1  1 
ATOM   1050 N NE2  . HIS A 1 109 ? -7.086  -2.068  7.399   1.00 11.92  ? 224 HIS A NE2  1 
ATOM   1051 H H    . HIS A 1 109 ? -3.064  -7.029  8.210   1.00 20.00  ? 224 HIS A H    1 
ATOM   1052 H HD1  . HIS A 1 109 ? -6.970  -4.557  5.467   1.00 20.00  ? 224 HIS A HD1  1 
ATOM   1053 N N    . LEU A 1 110 ? -2.926  -3.013  7.427   1.00 17.35  ? 225 LEU A N    1 
ATOM   1054 C CA   . LEU A 1 110 ? -2.319  -1.796  7.999   1.00 16.44  ? 225 LEU A CA   1 
ATOM   1055 C C    . LEU A 1 110 ? -3.278  -0.633  7.935   1.00 15.54  ? 225 LEU A C    1 
ATOM   1056 O O    . LEU A 1 110 ? -3.887  -0.424  6.891   1.00 11.79  ? 225 LEU A O    1 
ATOM   1057 C CB   . LEU A 1 110 ? -1.084  -1.320  7.185   1.00 17.93  ? 225 LEU A CB   1 
ATOM   1058 C CG   . LEU A 1 110 ? 0.170   -2.202  7.237   1.00 20.81  ? 225 LEU A CG   1 
ATOM   1059 C CD1  . LEU A 1 110 ? 1.307   -1.627  6.387   1.00 15.71  ? 225 LEU A CD1  1 
ATOM   1060 C CD2  . LEU A 1 110 ? 0.637   -2.430  8.678   1.00 20.14  ? 225 LEU A CD2  1 
ATOM   1061 H H    . LEU A 1 110 ? -3.252  -3.018  6.484   1.00 20.00  ? 225 LEU A H    1 
ATOM   1062 N N    . GLY A 1 111 ? -3.356  0.128   9.041   1.00 17.92  ? 226 GLY A N    1 
ATOM   1063 C CA   . GLY A 1 111 ? -4.149  1.378   8.968   1.00 17.99  ? 226 GLY A CA   1 
ATOM   1064 C C    . GLY A 1 111 ? -4.006  2.375   10.134  1.00 16.47  ? 226 GLY A C    1 
ATOM   1065 O O    . GLY A 1 111 ? -3.961  2.027   11.289  1.00 15.16  ? 226 GLY A O    1 
ATOM   1066 H H    . GLY A 1 111 ? -2.951  -0.220  9.891   1.00 20.00  ? 226 GLY A H    1 
ATOM   1067 N N    . GLY A 1 112 ? -3.984  3.660   9.803   1.00 16.99  ? 227 GLY A N    1 
ATOM   1068 C CA   . GLY A 1 112 ? -4.071  4.691   10.861  1.00 9.49   ? 227 GLY A CA   1 
ATOM   1069 C C    . GLY A 1 112 ? -4.366  6.136   10.384  1.00 12.93  ? 227 GLY A C    1 
ATOM   1070 O O    . GLY A 1 112 ? -4.484  6.452   9.198   1.00 10.90  ? 227 GLY A O    1 
ATOM   1071 H H    . GLY A 1 112 ? -3.970  3.846   8.818   1.00 20.00  ? 227 GLY A H    1 
ATOM   1072 N N    . VAL A 1 113 ? -4.486  7.026   11.365  1.00 9.56   ? 228 VAL A N    1 
ATOM   1073 C CA   . VAL A 1 113 ? -4.657  8.444   11.023  1.00 11.38  ? 228 VAL A CA   1 
ATOM   1074 C C    . VAL A 1 113 ? -3.354  9.188   11.094  1.00 9.22   ? 228 VAL A C    1 
ATOM   1075 O O    . VAL A 1 113 ? -2.647  9.146   12.092  1.00 11.44  ? 228 VAL A O    1 
ATOM   1076 C CB   . VAL A 1 113 ? -5.654  9.181   11.974  1.00 14.54  ? 228 VAL A CB   1 
ATOM   1077 C CG1  . VAL A 1 113 ? -5.653  10.702  11.765  1.00 15.19  ? 228 VAL A CG1  1 
ATOM   1078 C CG2  . VAL A 1 113 ? -7.074  8.599   11.959  1.00 10.64  ? 228 VAL A CG2  1 
ATOM   1079 H H    . VAL A 1 113 ? -4.534  6.776   12.325  1.00 20.00  ? 228 VAL A H    1 
ATOM   1080 N N    . PHE A 1 114 ? -3.108  9.900   9.988   1.00 10.77  ? 229 PHE A N    1 
ATOM   1081 C CA   . PHE A 1 114 ? -1.919  10.758  9.846   1.00 11.72  ? 229 PHE A CA   1 
ATOM   1082 C C    . PHE A 1 114 ? -2.201  12.142  9.215   1.00 14.50  ? 229 PHE A C    1 
ATOM   1083 O O    . PHE A 1 114 ? -3.120  12.329  8.446   1.00 13.97  ? 229 PHE A O    1 
ATOM   1084 C CB   . PHE A 1 114 ? -0.847  9.975   9.024   1.00 9.85   ? 229 PHE A CB   1 
ATOM   1085 C CG   . PHE A 1 114 ? -0.388  8.635   9.660   1.00 10.13  ? 229 PHE A CG   1 
ATOM   1086 C CD1  . PHE A 1 114 ? 0.608   8.602   10.672  1.00 10.38  ? 229 PHE A CD1  1 
ATOM   1087 C CD2  . PHE A 1 114 ? -0.997  7.437   9.255   1.00 8.04   ? 229 PHE A CD2  1 
ATOM   1088 C CE1  . PHE A 1 114 ? 0.913   7.380   11.315  1.00 7.92   ? 229 PHE A CE1  1 
ATOM   1089 C CE2  . PHE A 1 114 ? -0.709  6.216   9.905   1.00 5.43   ? 229 PHE A CE2  1 
ATOM   1090 C CZ   . PHE A 1 114 ? 0.224   6.210   10.943  1.00 5.99   ? 229 PHE A CZ   1 
ATOM   1091 H H    . PHE A 1 114 ? -3.747  9.747   9.228   1.00 20.00  ? 229 PHE A H    1 
ATOM   1092 N N    . GLU A 1 115 ? -1.358  13.127  9.538   1.00 16.63  ? 230 GLU A N    1 
ATOM   1093 C CA   . GLU A 1 115 ? -1.323  14.396  8.766   1.00 17.81  ? 230 GLU A CA   1 
ATOM   1094 C C    . GLU A 1 115 ? -0.544  14.303  7.431   1.00 17.74  ? 230 GLU A C    1 
ATOM   1095 O O    . GLU A 1 115 ? 0.604   13.853  7.337   1.00 20.97  ? 230 GLU A O    1 
ATOM   1096 C CB   . GLU A 1 115 ? -0.633  15.530  9.582   1.00 15.80  ? 230 GLU A CB   1 
ATOM   1097 C CG   . GLU A 1 115 ? -1.405  16.858  9.716   1.00 27.78  ? 230 GLU A CG   1 
ATOM   1098 C CD   . GLU A 1 115 ? -1.177  17.856  8.588   1.00 34.36  ? 230 GLU A CD   1 
ATOM   1099 O OE1  . GLU A 1 115 ? -0.020  18.137  8.263   1.00 37.88  ? 230 GLU A OE1  1 
ATOM   1100 O OE2  . GLU A 1 115 ? -2.161  18.392  8.068   1.00 41.14  ? 230 GLU A OE2  1 
ATOM   1101 H H    . GLU A 1 115 ? -0.610  12.890  10.161  1.00 20.00  ? 230 GLU A H    1 
ATOM   1102 N N    . LEU A 1 116 ? -1.204  14.810  6.395   1.00 14.21  ? 231 LEU A N    1 
ATOM   1103 C CA   . LEU A 1 116 ? -0.454  15.010  5.172   1.00 13.39  ? 231 LEU A CA   1 
ATOM   1104 C C    . LEU A 1 116 ? -0.359  16.458  4.762   1.00 14.53  ? 231 LEU A C    1 
ATOM   1105 O O    . LEU A 1 116 ? -1.276  17.236  4.962   1.00 12.21  ? 231 LEU A O    1 
ATOM   1106 C CB   . LEU A 1 116 ? -1.047  14.173  4.055   1.00 13.22  ? 231 LEU A CB   1 
ATOM   1107 C CG   . LEU A 1 116 ? -1.097  12.694  4.387   1.00 11.86  ? 231 LEU A CG   1 
ATOM   1108 C CD1  . LEU A 1 116 ? -1.916  11.989  3.325   1.00 9.39   ? 231 LEU A CD1  1 
ATOM   1109 C CD2  . LEU A 1 116 ? 0.313   12.111  4.595   1.00 10.00  ? 231 LEU A CD2  1 
ATOM   1110 H H    . LEU A 1 116 ? -2.183  14.977  6.438   1.00 20.00  ? 231 LEU A H    1 
ATOM   1111 N N    . GLN A 1 117 ? 0.808   16.764  4.194   1.00 17.73  ? 232 GLN A N    1 
ATOM   1112 C CA   . GLN A 1 117 ? 1.078   18.092  3.635   1.00 18.60  ? 232 GLN A CA   1 
ATOM   1113 C C    . GLN A 1 117 ? 0.495   18.211  2.248   1.00 20.16  ? 232 GLN A C    1 
ATOM   1114 O O    . GLN A 1 117 ? 0.317   17.175  1.621   1.00 21.24  ? 232 GLN A O    1 
ATOM   1115 C CB   . GLN A 1 117 ? 2.601   18.281  3.547   1.00 21.59  ? 232 GLN A CB   1 
ATOM   1116 C CG   . GLN A 1 117 ? 3.187   18.764  4.878   1.00 27.03  ? 232 GLN A CG   1 
ATOM   1117 C CD   . GLN A 1 117 ? 2.578   20.129  5.213   1.00 31.22  ? 232 GLN A CD   1 
ATOM   1118 O OE1  . GLN A 1 117 ? 3.084   21.190  4.859   1.00 37.26  ? 232 GLN A OE1  1 
ATOM   1119 N NE2  . GLN A 1 117 ? 1.452   20.072  5.930   1.00 32.53  ? 232 GLN A NE2  1 
ATOM   1120 H H    . GLN A 1 117 ? 1.373   15.984  3.916   1.00 20.00  ? 232 GLN A H    1 
ATOM   1121 H HE21 . GLN A 1 117 ? 1.143   20.984  6.195   1.00 20.00  ? 232 GLN A HE21 1 
ATOM   1122 H HE22 . GLN A 1 117 ? 1.009   19.209  6.164   1.00 20.00  ? 232 GLN A HE22 1 
ATOM   1123 N N    . PRO A 1 118 ? 0.213   19.453  1.727   1.00 21.08  ? 233 PRO A N    1 
ATOM   1124 C CA   . PRO A 1 118 ? -0.235  19.492  0.326   1.00 21.00  ? 233 PRO A CA   1 
ATOM   1125 C C    . PRO A 1 118 ? 0.838   18.894  -0.542  1.00 23.89  ? 233 PRO A C    1 
ATOM   1126 O O    . PRO A 1 118 ? 2.027   19.059  -0.301  1.00 27.27  ? 233 PRO A O    1 
ATOM   1127 C CB   . PRO A 1 118 ? -0.427  20.969  0.072   1.00 23.17  ? 233 PRO A CB   1 
ATOM   1128 C CG   . PRO A 1 118 ? -0.569  21.628  1.450   1.00 18.56  ? 233 PRO A CG   1 
ATOM   1129 C CD   . PRO A 1 118 ? 0.348   20.789  2.302   1.00 18.02  ? 233 PRO A CD   1 
ATOM   1130 N N    . GLY A 1 119 ? 0.406   18.077  -1.484  1.00 22.61  ? 234 GLY A N    1 
ATOM   1131 C CA   . GLY A 1 119 ? 1.463   17.455  -2.278  1.00 18.96  ? 234 GLY A CA   1 
ATOM   1132 C C    . GLY A 1 119 ? 2.180   16.228  -1.747  1.00 17.66  ? 234 GLY A C    1 
ATOM   1133 O O    . GLY A 1 119 ? 2.881   15.599  -2.513  1.00 23.25  ? 234 GLY A O    1 
ATOM   1134 H H    . GLY A 1 119 ? -0.574  17.871  -1.567  1.00 20.00  ? 234 GLY A H    1 
ATOM   1135 N N    . ALA A 1 120 ? 1.940   15.875  -0.470  1.00 17.73  ? 235 ALA A N    1 
ATOM   1136 C CA   . ALA A 1 120 ? 1.559   14.503  -0.040  1.00 21.26  ? 235 ALA A CA   1 
ATOM   1137 C C    . ALA A 1 120 ? 2.611   13.602  0.493   1.00 21.83  ? 235 ALA A C    1 
ATOM   1138 O O    . ALA A 1 120 ? 3.152   13.995  1.518   1.00 26.37  ? 235 ALA A O    1 
ATOM   1139 C CB   . ALA A 1 120 ? 0.719   13.734  -1.041  1.00 7.30   ? 235 ALA A CB   1 
ATOM   1140 H H    . ALA A 1 120 ? 1.751   16.625  0.160   1.00 20.00  ? 235 ALA A H    1 
ATOM   1141 N N    . SER A 1 121 ? 2.995   12.494  -0.238  1.00 20.88  ? 236 SER A N    1 
ATOM   1142 C CA   . SER A 1 121 ? 2.445   11.202  -0.745  1.00 18.15  ? 236 SER A CA   1 
ATOM   1143 C C    . SER A 1 121 ? 2.860   9.926   -0.032  1.00 13.73  ? 236 SER A C    1 
ATOM   1144 O O    . SER A 1 121 ? 3.847   9.823   0.676   1.00 17.66  ? 236 SER A O    1 
ATOM   1145 C CB   . SER A 1 121 ? 2.696   10.950  -2.246  1.00 20.10  ? 236 SER A CB   1 
ATOM   1146 O OG   . SER A 1 121 ? 4.034   10.615  -2.538  1.00 21.56  ? 236 SER A OG   1 
ATOM   1147 H H    . SER A 1 121 ? 3.983   12.565  -0.312  1.00 20.00  ? 236 SER A H    1 
ATOM   1148 H HG   . SER A 1 121 ? 4.206   10.909  -3.427  1.00 20.00  ? 236 SER A HG   1 
ATOM   1149 N N    . VAL A 1 122 ? 1.976   8.952   -0.183  1.00 13.73  ? 237 VAL A N    1 
ATOM   1150 C CA   . VAL A 1 122 ? 2.108   7.718   0.567   1.00 8.97   ? 237 VAL A CA   1 
ATOM   1151 C C    . VAL A 1 122 ? 2.261   6.518   -0.335  1.00 7.80   ? 237 VAL A C    1 
ATOM   1152 O O    . VAL A 1 122 ? 1.731   6.442   -1.423  1.00 13.69  ? 237 VAL A O    1 
ATOM   1153 C CB   . VAL A 1 122 ? 0.945   7.529   1.560   1.00 10.32  ? 237 VAL A CB   1 
ATOM   1154 C CG1  . VAL A 1 122 ? 1.180   8.331   2.845   1.00 9.73   ? 237 VAL A CG1  1 
ATOM   1155 C CG2  . VAL A 1 122 ? -0.433  7.757   0.905   1.00 10.10  ? 237 VAL A CG2  1 
ATOM   1156 H H    . VAL A 1 122 ? 1.210   9.137   -0.800  1.00 20.00  ? 237 VAL A H    1 
ATOM   1157 N N    . PHE A 1 123 ? 3.056   5.573   0.123   1.00 12.27  ? 238 PHE A N    1 
ATOM   1158 C CA   . PHE A 1 123 ? 3.240   4.306   -0.629  1.00 11.86  ? 238 PHE A CA   1 
ATOM   1159 C C    . PHE A 1 123 ? 3.420   3.046   0.258   1.00 12.83  ? 238 PHE A C    1 
ATOM   1160 O O    . PHE A 1 123 ? 3.571   3.130   1.467   1.00 9.82   ? 238 PHE A O    1 
ATOM   1161 C CB   . PHE A 1 123 ? 4.418   4.503   -1.592  1.00 12.69  ? 238 PHE A CB   1 
ATOM   1162 C CG   . PHE A 1 123 ? 5.723   4.784   -0.872  1.00 12.35  ? 238 PHE A CG   1 
ATOM   1163 C CD1  . PHE A 1 123 ? 6.068   6.107   -0.538  1.00 9.94   ? 238 PHE A CD1  1 
ATOM   1164 C CD2  . PHE A 1 123 ? 6.609   3.707   -0.603  1.00 11.99  ? 238 PHE A CD2  1 
ATOM   1165 C CE1  . PHE A 1 123 ? 7.329   6.357   0.024   1.00 10.50  ? 238 PHE A CE1  1 
ATOM   1166 C CE2  . PHE A 1 123 ? 7.886   3.973   -0.044  1.00 11.79  ? 238 PHE A CE2  1 
ATOM   1167 C CZ   . PHE A 1 123 ? 8.238   5.303   0.244   1.00 11.25  ? 238 PHE A CZ   1 
ATOM   1168 H H    . PHE A 1 123 ? 3.517   5.760   0.991   1.00 20.00  ? 238 PHE A H    1 
ATOM   1169 N N    . VAL A 1 124 ? 3.422   1.867   -0.369  1.00 16.01  ? 239 VAL A N    1 
ATOM   1170 C CA   . VAL A 1 124 ? 3.687   0.639   0.414   1.00 15.24  ? 239 VAL A CA   1 
ATOM   1171 C C    . VAL A 1 124 ? 4.930   -0.091  -0.061  1.00 18.28  ? 239 VAL A C    1 
ATOM   1172 O O    . VAL A 1 124 ? 5.060   -0.450  -1.212  1.00 19.38  ? 239 VAL A O    1 
ATOM   1173 C CB   . VAL A 1 124 ? 2.503   -0.365  0.371   1.00 15.24  ? 239 VAL A CB   1 
ATOM   1174 C CG1  . VAL A 1 124 ? 2.733   -1.531  1.348   1.00 13.45  ? 239 VAL A CG1  1 
ATOM   1175 C CG2  . VAL A 1 124 ? 1.155   0.294   0.640   1.00 13.98  ? 239 VAL A CG2  1 
ATOM   1176 H H    . VAL A 1 124 ? 3.313   1.863   -1.360  1.00 20.00  ? 239 VAL A H    1 
ATOM   1177 N N    . ASN A 1 125 ? 5.824   -0.298  0.891   1.00 19.38  ? 240 ASN A N    1 
ATOM   1178 C CA   . ASN A 1 125 ? 7.012   -1.168  0.807   1.00 20.62  ? 240 ASN A CA   1 
ATOM   1179 C C    . ASN A 1 125 ? 6.758   -2.657  1.237   1.00 19.31  ? 240 ASN A C    1 
ATOM   1180 O O    . ASN A 1 125 ? 6.092   -2.918  2.225   1.00 19.32  ? 240 ASN A O    1 
ATOM   1181 C CB   . ASN A 1 125 ? 7.958   -0.522  1.827   1.00 23.96  ? 240 ASN A CB   1 
ATOM   1182 C CG   . ASN A 1 125 ? 9.349   -0.523  1.328   1.00 29.69  ? 240 ASN A CG   1 
ATOM   1183 O OD1  . ASN A 1 125 ? 9.583   -0.568  0.135   1.00 37.39  ? 240 ASN A OD1  1 
ATOM   1184 N ND2  . ASN A 1 125 ? 10.298  -0.430  2.262   1.00 33.96  ? 240 ASN A ND2  1 
ATOM   1185 H H    . ASN A 1 125 ? 5.509   0.041   1.780   1.00 20.00  ? 240 ASN A H    1 
ATOM   1186 H HD21 . ASN A 1 125 ? 11.170  -0.389  1.778   1.00 20.00  ? 240 ASN A HD21 1 
ATOM   1187 H HD22 . ASN A 1 125 ? 10.221  -0.426  3.262   1.00 20.00  ? 240 ASN A HD22 1 
ATOM   1188 N N    . VAL A 1 126 ? 7.308   -3.636  0.510   1.00 20.59  ? 241 VAL A N    1 
ATOM   1189 C CA   . VAL A 1 126 ? 7.387   -4.992  1.104   1.00 20.34  ? 241 VAL A CA   1 
ATOM   1190 C C    . VAL A 1 126 ? 8.769   -5.628  0.995   1.00 18.39  ? 241 VAL A C    1 
ATOM   1191 O O    . VAL A 1 126 ? 9.557   -5.360  0.104   1.00 20.25  ? 241 VAL A O    1 
ATOM   1192 C CB   . VAL A 1 126 ? 6.372   -6.024  0.598   1.00 17.79  ? 241 VAL A CB   1 
ATOM   1193 C CG1  . VAL A 1 126 ? 4.939   -5.671  0.917   1.00 18.55  ? 241 VAL A CG1  1 
ATOM   1194 C CG2  . VAL A 1 126 ? 6.508   -6.273  -0.890  1.00 13.53  ? 241 VAL A CG2  1 
ATOM   1195 H H    . VAL A 1 126 ? 7.758   -3.404  -0.355  1.00 20.00  ? 241 VAL A H    1 
ATOM   1196 N N    . THR A 1 127 ? 9.017   -6.550  1.908   1.00 20.54  ? 242 THR A N    1 
ATOM   1197 C CA   . THR A 1 127 ? 10.269  -7.348  1.818   1.00 20.89  ? 242 THR A CA   1 
ATOM   1198 C C    . THR A 1 127 ? 10.321  -8.341  0.638   1.00 18.09  ? 242 THR A C    1 
ATOM   1199 O O    . THR A 1 127 ? 11.347  -8.633  0.024   1.00 18.45  ? 242 THR A O    1 
ATOM   1200 C CB   . THR A 1 127 ? 10.590  -8.153  3.099   1.00 15.61  ? 242 THR A CB   1 
ATOM   1201 O OG1  . THR A 1 127 ? 9.410   -8.802  3.547   1.00 19.04  ? 242 THR A OG1  1 
ATOM   1202 C CG2  . THR A 1 127 ? 11.177  -7.367  4.239   1.00 15.06  ? 242 THR A CG2  1 
ATOM   1203 H H    . THR A 1 127 ? 8.411   -6.555  2.706   1.00 20.00  ? 242 THR A H    1 
ATOM   1204 H HG1  . THR A 1 127 ? 9.718   -9.288  4.310   1.00 20.00  ? 242 THR A HG1  1 
ATOM   1205 N N    . ASP A 1 128 ? 9.134   -8.841  0.342   1.00 18.85  ? 243 ASP A N    1 
ATOM   1206 C CA   . ASP A 1 128 ? 9.007   -9.998  -0.565  1.00 19.12  ? 243 ASP A CA   1 
ATOM   1207 C C    . ASP A 1 128 ? 8.049   -9.903  -1.740  1.00 17.69  ? 243 ASP A C    1 
ATOM   1208 O O    . ASP A 1 128 ? 7.102   -10.654 -1.866  1.00 18.13  ? 243 ASP A O    1 
ATOM   1209 C CB   . ASP A 1 128 ? 8.596   -11.272 0.166   1.00 19.09  ? 243 ASP A CB   1 
ATOM   1210 C CG   . ASP A 1 128 ? 9.702   -11.592 1.111   1.00 25.01  ? 243 ASP A CG   1 
ATOM   1211 O OD1  . ASP A 1 128 ? 9.691   -11.077 2.236   1.00 26.08  ? 243 ASP A OD1  1 
ATOM   1212 O OD2  . ASP A 1 128 ? 10.571  -12.364 0.708   1.00 30.00  ? 243 ASP A OD2  1 
ATOM   1213 H H    . ASP A 1 128 ? 8.402   -8.519  0.943   1.00 20.00  ? 243 ASP A H    1 
ATOM   1214 N N    . PRO A 1 129 ? 8.347   -8.953  -2.654  1.00 19.03  ? 244 PRO A N    1 
ATOM   1215 C CA   . PRO A 1 129 ? 7.307   -8.663  -3.649  1.00 20.57  ? 244 PRO A CA   1 
ATOM   1216 C C    . PRO A 1 129 ? 6.877   -9.838  -4.526  1.00 21.07  ? 244 PRO A C    1 
ATOM   1217 O O    . PRO A 1 129 ? 5.725   -10.010 -4.841  1.00 25.44  ? 244 PRO A O    1 
ATOM   1218 C CB   . PRO A 1 129 ? 7.807   -7.401  -4.392  1.00 16.35  ? 244 PRO A CB   1 
ATOM   1219 C CG   . PRO A 1 129 ? 9.028   -6.910  -3.616  1.00 15.50  ? 244 PRO A CG   1 
ATOM   1220 C CD   . PRO A 1 129 ? 9.504   -8.064  -2.769  1.00 15.18  ? 244 PRO A CD   1 
ATOM   1221 N N    . SER A 1 130 ? 7.849   -10.704 -4.851  1.00 23.57  ? 245 SER A N    1 
ATOM   1222 C CA   . SER A 1 130 ? 7.416   -11.889 -5.642  1.00 27.26  ? 245 SER A CA   1 
ATOM   1223 C C    . SER A 1 130 ? 6.338   -12.766 -5.022  1.00 25.48  ? 245 SER A C    1 
ATOM   1224 O O    . SER A 1 130 ? 5.485   -13.365 -5.651  1.00 25.17  ? 245 SER A O    1 
ATOM   1225 C CB   . SER A 1 130 ? 8.617   -12.780 -6.019  1.00 25.47  ? 245 SER A CB   1 
ATOM   1226 O OG   . SER A 1 130 ? 9.684   -11.953 -6.509  1.00 39.86  ? 245 SER A OG   1 
ATOM   1227 H H    . SER A 1 130 ? 8.808   -10.436 -4.944  1.00 20.00  ? 245 SER A H    1 
ATOM   1228 H HG   . SER A 1 130 ? 10.356  -12.540 -6.812  1.00 20.00  ? 245 SER A HG   1 
ATOM   1229 N N    . GLN A 1 131 ? 6.393   -12.788 -3.690  1.00 28.43  ? 246 GLN A N    1 
ATOM   1230 C CA   . GLN A 1 131 ? 5.386   -13.540 -2.930  1.00 25.73  ? 246 GLN A CA   1 
ATOM   1231 C C    . GLN A 1 131 ? 4.028   -12.844 -2.832  1.00 26.42  ? 246 GLN A C    1 
ATOM   1232 O O    . GLN A 1 131 ? 3.093   -13.333 -2.215  1.00 25.29  ? 246 GLN A O    1 
ATOM   1233 C CB   . GLN A 1 131 ? 5.905   -13.770 -1.500  1.00 28.51  ? 246 GLN A CB   1 
ATOM   1234 C CG   . GLN A 1 131 ? 7.014   -14.816 -1.295  1.00 26.25  ? 246 GLN A CG   1 
ATOM   1235 C CD   . GLN A 1 131 ? 8.214   -14.508 -2.143  1.00 22.53  ? 246 GLN A CD   1 
ATOM   1236 O OE1  . GLN A 1 131 ? 8.858   -13.475 -2.054  1.00 24.43  ? 246 GLN A OE1  1 
ATOM   1237 N NE2  . GLN A 1 131 ? 8.456   -15.427 -3.041  1.00 26.73  ? 246 GLN A NE2  1 
ATOM   1238 H H    . GLN A 1 131 ? 7.030   -12.177 -3.227  1.00 20.00  ? 246 GLN A H    1 
ATOM   1239 H HE21 . GLN A 1 131 ? 9.197   -15.242 -3.688  1.00 20.00  ? 246 GLN A HE21 1 
ATOM   1240 H HE22 . GLN A 1 131 ? 7.913   -16.271 -3.028  1.00 20.00  ? 246 GLN A HE22 1 
ATOM   1241 N N    . VAL A 1 132 ? 3.957   -11.646 -3.445  1.00 22.75  ? 247 VAL A N    1 
ATOM   1242 C CA   . VAL A 1 132 ? 2.680   -11.031 -3.207  1.00 20.64  ? 247 VAL A CA   1 
ATOM   1243 C C    . VAL A 1 132 ? 1.522   -11.498 -4.054  1.00 20.22  ? 247 VAL A C    1 
ATOM   1244 O O    . VAL A 1 132 ? 1.616   -11.736 -5.238  1.00 20.22  ? 247 VAL A O    1 
ATOM   1245 C CB   . VAL A 1 132 ? 2.734   -9.531  -2.916  1.00 20.36  ? 247 VAL A CB   1 
ATOM   1246 C CG1  . VAL A 1 132 ? 4.079   -9.142  -2.324  1.00 21.34  ? 247 VAL A CG1  1 
ATOM   1247 C CG2  . VAL A 1 132 ? 2.086   -8.606  -3.932  1.00 21.73  ? 247 VAL A CG2  1 
ATOM   1248 H H    . VAL A 1 132 ? 4.599   -11.388 -4.156  1.00 20.00  ? 247 VAL A H    1 
ATOM   1249 N N    . SER A 1 133 ? 0.410   -11.649 -3.359  1.00 21.47  ? 248 SER A N    1 
ATOM   1250 C CA   . SER A 1 133 ? -0.872  -12.050 -3.934  1.00 21.60  ? 248 SER A CA   1 
ATOM   1251 C C    . SER A 1 133 ? -1.732  -10.985 -4.601  1.00 19.28  ? 248 SER A C    1 
ATOM   1252 O O    . SER A 1 133 ? -2.326  -10.121 -3.980  1.00 19.33  ? 248 SER A O    1 
ATOM   1253 C CB   . SER A 1 133 ? -1.700  -12.811 -2.914  1.00 21.94  ? 248 SER A CB   1 
ATOM   1254 O OG   . SER A 1 133 ? -1.051  -14.048 -2.601  1.00 19.54  ? 248 SER A OG   1 
ATOM   1255 H H    . SER A 1 133 ? 0.577   -11.512 -2.385  1.00 20.00  ? 248 SER A H    1 
ATOM   1256 H HG   . SER A 1 133 ? -1.474  -14.268 -1.773  1.00 20.00  ? 248 SER A HG   1 
ATOM   1257 N N    . HIS A 1 134 ? -1.762  -11.088 -5.938  1.00 19.93  ? 249 HIS A N    1 
ATOM   1258 C CA   . HIS A 1 134 ? -2.493  -10.127 -6.763  1.00 17.58  ? 249 HIS A CA   1 
ATOM   1259 C C    . HIS A 1 134 ? -3.975  -10.344 -7.061  1.00 22.42  ? 249 HIS A C    1 
ATOM   1260 O O    . HIS A 1 134 ? -4.470  -10.158 -8.162  1.00 21.99  ? 249 HIS A O    1 
ATOM   1261 C CB   . HIS A 1 134 ? -1.714  -9.801  -8.013  1.00 14.49  ? 249 HIS A CB   1 
ATOM   1262 C CG   . HIS A 1 134 ? -0.435  -9.094  -7.611  1.00 11.84  ? 249 HIS A CG   1 
ATOM   1263 N ND1  . HIS A 1 134 ? -0.370  -7.797  -7.281  1.00 12.64  ? 249 HIS A ND1  1 
ATOM   1264 C CD2  . HIS A 1 134 ? 0.848   -9.619  -7.548  1.00 12.07  ? 249 HIS A CD2  1 
ATOM   1265 C CE1  . HIS A 1 134 ? 0.916   -7.485  -7.002  1.00 14.14  ? 249 HIS A CE1  1 
ATOM   1266 N NE2  . HIS A 1 134 ? 1.655   -8.619  -7.180  1.00 16.56  ? 249 HIS A NE2  1 
ATOM   1267 H H    . HIS A 1 134 ? -1.230  -11.857 -6.300  1.00 20.00  ? 249 HIS A H    1 
ATOM   1268 H HD1  . HIS A 1 134 ? -1.117  -7.163  -7.313  1.00 20.00  ? 249 HIS A HD1  1 
ATOM   1269 N N    . GLY A 1 135 ? -4.708  -10.649 -5.967  1.00 27.47  ? 250 GLY A N    1 
ATOM   1270 C CA   . GLY A 1 135 ? -6.182  -10.543 -6.018  1.00 21.43  ? 250 GLY A CA   1 
ATOM   1271 C C    . GLY A 1 135 ? -6.742  -11.596 -6.898  1.00 24.38  ? 250 GLY A C    1 
ATOM   1272 O O    . GLY A 1 135 ? -5.967  -12.489 -7.241  1.00 29.33  ? 250 GLY A O    1 
ATOM   1273 H H    . GLY A 1 135 ? -4.189  -10.882 -5.144  1.00 20.00  ? 250 GLY A H    1 
ATOM   1274 N N    . THR A 1 136 ? -8.034  -11.504 -7.253  1.00 20.87  ? 251 THR A N    1 
ATOM   1275 C CA   . THR A 1 136 ? -8.897  -10.346 -6.907  1.00 20.01  ? 251 THR A CA   1 
ATOM   1276 C C    . THR A 1 136 ? -9.319  -10.214 -5.430  1.00 17.57  ? 251 THR A C    1 
ATOM   1277 O O    . THR A 1 136 ? -9.460  -11.190 -4.696  1.00 14.48  ? 251 THR A O    1 
ATOM   1278 C CB   . THR A 1 136 ? -10.088 -10.108 -7.936  1.00 20.99  ? 251 THR A CB   1 
ATOM   1279 O OG1  . THR A 1 136 ? -11.371 -9.733  -7.359  1.00 19.74  ? 251 THR A OG1  1 
ATOM   1280 C CG2  . THR A 1 136 ? -10.212 -11.232 -8.956  1.00 18.63  ? 251 THR A CG2  1 
ATOM   1281 H H    . THR A 1 136 ? -8.304  -12.351 -7.705  1.00 20.00  ? 251 THR A H    1 
ATOM   1282 H HG1  . THR A 1 136 ? -12.026 -9.827  -8.039  1.00 20.00  ? 251 THR A HG1  1 
ATOM   1283 N N    . GLY A 1 137 ? -9.324  -8.907  -5.043  1.00 15.54  ? 252 GLY A N    1 
ATOM   1284 C CA   . GLY A 1 137 ? -9.621  -8.514  -3.666  1.00 12.66  ? 252 GLY A CA   1 
ATOM   1285 C C    . GLY A 1 137 ? -8.466  -8.602  -2.678  1.00 14.44  ? 252 GLY A C    1 
ATOM   1286 O O    . GLY A 1 137 ? -8.579  -8.221  -1.535  1.00 14.22  ? 252 GLY A O    1 
ATOM   1287 H H    . GLY A 1 137 ? -9.270  -8.204  -5.741  1.00 20.00  ? 252 GLY A H    1 
ATOM   1288 N N    . PHE A 1 138 ? -7.340  -9.194  -3.130  1.00 16.98  ? 253 PHE A N    1 
ATOM   1289 C CA   . PHE A 1 138 ? -6.351  -9.628  -2.103  1.00 16.59  ? 253 PHE A CA   1 
ATOM   1290 C C    . PHE A 1 138 ? -5.449  -8.516  -1.569  1.00 14.53  ? 253 PHE A C    1 
ATOM   1291 O O    . PHE A 1 138 ? -5.127  -8.421  -0.411  1.00 14.91  ? 253 PHE A O    1 
ATOM   1292 C CB   . PHE A 1 138 ? -5.474  -10.820 -2.610  1.00 17.12  ? 253 PHE A CB   1 
ATOM   1293 C CG   . PHE A 1 138 ? -6.132  -12.155 -2.369  1.00 10.83  ? 253 PHE A CG   1 
ATOM   1294 C CD1  . PHE A 1 138 ? -6.641  -12.476 -1.101  1.00 13.93  ? 253 PHE A CD1  1 
ATOM   1295 C CD2  . PHE A 1 138 ? -6.217  -13.077 -3.416  1.00 17.01  ? 253 PHE A CD2  1 
ATOM   1296 C CE1  . PHE A 1 138 ? -7.225  -13.722 -0.836  1.00 12.52  ? 253 PHE A CE1  1 
ATOM   1297 C CE2  . PHE A 1 138 ? -6.806  -14.352 -3.167  1.00 19.17  ? 253 PHE A CE2  1 
ATOM   1298 C CZ   . PHE A 1 138 ? -7.298  -14.661 -1.870  1.00 15.62  ? 253 PHE A CZ   1 
ATOM   1299 H H    . PHE A 1 138 ? -7.240  -9.197  -4.120  1.00 20.00  ? 253 PHE A H    1 
ATOM   1300 N N    . THR A 1 139 ? -5.071  -7.662  -2.506  1.00 15.22  ? 254 THR A N    1 
ATOM   1301 C CA   . THR A 1 139 ? -4.047  -6.615  -2.202  1.00 13.55  ? 254 THR A CA   1 
ATOM   1302 C C    . THR A 1 139 ? -4.473  -5.229  -2.722  1.00 11.89  ? 254 THR A C    1 
ATOM   1303 O O    . THR A 1 139 ? -4.802  -4.969  -3.883  1.00 13.86  ? 254 THR A O    1 
ATOM   1304 C CB   . THR A 1 139 ? -2.623  -7.045  -2.693  1.00 11.73  ? 254 THR A CB   1 
ATOM   1305 O OG1  . THR A 1 139 ? -2.313  -8.324  -2.155  1.00 12.20  ? 254 THR A OG1  1 
ATOM   1306 C CG2  . THR A 1 139 ? -1.459  -6.076  -2.400  1.00 12.50  ? 254 THR A CG2  1 
ATOM   1307 H H    . THR A 1 139 ? -5.482  -7.809  -3.406  1.00 20.00  ? 254 THR A H    1 
ATOM   1308 H HG1  . THR A 1 139 ? -1.733  -8.778  -2.759  1.00 20.00  ? 254 THR A HG1  1 
ATOM   1309 N N    . SER A 1 140 ? -4.505  -4.311  -1.764  1.00 13.31  ? 255 SER A N    1 
ATOM   1310 C CA   . SER A 1 140 ? -5.118  -3.008  -1.989  1.00 9.28   ? 255 SER A CA   1 
ATOM   1311 C C    . SER A 1 140 ? -4.572  -1.880  -1.104  1.00 10.74  ? 255 SER A C    1 
ATOM   1312 O O    . SER A 1 140 ? -3.827  -2.055  -0.141  1.00 15.40  ? 255 SER A O    1 
ATOM   1313 C CB   . SER A 1 140 ? -6.659  -3.150  -1.897  1.00 6.99   ? 255 SER A CB   1 
ATOM   1314 O OG   . SER A 1 140 ? -7.106  -3.202  -0.541  1.00 9.99   ? 255 SER A OG   1 
ATOM   1315 H H    . SER A 1 140 ? -4.227  -4.629  -0.854  1.00 20.00  ? 255 SER A H    1 
ATOM   1316 H HG   . SER A 1 140 ? -7.686  -3.970  -0.500  1.00 20.00  ? 255 SER A HG   1 
ATOM   1317 N N    . PHE A 1 141 ? -4.953  -0.665  -1.490  1.00 8.76   ? 256 PHE A N    1 
ATOM   1318 C CA   . PHE A 1 141 ? -4.348  0.498   -0.818  1.00 9.14   ? 256 PHE A CA   1 
ATOM   1319 C C    . PHE A 1 141 ? -5.249  1.721   -0.949  1.00 10.21  ? 256 PHE A C    1 
ATOM   1320 O O    . PHE A 1 141 ? -5.862  1.975   -1.970  1.00 10.02  ? 256 PHE A O    1 
ATOM   1321 C CB   . PHE A 1 141 ? -2.986  0.699   -1.520  1.00 11.45  ? 256 PHE A CB   1 
ATOM   1322 C CG   . PHE A 1 141 ? -2.088  1.867   -1.165  1.00 7.65   ? 256 PHE A CG   1 
ATOM   1323 C CD1  . PHE A 1 141 ? -2.030  2.437   0.124   1.00 10.13  ? 256 PHE A CD1  1 
ATOM   1324 C CD2  . PHE A 1 141 ? -1.270  2.349   -2.210  1.00 5.53   ? 256 PHE A CD2  1 
ATOM   1325 C CE1  . PHE A 1 141 ? -1.141  3.506   0.378   1.00 9.89   ? 256 PHE A CE1  1 
ATOM   1326 C CE2  . PHE A 1 141 ? -0.377  3.398   -1.977  1.00 6.84   ? 256 PHE A CE2  1 
ATOM   1327 C CZ   . PHE A 1 141 ? -0.325  3.959   -0.676  1.00 9.09   ? 256 PHE A CZ   1 
ATOM   1328 H H    . PHE A 1 141 ? -5.400  -0.583  -2.383  1.00 20.00  ? 256 PHE A H    1 
ATOM   1329 N N    . GLY A 1 142 ? -5.340  2.488   0.111   1.00 10.22  ? 257 GLY A N    1 
ATOM   1330 C CA   . GLY A 1 142 ? -6.117  3.698   -0.124  1.00 11.37  ? 257 GLY A CA   1 
ATOM   1331 C C    . GLY A 1 142 ? -6.113  4.619   1.074   1.00 11.55  ? 257 GLY A C    1 
ATOM   1332 O O    . GLY A 1 142 ? -5.322  4.476   1.985   1.00 10.88  ? 257 GLY A O    1 
ATOM   1333 H H    . GLY A 1 142 ? -4.799  2.302   0.936   1.00 20.00  ? 257 GLY A H    1 
ATOM   1334 N N    . LEU A 1 143 ? -7.025  5.555   1.025   1.00 11.61  ? 258 LEU A N    1 
ATOM   1335 C CA   . LEU A 1 143 ? -7.057  6.606   2.047   1.00 12.90  ? 258 LEU A CA   1 
ATOM   1336 C C    . LEU A 1 143 ? -8.389  7.328   2.003   1.00 9.09   ? 258 LEU A C    1 
ATOM   1337 O O    . LEU A 1 143 ? -9.097  7.274   0.998   1.00 7.14   ? 258 LEU A O    1 
ATOM   1338 C CB   . LEU A 1 143 ? -5.820  7.583   1.905   1.00 13.50  ? 258 LEU A CB   1 
ATOM   1339 C CG   . LEU A 1 143 ? -5.604  8.264   0.545   1.00 16.44  ? 258 LEU A CG   1 
ATOM   1340 C CD1  . LEU A 1 143 ? -6.536  9.461   0.341   1.00 14.41  ? 258 LEU A CD1  1 
ATOM   1341 C CD2  . LEU A 1 143 ? -4.158  8.699   0.323   1.00 15.55  ? 258 LEU A CD2  1 
ATOM   1342 H H    . LEU A 1 143 ? -7.710  5.506   0.291   1.00 20.00  ? 258 LEU A H    1 
ATOM   1343 N N    . LEU A 1 144 ? -8.682  8.026   3.115   1.00 10.65  ? 259 LEU A N    1 
ATOM   1344 C CA   . LEU A 1 144 ? -9.798  8.974   3.096   1.00 10.02  ? 259 LEU A CA   1 
ATOM   1345 C C    . LEU A 1 144 ? -9.463  10.171  3.944   1.00 10.39  ? 259 LEU A C    1 
ATOM   1346 O O    . LEU A 1 144 ? -8.977  10.036  5.063   1.00 10.00  ? 259 LEU A O    1 
ATOM   1347 C CB   . LEU A 1 144 ? -11.156 8.371   3.529   1.00 7.66   ? 259 LEU A CB   1 
ATOM   1348 C CG   . LEU A 1 144 ? -10.985 7.602   4.843   1.00 10.59  ? 259 LEU A CG   1 
ATOM   1349 C CD1  . LEU A 1 144 ? -11.503 8.391   6.033   1.00 11.31  ? 259 LEU A CD1  1 
ATOM   1350 C CD2  . LEU A 1 144 ? -11.488 6.158   4.805   1.00 8.22   ? 259 LEU A CD2  1 
ATOM   1351 H H    . LEU A 1 144 ? -8.112  7.851   3.913   1.00 20.00  ? 259 LEU A H    1 
ATOM   1352 N N    . LYS A 1 145 ? -9.755  11.357  3.400   1.00 13.17  ? 260 LYS A N    1 
ATOM   1353 C CA   . LYS A 1 145 ? -9.707  12.537  4.286   1.00 14.27  ? 260 LYS A CA   1 
ATOM   1354 C C    . LYS A 1 145 ? -10.687 12.578  5.486   1.00 18.17  ? 260 LYS A C    1 
ATOM   1355 O O    . LYS A 1 145 ? -11.874 12.324  5.358   1.00 17.92  ? 260 LYS A O    1 
ATOM   1356 C CB   . LYS A 1 145 ? -9.713  13.824  3.436   1.00 14.12  ? 260 LYS A CB   1 
ATOM   1357 C CG   . LYS A 1 145 ? -8.978  15.001  4.128   1.00 15.47  ? 260 LYS A CG   1 
ATOM   1358 C CD   . LYS A 1 145 ? -8.904  16.274  3.268   1.00 11.01  ? 260 LYS A CD   1 
ATOM   1359 C CE   . LYS A 1 145 ? -8.067  17.444  3.775   1.00 12.46  ? 260 LYS A CE   1 
ATOM   1360 N NZ   . LYS A 1 145 ? -8.573  17.893  5.062   1.00 14.80  ? 260 LYS A NZ   1 
ATOM   1361 H H    . LYS A 1 145 ? -10.288 11.324  2.558   1.00 20.00  ? 260 LYS A H    1 
ATOM   1362 H HZ1  . LYS A 1 145 ? -8.547  17.114  5.749   1.00 20.00  ? 260 LYS A HZ1  1 
ATOM   1363 H HZ2  . LYS A 1 145 ? -7.977  18.674  5.399   1.00 20.00  ? 260 LYS A HZ2  1 
ATOM   1364 H HZ3  . LYS A 1 145 ? -9.552  18.228  4.956   1.00 20.00  ? 260 LYS A HZ3  1 
ATOM   1365 N N    . LEU A 1 146 ? -10.072 12.835  6.638   1.00 17.79  ? 261 LEU A N    1 
ATOM   1366 C CA   . LEU A 1 146 ? -11.213 13.086  7.583   1.00 21.63  ? 261 LEU A CA   1 
ATOM   1367 C C    . LEU A 1 146 ? -11.693 14.568  7.585   1.00 22.74  ? 261 LEU A C    1 
ATOM   1368 O O    . LEU A 1 146 ? -11.341 15.517  6.879   1.00 24.82  ? 261 LEU A O    1 
ATOM   1369 C CB   . LEU A 1 146 ? -10.913 12.602  9.016   1.00 23.36  ? 261 LEU A CB   1 
ATOM   1370 C CG   . LEU A 1 146 ? -9.470  12.231  9.377   1.00 18.82  ? 261 LEU A CG   1 
ATOM   1371 C CD1  . LEU A 1 146 ? -9.167  12.489  10.851  1.00 14.82  ? 261 LEU A CD1  1 
ATOM   1372 C CD2  . LEU A 1 146 ? -9.118  10.787  8.980   1.00 20.83  ? 261 LEU A CD2  1 
ATOM   1373 O OXT  . LEU A 1 146 ? -12.794 14.541  8.148   1.00 27.25  ? 261 LEU A OXT  1 
ATOM   1374 H H    . LEU A 1 146 ? -9.085  12.952  6.554   1.00 20.00  ? 261 LEU A H    1 
HETATM 1375 O O    . HOH B 2 .   ? 8.551   12.343  4.464   1.00 15.45  ? 501 HOH A O    1 
HETATM 1376 H H1   . HOH B 2 .   ? 8.377   11.509  4.005   1.00 20.00  ? 501 HOH A H1   1 
HETATM 1377 H H2   . HOH B 2 .   ? 7.817   12.371  5.091   1.00 20.00  ? 501 HOH A H2   1 
HETATM 1378 O O    . HOH B 2 .   ? 0.684   12.329  11.815  1.00 10.06  ? 502 HOH A O    1 
HETATM 1379 H H1   . HOH B 2 .   ? 0.431   11.701  12.524  1.00 20.00  ? 502 HOH A H1   1 
HETATM 1380 H H2   . HOH B 2 .   ? 1.229   12.955  12.317  1.00 20.00  ? 502 HOH A H2   1 
HETATM 1381 O O    . HOH B 2 .   ? -1.015  15.326  13.650  1.00 30.21  ? 503 HOH A O    1 
HETATM 1382 H H1   . HOH B 2 .   ? -1.045  14.423  13.294  1.00 20.00  ? 503 HOH A H1   1 
HETATM 1383 H H2   . HOH B 2 .   ? -0.334  15.251  14.338  1.00 20.00  ? 503 HOH A H2   1 
HETATM 1384 O O    . HOH B 2 .   ? 3.093   15.233  4.841   1.00 11.96  ? 504 HOH A O    1 
HETATM 1385 H H1   . HOH B 2 .   ? 3.920   15.550  5.198   1.00 20.00  ? 504 HOH A H1   1 
HETATM 1386 H H2   . HOH B 2 .   ? 2.769   14.659  5.551   1.00 20.00  ? 504 HOH A H2   1 
HETATM 1387 O O    . HOH B 2 .   ? 10.894  13.615  -1.101  1.00 58.00  ? 505 HOH A O    1 
HETATM 1388 H H1   . HOH B 2 .   ? 11.064  13.480  -0.160  1.00 20.00  ? 505 HOH A H1   1 
HETATM 1389 H H2   . HOH B 2 .   ? 11.528  13.031  -1.523  1.00 20.00  ? 505 HOH A H2   1 
HETATM 1390 O O    . HOH B 2 .   ? 10.910  20.833  5.245   1.00 36.75  ? 506 HOH A O    1 
HETATM 1391 H H1   . HOH B 2 .   ? 10.084  21.254  5.488   1.00 20.00  ? 506 HOH A H1   1 
HETATM 1392 H H2   . HOH B 2 .   ? 10.667  19.965  4.924   1.00 20.00  ? 506 HOH A H2   1 
HETATM 1393 O O    . HOH B 2 .   ? 4.705   -8.232  -7.102  1.00 35.73  ? 507 HOH A O    1 
HETATM 1394 H H1   . HOH B 2 .   ? 4.955   -9.021  -6.585  1.00 20.00  ? 507 HOH A H1   1 
HETATM 1395 H H2   . HOH B 2 .   ? 3.778   -8.431  -7.311  1.00 20.00  ? 507 HOH A H2   1 
HETATM 1396 O O    . HOH B 2 .   ? 4.501   -4.762  -7.031  1.00 65.00  ? 508 HOH A O    1 
HETATM 1397 H H1   . HOH B 2 .   ? 4.549   -5.690  -6.754  1.00 20.00  ? 508 HOH A H1   1 
HETATM 1398 H H2   . HOH B 2 .   ? 5.225   -4.340  -6.571  1.00 20.00  ? 508 HOH A H2   1 
HETATM 1399 O O    . HOH B 2 .   ? 2.389   4.813   14.169  1.00 22.57  ? 509 HOH A O    1 
HETATM 1400 H H1   . HOH B 2 .   ? 2.045   4.664   13.288  1.00 20.00  ? 509 HOH A H1   1 
HETATM 1401 H H2   . HOH B 2 .   ? 1.767   5.438   14.534  1.00 20.00  ? 509 HOH A H2   1 
HETATM 1402 O O    . HOH B 2 .   ? 11.665  2.553   3.800   1.00 42.15  ? 510 HOH A O    1 
HETATM 1403 H H1   . HOH B 2 .   ? 11.340  2.207   2.967   1.00 20.00  ? 510 HOH A H1   1 
HETATM 1404 H H2   . HOH B 2 .   ? 11.936  3.446   3.577   1.00 20.00  ? 510 HOH A H2   1 
HETATM 1405 O O    . HOH B 2 .   ? 0.595   -4.379  -5.290  1.00 24.62  ? 511 HOH A O    1 
HETATM 1406 H H1   . HOH B 2 .   ? 0.426   -3.849  -6.080  1.00 20.00  ? 511 HOH A H1   1 
HETATM 1407 H H2   . HOH B 2 .   ? 1.173   -3.807  -4.784  1.00 20.00  ? 511 HOH A H2   1 
HETATM 1408 O O    . HOH B 2 .   ? -4.887  8.946   -10.321 1.00 23.14  ? 512 HOH A O    1 
HETATM 1409 H H1   . HOH B 2 .   ? -4.569  8.483   -11.108 1.00 20.00  ? 512 HOH A H1   1 
HETATM 1410 H H2   . HOH B 2 .   ? -5.799  9.177   -10.547 1.00 20.00  ? 512 HOH A H2   1 
HETATM 1411 O O    . HOH B 2 .   ? -8.028  20.508  7.112   1.00 32.79  ? 513 HOH A O    1 
HETATM 1412 H H1   . HOH B 2 .   ? -7.885  19.937  6.349   1.00 20.00  ? 513 HOH A H1   1 
HETATM 1413 H H2   . HOH B 2 .   ? -8.812  20.999  6.889   1.00 20.00  ? 513 HOH A H2   1 
HETATM 1414 O O    . HOH B 2 .   ? 15.039  -2.710  -11.626 1.00 45.28  ? 514 HOH A O    1 
HETATM 1415 H H1   . HOH B 2 .   ? 14.866  -3.496  -11.113 1.00 20.00  ? 514 HOH A H1   1 
HETATM 1416 H H2   . HOH B 2 .   ? 14.463  -2.048  -11.236 1.00 20.00  ? 514 HOH A H2   1 
HETATM 1417 O O    . HOH B 2 .   ? 3.031   12.574  9.058   1.00 50.40  ? 515 HOH A O    1 
HETATM 1418 H H1   . HOH B 2 .   ? 3.641   11.977  9.490   1.00 20.00  ? 515 HOH A H1   1 
HETATM 1419 H H2   . HOH B 2 .   ? 2.175   12.308  9.415   1.00 20.00  ? 515 HOH A H2   1 
HETATM 1420 O O    . HOH B 2 .   ? -6.330  18.274  9.639   1.00 36.27  ? 516 HOH A O    1 
HETATM 1421 H H1   . HOH B 2 .   ? -6.906  18.912  10.061  1.00 20.00  ? 516 HOH A H1   1 
HETATM 1422 H H2   . HOH B 2 .   ? -5.506  18.771  9.643   1.00 20.00  ? 516 HOH A H2   1 
HETATM 1423 O O    . HOH B 2 .   ? 2.680   23.482  0.339   1.00 30.05  ? 517 HOH A O    1 
HETATM 1424 H H1   . HOH B 2 .   ? 2.156   23.276  -0.439  1.00 20.00  ? 517 HOH A H1   1 
HETATM 1425 H H2   . HOH B 2 .   ? 2.563   24.414  0.462   1.00 20.00  ? 517 HOH A H2   1 
HETATM 1426 O O    . HOH B 2 .   ? 3.528   -17.311 4.558   1.00 33.60  ? 518 HOH A O    1 
HETATM 1427 H H1   . HOH B 2 .   ? 2.965   -17.850 3.991   1.00 20.00  ? 518 HOH A H1   1 
HETATM 1428 H H2   . HOH B 2 .   ? 3.143   -16.436 4.486   1.00 20.00  ? 518 HOH A H2   1 
HETATM 1429 O O    . HOH B 2 .   ? -3.747  -13.791 -5.658  1.00 36.23  ? 519 HOH A O    1 
HETATM 1430 H H1   . HOH B 2 .   ? -4.433  -13.412 -6.232  1.00 20.00  ? 519 HOH A H1   1 
HETATM 1431 H H2   . HOH B 2 .   ? -3.779  -14.715 -5.911  1.00 20.00  ? 519 HOH A H2   1 
HETATM 1432 O O    . HOH B 2 .   ? -7.542  12.209  -9.787  1.00 34.54  ? 520 HOH A O    1 
HETATM 1433 H H1   . HOH B 2 .   ? -8.208  12.374  -9.106  1.00 20.00  ? 520 HOH A H1   1 
HETATM 1434 H H2   . HOH B 2 .   ? -6.766  12.115  -9.225  1.00 20.00  ? 520 HOH A H2   1 
HETATM 1435 O O    . HOH B 2 .   ? 2.870   22.405  -3.091  1.00 37.43  ? 521 HOH A O    1 
HETATM 1436 H H1   . HOH B 2 .   ? 3.567   22.005  -3.642  1.00 20.00  ? 521 HOH A H1   1 
HETATM 1437 H H2   . HOH B 2 .   ? 2.724   21.698  -2.452  1.00 20.00  ? 521 HOH A H2   1 
HETATM 1438 O O    . HOH B 2 .   ? -6.155  -18.141 -2.098  1.00 53.49  ? 522 HOH A O    1 
HETATM 1439 H H1   . HOH B 2 .   ? -6.971  -17.649 -2.199  1.00 20.00  ? 522 HOH A H1   1 
HETATM 1440 H H2   . HOH B 2 .   ? -5.775  -17.745 -1.300  1.00 20.00  ? 522 HOH A H2   1 
HETATM 1441 O O    . HOH B 2 .   ? -14.268 12.148  9.306   1.00 59.87  ? 523 HOH A O    1 
HETATM 1442 H H1   . HOH B 2 .   ? -14.180 11.869  8.377   1.00 20.00  ? 523 HOH A H1   1 
HETATM 1443 H H2   . HOH B 2 .   ? -14.118 13.100  9.200   1.00 20.00  ? 523 HOH A H2   1 
HETATM 1444 O O    . HOH B 2 .   ? -2.404  -20.162 -1.798  1.00 43.82  ? 524 HOH A O    1 
HETATM 1445 H H1   . HOH B 2 .   ? -1.517  -20.542 -1.804  1.00 20.00  ? 524 HOH A H1   1 
HETATM 1446 H H2   . HOH B 2 .   ? -2.753  -20.352 -2.673  1.00 20.00  ? 524 HOH A H2   1 
HETATM 1447 O O    . HOH B 2 .   ? -2.575  1.221   13.537  1.00 18.92  ? 525 HOH A O    1 
HETATM 1448 H H1   . HOH B 2 .   ? -2.522  1.931   14.176  1.00 20.00  ? 525 HOH A H1   1 
HETATM 1449 H H2   . HOH B 2 .   ? -1.945  0.603   13.915  1.00 20.00  ? 525 HOH A H2   1 
HETATM 1450 O O    . HOH B 2 .   ? 4.225   2.505   15.701  1.00 32.51  ? 526 HOH A O    1 
HETATM 1451 H H1   . HOH B 2 .   ? 3.878   3.433   15.605  1.00 20.00  ? 526 HOH A H1   1 
HETATM 1452 H H2   . HOH B 2 .   ? 3.917   2.211   16.564  1.00 20.00  ? 526 HOH A H2   1 
HETATM 1453 O O    . HOH B 2 .   ? 1.370   0.142   13.944  1.00 19.80  ? 527 HOH A O    1 
HETATM 1454 H H1   . HOH B 2 .   ? 2.021   0.810   13.688  1.00 20.00  ? 527 HOH A H1   1 
HETATM 1455 H H2   . HOH B 2 .   ? 1.874   -0.657  13.761  1.00 20.00  ? 527 HOH A H2   1 
HETATM 1456 O O    . HOH B 2 .   ? -3.713  3.119   -13.093 1.00 32.49  ? 528 HOH A O    1 
HETATM 1457 H H1   . HOH B 2 .   ? -3.952  4.008   -13.355 1.00 20.00  ? 528 HOH A H1   1 
HETATM 1458 H H2   . HOH B 2 .   ? -2.825  3.033   -13.447 1.00 20.00  ? 528 HOH A H2   1 
HETATM 1459 O O    . HOH B 2 .   ? 10.551  4.667   -2.009  1.00 67.46  ? 529 HOH A O    1 
HETATM 1460 H H1   . HOH B 2 .   ? 11.087  3.950   -1.672  1.00 20.00  ? 529 HOH A H1   1 
HETATM 1461 H H2   . HOH B 2 .   ? 11.028  5.449   -1.722  1.00 20.00  ? 529 HOH A H2   1 
HETATM 1462 O O    . HOH B 2 .   ? 7.753   21.759  -1.135  1.00 40.86  ? 530 HOH A O    1 
HETATM 1463 H H1   . HOH B 2 .   ? 8.652   21.894  -0.840  1.00 20.00  ? 530 HOH A H1   1 
HETATM 1464 H H2   . HOH B 2 .   ? 7.524   22.555  -1.600  1.00 20.00  ? 530 HOH A H2   1 
HETATM 1465 O O    . HOH B 2 .   ? -13.385 7.284   -8.824  1.00 38.40  ? 531 HOH A O    1 
HETATM 1466 H H1   . HOH B 2 .   ? -13.010 8.177   -8.931  1.00 20.00  ? 531 HOH A H1   1 
HETATM 1467 H H2   . HOH B 2 .   ? -14.126 7.294   -9.444  1.00 20.00  ? 531 HOH A H2   1 
HETATM 1468 O O    . HOH B 2 .   ? -3.713  17.747  14.445  1.00 61.50  ? 532 HOH A O    1 
HETATM 1469 H H1   . HOH B 2 .   ? -4.045  17.078  13.858  1.00 20.00  ? 532 HOH A H1   1 
HETATM 1470 H H2   . HOH B 2 .   ? -3.216  17.208  15.072  1.00 20.00  ? 532 HOH A H2   1 
HETATM 1471 O O    . HOH B 2 .   ? 10.701  6.602   10.002  1.00 32.36  ? 533 HOH A O    1 
HETATM 1472 H H1   . HOH B 2 .   ? 10.864  7.393   9.486   1.00 20.00  ? 533 HOH A H1   1 
HETATM 1473 H H2   . HOH B 2 .   ? 9.804   6.704   10.329  1.00 20.00  ? 533 HOH A H2   1 
HETATM 1474 O O    . HOH B 2 .   ? 8.356   -1.004  -10.382 1.00 38.88  ? 534 HOH A O    1 
HETATM 1475 H H1   . HOH B 2 .   ? 8.388   -1.600  -11.137 1.00 20.00  ? 534 HOH A H1   1 
HETATM 1476 H H2   . HOH B 2 .   ? 8.281   -0.126  -10.770 1.00 20.00  ? 534 HOH A H2   1 
HETATM 1477 O O    . HOH B 2 .   ? 12.109  -8.388  7.239   1.00 38.14  ? 536 HOH A O    1 
HETATM 1478 H H1   . HOH B 2 .   ? 12.454  -7.773  6.590   1.00 20.00  ? 536 HOH A H1   1 
HETATM 1479 H H2   . HOH B 2 .   ? 11.459  -8.925  6.779   1.00 20.00  ? 536 HOH A H2   1 
HETATM 1480 O O    . HOH B 2 .   ? -6.102  15.988  -1.038  1.00 43.80  ? 537 HOH A O    1 
HETATM 1481 H H1   . HOH B 2 .   ? -5.626  16.104  -0.206  1.00 20.00  ? 537 HOH A H1   1 
HETATM 1482 H H2   . HOH B 2 .   ? -5.896  15.088  -1.301  1.00 20.00  ? 537 HOH A H2   1 
HETATM 1483 O O    . HOH B 2 .   ? 3.622   13.834  14.445  1.00 43.96  ? 538 HOH A O    1 
HETATM 1484 H H1   . HOH B 2 .   ? 3.841   14.181  15.311  1.00 20.00  ? 538 HOH A H1   1 
HETATM 1485 H H2   . HOH B 2 .   ? 4.134   13.023  14.404  1.00 20.00  ? 538 HOH A H2   1 
HETATM 1486 O O    . HOH B 2 .   ? 2.726   17.254  7.623   1.00 40.90  ? 539 HOH A O    1 
HETATM 1487 H H1   . HOH B 2 .   ? 2.077   16.643  7.986   1.00 20.00  ? 539 HOH A H1   1 
HETATM 1488 H H2   . HOH B 2 .   ? 2.581   18.069  8.107   1.00 20.00  ? 539 HOH A H2   1 
HETATM 1489 O O    . HOH B 2 .   ? -1.922  -7.712  10.182  1.00 36.62  ? 540 HOH A O    1 
HETATM 1490 H H1   . HOH B 2 .   ? -1.022  -8.018  10.064  1.00 20.00  ? 540 HOH A H1   1 
HETATM 1491 H H2   . HOH B 2 .   ? -1.867  -6.753  10.224  1.00 20.00  ? 540 HOH A H2   1 
HETATM 1492 O O    . HOH B 2 .   ? 3.040   -6.797  -15.095 1.00 67.10  ? 541 HOH A O    1 
HETATM 1493 H H1   . HOH B 2 .   ? 3.248   -6.104  -14.453 1.00 20.00  ? 541 HOH A H1   1 
HETATM 1494 H H2   . HOH B 2 .   ? 2.472   -6.357  -15.720 1.00 20.00  ? 541 HOH A H2   1 
HETATM 1495 O O    . HOH B 2 .   ? 12.511  13.999  6.375   1.00 37.94  ? 542 HOH A O    1 
HETATM 1496 H H1   . HOH B 2 .   ? 12.731  14.018  7.312   1.00 20.00  ? 542 HOH A H1   1 
HETATM 1497 H H2   . HOH B 2 .   ? 12.013  13.181  6.282   1.00 20.00  ? 542 HOH A H2   1 
HETATM 1498 O O    . HOH B 2 .   ? 12.055  15.827  -4.252  1.00 38.77  ? 543 HOH A O    1 
HETATM 1499 H H1   . HOH B 2 .   ? 11.527  15.850  -5.050  1.00 20.00  ? 543 HOH A H1   1 
HETATM 1500 H H2   . HOH B 2 .   ? 12.702  15.137  -4.408  1.00 20.00  ? 543 HOH A H2   1 
HETATM 1501 O O    . HOH B 2 .   ? 15.276  8.761   5.008   1.00 60.90  ? 544 HOH A O    1 
HETATM 1502 H H1   . HOH B 2 .   ? 14.317  8.774   5.088   1.00 20.00  ? 544 HOH A H1   1 
HETATM 1503 H H2   . HOH B 2 .   ? 15.419  8.929   4.074   1.00 20.00  ? 544 HOH A H2   1 
HETATM 1504 O O    . HOH B 2 .   ? 11.223  -11.914 4.456   1.00 23.02  ? 545 HOH A O    1 
HETATM 1505 H H1   . HOH B 2 .   ? 10.565  -11.538 5.043   1.00 20.00  ? 545 HOH A H1   1 
HETATM 1506 H H2   . HOH B 2 .   ? 10.772  -12.057 3.633   1.00 20.00  ? 545 HOH A H2   1 
HETATM 1507 O O    . HOH B 2 .   ? 12.832  -10.486 -1.064  1.00 60.07  ? 546 HOH A O    1 
HETATM 1508 H H1   . HOH B 2 .   ? 11.980  -10.515 -0.631  1.00 20.00  ? 546 HOH A H1   1 
HETATM 1509 H H2   . HOH B 2 .   ? 13.055  -9.552  -0.949  1.00 20.00  ? 546 HOH A H2   1 
HETATM 1510 O O    . HOH B 2 .   ? -14.978 14.759  -8.214  1.00 38.33  ? 547 HOH A O    1 
HETATM 1511 H H1   . HOH B 2 .   ? -15.928 14.811  -8.289  1.00 20.00  ? 547 HOH A H1   1 
HETATM 1512 H H2   . HOH B 2 .   ? -14.843 13.972  -7.669  1.00 20.00  ? 547 HOH A H2   1 
HETATM 1513 O O    . HOH B 2 .   ? 8.946   1.606   -7.753  1.00 41.50  ? 548 HOH A O    1 
HETATM 1514 H H1   . HOH B 2 .   ? 9.549   1.043   -7.267  1.00 20.00  ? 548 HOH A H1   1 
HETATM 1515 H H2   . HOH B 2 .   ? 8.634   2.265   -7.125  1.00 20.00  ? 548 HOH A H2   1 
HETATM 1516 O O    . HOH B 2 .   ? 8.664   -3.560  3.713   1.00 63.51  ? 549 HOH A O    1 
HETATM 1517 H H1   . HOH B 2 .   ? 8.187   -2.782  4.015   1.00 20.00  ? 549 HOH A H1   1 
HETATM 1518 H H2   . HOH B 2 .   ? 8.113   -4.281  4.042   1.00 20.00  ? 549 HOH A H2   1 
HETATM 1519 O O    . HOH B 2 .   ? -1.750  -21.796 2.161   1.00 57.98  ? 550 HOH A O    1 
HETATM 1520 H H1   . HOH B 2 .   ? -1.138  -22.126 1.483   1.00 20.00  ? 550 HOH A H1   1 
HETATM 1521 H H2   . HOH B 2 .   ? -2.595  -21.792 1.702   1.00 20.00  ? 550 HOH A H2   1 
HETATM 1522 O O    . HOH B 2 .   ? 12.065  -3.392  2.049   1.00 35.22  ? 551 HOH A O    1 
HETATM 1523 H H1   . HOH B 2 .   ? 11.432  -3.862  1.497   1.00 20.00  ? 551 HOH A H1   1 
HETATM 1524 H H2   . HOH B 2 .   ? 12.553  -2.838  1.447   1.00 20.00  ? 551 HOH A H2   1 
HETATM 1525 O O    . HOH B 2 .   ? 7.484   13.819  13.105  1.00 65.54  ? 552 HOH A O    1 
HETATM 1526 H H1   . HOH B 2 .   ? 8.033   14.550  13.383  1.00 20.00  ? 552 HOH A H1   1 
HETATM 1527 H H2   . HOH B 2 .   ? 8.054   13.307  12.532  1.00 20.00  ? 552 HOH A H2   1 
HETATM 1528 O O    . HOH B 2 .   ? -0.238  -8.519  -11.532 1.00 24.93  ? 553 HOH A O    1 
HETATM 1529 H H1   . HOH B 2 .   ? -0.573  -9.208  -12.072 1.00 20.00  ? 553 HOH A H1   1 
HETATM 1530 H H2   . HOH B 2 .   ? 0.281   -8.013  -12.151 1.00 20.00  ? 553 HOH A H2   1 
HETATM 1531 O O    . HOH B 2 .   ? 12.138  1.309   -5.438  1.00 64.44  ? 554 HOH A O    1 
HETATM 1532 H H1   . HOH B 2 .   ? 12.851  1.611   -6.006  1.00 20.00  ? 554 HOH A H1   1 
HETATM 1533 H H2   . HOH B 2 .   ? 11.763  0.577   -5.944  1.00 20.00  ? 554 HOH A H2   1 
HETATM 1534 O O    . HOH B 2 .   ? 4.933   24.893  6.235   1.00 64.38  ? 555 HOH A O    1 
HETATM 1535 H H1   . HOH B 2 .   ? 5.203   24.285  5.545   1.00 20.00  ? 555 HOH A H1   1 
HETATM 1536 H H2   . HOH B 2 .   ? 5.772   25.258  6.531   1.00 20.00  ? 555 HOH A H2   1 
HETATM 1537 O O    . HOH B 2 .   ? 14.945  -7.879  2.262   1.00 51.32  ? 556 HOH A O    1 
HETATM 1538 H H1   . HOH B 2 .   ? 14.407  -8.534  1.819   1.00 20.00  ? 556 HOH A H1   1 
HETATM 1539 H H2   . HOH B 2 .   ? 15.518  -8.421  2.814   1.00 20.00  ? 556 HOH A H2   1 
HETATM 1540 O O    . HOH B 2 .   ? 0.810   -2.984  -16.611 1.00 62.52  ? 557 HOH A O    1 
HETATM 1541 H H1   . HOH B 2 .   ? -0.057  -2.744  -16.942 1.00 20.00  ? 557 HOH A H1   1 
HETATM 1542 H H2   . HOH B 2 .   ? 0.857   -2.547  -15.758 1.00 20.00  ? 557 HOH A H2   1 
HETATM 1543 O O    . HOH B 2 .   ? 11.576  2.054   -0.133  1.00 39.36  ? 558 HOH A O    1 
HETATM 1544 H H1   . HOH B 2 .   ? 10.647  2.114   -0.378  1.00 20.00  ? 558 HOH A H1   1 
HETATM 1545 H H2   . HOH B 2 .   ? 12.027  2.154   -0.970  1.00 20.00  ? 558 HOH A H2   1 
HETATM 1546 O O    . HOH B 2 .   ? 5.566   20.519  -3.603  1.00 42.90  ? 559 HOH A O    1 
HETATM 1547 H H1   . HOH B 2 .   ? 5.521   20.286  -2.673  1.00 20.00  ? 559 HOH A H1   1 
HETATM 1548 H H2   . HOH B 2 .   ? 6.514   20.681  -3.713  1.00 20.00  ? 559 HOH A H2   1 
HETATM 1549 O O    . HOH B 2 .   ? 6.554   -2.306  -13.212 1.00 44.51  ? 560 HOH A O    1 
HETATM 1550 H H1   . HOH B 2 .   ? 5.955   -1.718  -13.677 1.00 20.00  ? 560 HOH A H1   1 
HETATM 1551 H H2   . HOH B 2 .   ? 6.537   -1.971  -12.303 1.00 20.00  ? 560 HOH A H2   1 
HETATM 1552 O O    . HOH B 2 .   ? -3.575  -7.986  -11.721 1.00 36.44  ? 561 HOH A O    1 
HETATM 1553 H H1   . HOH B 2 .   ? -3.436  -8.832  -11.289 1.00 20.00  ? 561 HOH A H1   1 
HETATM 1554 H H2   . HOH B 2 .   ? -3.460  -7.341  -11.014 1.00 20.00  ? 561 HOH A H2   1 
HETATM 1555 O O    . HOH B 2 .   ? 5.562   0.298   17.881  1.00 41.70  ? 562 HOH A O    1 
HETATM 1556 H H1   . HOH B 2 .   ? 5.755   0.820   18.662  1.00 20.00  ? 562 HOH A H1   1 
HETATM 1557 H H2   . HOH B 2 .   ? 5.679   -0.593  18.204  1.00 20.00  ? 562 HOH A H2   1 
HETATM 1558 O O    . HOH B 2 .   ? 15.891  0.734   -13.543 1.00 54.96  ? 563 HOH A O    1 
HETATM 1559 H H1   . HOH B 2 .   ? 16.593  1.258   -13.158 1.00 20.00  ? 563 HOH A H1   1 
HETATM 1560 H H2   . HOH B 2 .   ? 16.323  -0.076  -13.816 1.00 20.00  ? 563 HOH A H2   1 
HETATM 1561 O O    . HOH B 2 .   ? -6.948  -10.489 -11.175 1.00 41.13  ? 564 HOH A O    1 
HETATM 1562 H H1   . HOH B 2 .   ? -6.370  -10.946 -10.559 1.00 20.00  ? 564 HOH A H1   1 
HETATM 1563 H H2   . HOH B 2 .   ? -6.351  -9.885  -11.625 1.00 20.00  ? 564 HOH A H2   1 
HETATM 1564 O O    . HOH B 2 .   ? 13.848  -1.236  -3.384  1.00 48.60  ? 565 HOH A O    1 
HETATM 1565 H H1   . HOH B 2 .   ? 13.050  -1.052  -2.874  1.00 20.00  ? 565 HOH A H1   1 
HETATM 1566 H H2   . HOH B 2 .   ? 14.557  -1.068  -2.760  1.00 20.00  ? 565 HOH A H2   1 
# 
